data_8WZM
#
_entry.id   8WZM
#
_cell.length_a   1.00
_cell.length_b   1.00
_cell.length_c   1.00
_cell.angle_alpha   90.00
_cell.angle_beta   90.00
_cell.angle_gamma   90.00
#
_symmetry.space_group_name_H-M   'P 1'
#
loop_
_entity.id
_entity.type
_entity.pdbx_description
1 polymer Catalase
2 non-polymer 'PROTOPORPHYRIN IX CONTAINING FE'
3 non-polymer 'NADPH DIHYDRO-NICOTINAMIDE-ADENINE-DINUCLEOTIDE PHOSPHATE'
#
_entity_poly.entity_id   1
_entity_poly.type   'polypeptide(L)'
_entity_poly.pdbx_seq_one_letter_code
;MADSRDPASDQMQHWKEQRAAQKADVLTTGAGNPVGDKLNVITVGPRGPLLVQDVVFTDEMAHFDRERIPERVVHAKGAG
AFGYFEVTHDITKYSKAKVFEHIGKKTPIAVRFSTVAGESGSADTVRDPRGFAVKFYTEDGNWDLVGNNTPIFFIRDPIL
FPSFIHSQKRNPQTHLKDPDMVWDFWSLRPESLHQVSFLFSDRGIPDGHRHMNGYGSHTFKLVNANGEAVYCKFHYKTDQ
GIKNLSVEDAARLSQEDPDYGIRDLFNAIATGKYPSWTFYIQVMTFNQAETFPFNPFDLTKVWPHKDYPLIPVGKLVLNR
NPVNYFAEVEQIAFDPSNMPPGIEASPDKMLQGRLFAYPDTHRHRLGPNYLHIPVNCPYRARVANYQRDGPMCMQDNQGG
APNYYPNSFGAPEQQPSALEHSIQYSGEVRRFNTANDDNVTQVRAFYVNVLNEEQRKRLCENIAGHLKDAQIFIQKKAVK
NFTEVHPDYGSHIQALLDKYNAEKPKNAIHTFVQSGSHLAAREKANL
;
_entity_poly.pdbx_strand_id   B,A,C,D
#
loop_
_chem_comp.id
_chem_comp.type
_chem_comp.name
_chem_comp.formula
HEM non-polymer 'PROTOPORPHYRIN IX CONTAINING FE' 'C34 H32 Fe N4 O4'
NDP non-polymer 'NADPH DIHYDRO-NICOTINAMIDE-ADENINE-DINUCLEOTIDE PHOSPHATE' 'C21 H30 N7 O17 P3'
#
# COMPACT_ATOMS: atom_id res chain seq x y z
N ARG A 5 1.70 10.05 -41.85
CA ARG A 5 2.42 10.19 -40.59
C ARG A 5 3.18 8.91 -40.26
N ASP A 6 4.13 9.02 -39.33
CA ASP A 6 4.89 7.87 -38.88
C ASP A 6 3.97 6.88 -38.15
N PRO A 7 4.35 5.60 -38.11
CA PRO A 7 3.45 4.61 -37.47
C PRO A 7 3.13 4.90 -36.02
N ALA A 8 3.97 5.65 -35.32
CA ALA A 8 3.68 5.99 -33.93
C ALA A 8 2.47 6.91 -33.83
N SER A 9 2.32 7.82 -34.79
CA SER A 9 1.21 8.78 -34.74
C SER A 9 -0.12 8.13 -35.13
N ASP A 10 -0.08 7.05 -35.91
CA ASP A 10 -1.29 6.41 -36.42
C ASP A 10 -1.73 5.23 -35.56
N GLN A 11 -1.47 5.29 -34.26
CA GLN A 11 -1.84 4.18 -33.37
C GLN A 11 -3.35 3.97 -33.34
N MET A 12 -4.10 5.05 -33.10
CA MET A 12 -5.55 4.90 -32.98
C MET A 12 -6.20 4.59 -34.33
N GLN A 13 -5.71 5.22 -35.40
CA GLN A 13 -6.23 4.90 -36.72
C GLN A 13 -6.00 3.44 -37.07
N HIS A 14 -4.82 2.93 -36.77
CA HIS A 14 -4.55 1.51 -37.02
C HIS A 14 -5.44 0.62 -36.16
N TRP A 15 -5.60 0.96 -34.88
CA TRP A 15 -6.47 0.15 -34.03
C TRP A 15 -7.90 0.13 -34.56
N LYS A 16 -8.37 1.26 -35.09
CA LYS A 16 -9.70 1.30 -35.70
C LYS A 16 -9.74 0.46 -36.98
N GLU A 17 -8.67 0.50 -37.77
CA GLU A 17 -8.66 -0.23 -39.05
C GLU A 17 -8.66 -1.73 -38.83
N GLN A 18 -7.72 -2.24 -38.03
CA GLN A 18 -7.71 -3.69 -37.80
C GLN A 18 -8.92 -4.17 -36.99
N ARG A 19 -9.81 -3.27 -36.59
CA ARG A 19 -11.07 -3.64 -35.95
C ARG A 19 -12.26 -3.32 -36.85
N ALA A 20 -12.03 -3.22 -38.16
CA ALA A 20 -13.10 -2.87 -39.09
C ALA A 20 -14.15 -3.98 -39.15
N ALA A 21 -15.35 -3.59 -39.55
CA ALA A 21 -16.53 -4.44 -39.73
C ALA A 21 -17.02 -5.01 -38.40
N GLN A 22 -16.53 -4.53 -37.27
CA GLN A 22 -16.97 -5.00 -35.96
C GLN A 22 -17.67 -3.87 -35.22
N LYS A 23 -18.78 -4.19 -34.59
CA LYS A 23 -19.49 -3.20 -33.78
C LYS A 23 -18.73 -2.94 -32.48
N ALA A 24 -18.86 -1.72 -31.98
CA ALA A 24 -18.18 -1.35 -30.74
C ALA A 24 -18.70 -2.19 -29.58
N ASP A 25 -17.79 -2.61 -28.72
CA ASP A 25 -18.14 -3.42 -27.55
C ASP A 25 -19.06 -2.64 -26.63
N VAL A 26 -19.67 -3.35 -25.69
CA VAL A 26 -20.56 -2.75 -24.71
C VAL A 26 -19.73 -2.10 -23.61
N LEU A 27 -20.06 -0.86 -23.28
CA LEU A 27 -19.36 -0.15 -22.21
C LEU A 27 -19.84 -0.69 -20.87
N THR A 28 -18.90 -1.22 -20.09
CA THR A 28 -19.22 -1.89 -18.84
C THR A 28 -18.47 -1.25 -17.69
N THR A 29 -18.97 -1.49 -16.48
CA THR A 29 -18.24 -1.13 -15.27
C THR A 29 -17.12 -2.15 -15.03
N GLY A 30 -16.37 -1.94 -13.96
CA GLY A 30 -15.31 -2.89 -13.63
C GLY A 30 -15.81 -4.29 -13.36
N ALA A 31 -17.06 -4.40 -12.90
CA ALA A 31 -17.66 -5.70 -12.58
C ALA A 31 -18.46 -6.28 -13.74
N GLY A 32 -18.38 -5.67 -14.93
CA GLY A 32 -19.02 -6.23 -16.10
C GLY A 32 -20.46 -5.82 -16.31
N ASN A 33 -21.00 -4.91 -15.51
CA ASN A 33 -22.38 -4.47 -15.70
C ASN A 33 -22.43 -3.46 -16.84
N PRO A 34 -23.38 -3.59 -17.77
CA PRO A 34 -23.47 -2.63 -18.87
C PRO A 34 -23.82 -1.25 -18.36
N VAL A 35 -23.17 -0.24 -18.94
CA VAL A 35 -23.36 1.16 -18.55
C VAL A 35 -24.42 1.76 -19.45
N GLY A 36 -25.49 2.26 -18.86
CA GLY A 36 -26.56 2.87 -19.65
C GLY A 36 -26.11 4.16 -20.31
N ASP A 37 -25.41 5.00 -19.56
CA ASP A 37 -24.94 6.28 -20.08
C ASP A 37 -23.74 6.72 -19.25
N LYS A 38 -22.64 7.04 -19.92
CA LYS A 38 -21.41 7.48 -19.26
C LYS A 38 -21.04 8.90 -19.68
N LEU A 39 -22.03 9.68 -20.10
CA LEU A 39 -21.80 11.08 -20.47
C LEU A 39 -22.52 12.06 -19.57
N ASN A 40 -23.41 11.60 -18.69
CA ASN A 40 -24.09 12.46 -17.74
C ASN A 40 -24.16 11.76 -16.39
N VAL A 41 -24.32 12.56 -15.34
CA VAL A 41 -24.39 12.05 -13.98
C VAL A 41 -25.82 12.17 -13.46
N ILE A 42 -26.12 11.39 -12.44
CA ILE A 42 -27.44 11.41 -11.81
C ILE A 42 -27.53 12.62 -10.89
N THR A 43 -28.44 13.53 -11.19
CA THR A 43 -28.63 14.75 -10.40
C THR A 43 -30.09 14.85 -9.97
N VAL A 44 -30.34 15.78 -9.05
CA VAL A 44 -31.71 16.04 -8.58
C VAL A 44 -32.27 17.11 -9.51
N GLY A 45 -32.77 16.67 -10.65
CA GLY A 45 -33.23 17.58 -11.68
C GLY A 45 -32.10 18.06 -12.55
N PRO A 46 -32.40 18.95 -13.51
CA PRO A 46 -31.35 19.42 -14.42
C PRO A 46 -30.26 20.23 -13.74
N ARG A 47 -30.58 20.89 -12.62
CA ARG A 47 -29.62 21.71 -11.90
C ARG A 47 -29.54 21.30 -10.44
N GLY A 48 -29.46 19.99 -10.21
CA GLY A 48 -29.44 19.47 -8.86
C GLY A 48 -28.12 18.81 -8.49
N PRO A 49 -27.94 18.56 -7.20
CA PRO A 49 -26.69 17.94 -6.74
C PRO A 49 -26.59 16.48 -7.16
N LEU A 50 -25.35 16.00 -7.22
CA LEU A 50 -25.08 14.63 -7.65
C LEU A 50 -25.42 13.64 -6.54
N LEU A 51 -25.79 12.44 -6.95
CA LEU A 51 -26.23 11.39 -6.04
C LEU A 51 -25.15 10.35 -5.80
N VAL A 52 -25.20 9.73 -4.63
CA VAL A 52 -24.27 8.64 -4.31
C VAL A 52 -24.58 7.41 -5.15
N GLN A 53 -25.86 7.19 -5.47
CA GLN A 53 -26.26 5.99 -6.19
C GLN A 53 -25.75 5.94 -7.62
N ASP A 54 -25.02 6.96 -8.08
CA ASP A 54 -24.37 6.93 -9.38
C ASP A 54 -23.10 6.09 -9.25
N VAL A 55 -23.27 4.79 -9.39
CA VAL A 55 -22.17 3.86 -9.14
C VAL A 55 -21.15 3.91 -10.29
N VAL A 56 -21.60 4.18 -11.51
CA VAL A 56 -20.70 4.21 -12.66
C VAL A 56 -19.68 5.33 -12.49
N PHE A 57 -20.15 6.53 -12.15
CA PHE A 57 -19.25 7.67 -12.00
C PHE A 57 -18.23 7.42 -10.91
N THR A 58 -18.68 6.99 -9.73
CA THR A 58 -17.75 6.80 -8.62
C THR A 58 -16.79 5.66 -8.90
N ASP A 59 -17.25 4.62 -9.61
CA ASP A 59 -16.36 3.52 -9.99
C ASP A 59 -15.24 4.01 -10.87
N GLU A 60 -15.58 4.64 -12.00
CA GLU A 60 -14.53 5.08 -12.93
C GLU A 60 -13.68 6.17 -12.29
N MET A 61 -14.26 6.98 -11.41
CA MET A 61 -13.50 8.06 -10.78
C MET A 61 -12.51 7.53 -9.76
N ALA A 62 -12.89 6.51 -9.01
CA ALA A 62 -11.96 5.90 -8.06
C ALA A 62 -10.85 5.17 -8.81
N HIS A 63 -11.19 4.48 -9.90
CA HIS A 63 -10.14 3.81 -10.68
C HIS A 63 -9.21 4.84 -11.32
N PHE A 64 -9.74 6.01 -11.67
CA PHE A 64 -8.89 7.09 -12.16
C PHE A 64 -8.01 7.64 -11.04
N ASP A 65 -8.56 7.73 -9.83
CA ASP A 65 -7.81 8.23 -8.68
C ASP A 65 -6.71 7.27 -8.25
N ARG A 66 -6.80 5.99 -8.62
CA ARG A 66 -5.77 5.01 -8.30
C ARG A 66 -5.01 4.59 -9.55
N GLU A 67 -4.70 5.54 -10.42
CA GLU A 67 -4.01 5.22 -11.67
C GLU A 67 -2.50 5.25 -11.53
N ARG A 68 -1.96 6.13 -10.69
CA ARG A 68 -0.52 6.30 -10.57
C ARG A 68 0.05 5.32 -9.55
N ILE A 69 1.08 4.58 -9.98
CA ILE A 69 1.88 3.77 -9.06
C ILE A 69 3.20 4.51 -8.89
N PRO A 70 4.00 4.22 -7.86
CA PRO A 70 5.26 4.94 -7.71
C PRO A 70 6.18 4.70 -8.90
N GLU A 71 6.83 5.75 -9.35
CA GLU A 71 7.83 5.61 -10.40
C GLU A 71 9.08 4.93 -9.84
N ARG A 72 9.88 4.40 -10.75
CA ARG A 72 11.13 3.77 -10.33
C ARG A 72 12.01 4.79 -9.63
N VAL A 73 12.69 4.34 -8.57
CA VAL A 73 13.56 5.24 -7.82
C VAL A 73 14.66 5.80 -8.72
N VAL A 74 15.18 4.97 -9.61
CA VAL A 74 16.07 5.41 -10.69
C VAL A 74 15.60 4.74 -11.97
N HIS A 75 15.97 5.35 -13.09
CA HIS A 75 15.61 4.84 -14.42
C HIS A 75 14.09 4.88 -14.63
N ALA A 76 13.48 5.99 -14.24
CA ALA A 76 12.03 6.11 -14.36
C ALA A 76 11.60 6.24 -15.82
N LYS A 77 12.11 7.25 -16.52
CA LYS A 77 11.75 7.46 -17.91
C LYS A 77 12.39 6.39 -18.79
N GLY A 78 11.57 5.61 -19.47
CA GLY A 78 12.09 4.50 -20.26
C GLY A 78 11.17 4.07 -21.37
N ALA A 79 11.72 3.25 -22.25
CA ALA A 79 10.99 2.65 -23.37
C ALA A 79 11.16 1.14 -23.32
N GLY A 80 10.27 0.43 -23.98
CA GLY A 80 10.27 -1.02 -23.94
C GLY A 80 10.07 -1.65 -25.30
N ALA A 81 10.59 -2.86 -25.44
CA ALA A 81 10.45 -3.64 -26.67
C ALA A 81 10.55 -5.12 -26.31
N PHE A 82 10.24 -5.97 -27.29
CA PHE A 82 10.29 -7.40 -27.08
C PHE A 82 10.91 -8.08 -28.30
N GLY A 83 11.52 -9.23 -28.07
CA GLY A 83 12.12 -9.97 -29.17
C GLY A 83 12.66 -11.32 -28.74
N TYR A 84 13.75 -11.76 -29.37
CA TYR A 84 14.32 -13.06 -29.04
C TYR A 84 15.84 -12.96 -29.01
N PHE A 85 16.44 -13.77 -28.14
CA PHE A 85 17.87 -14.00 -28.12
C PHE A 85 18.15 -15.32 -28.81
N GLU A 86 18.98 -15.30 -29.84
CA GLU A 86 19.32 -16.48 -30.62
C GLU A 86 20.78 -16.84 -30.39
N VAL A 87 21.03 -18.07 -29.96
CA VAL A 87 22.40 -18.53 -29.74
C VAL A 87 23.04 -18.83 -31.09
N THR A 88 24.23 -18.28 -31.30
CA THR A 88 24.97 -18.50 -32.55
C THR A 88 26.34 -19.16 -32.32
N HIS A 89 26.77 -19.34 -31.08
CA HIS A 89 28.05 -19.96 -30.80
C HIS A 89 27.92 -20.83 -29.56
N ASP A 90 28.82 -21.81 -29.45
CA ASP A 90 28.76 -22.80 -28.38
C ASP A 90 29.68 -22.39 -27.24
N ILE A 91 29.10 -22.00 -26.11
CA ILE A 91 29.84 -21.68 -24.90
C ILE A 91 29.49 -22.66 -23.77
N THR A 92 29.02 -23.85 -24.13
CA THR A 92 28.63 -24.85 -23.13
C THR A 92 29.82 -25.22 -22.25
N LYS A 93 31.04 -25.10 -22.76
CA LYS A 93 32.22 -25.35 -21.95
C LYS A 93 32.36 -24.36 -20.80
N TYR A 94 31.66 -23.21 -20.88
CA TYR A 94 31.73 -22.19 -19.85
C TYR A 94 30.54 -22.20 -18.90
N SER A 95 29.33 -22.39 -19.43
CA SER A 95 28.12 -22.31 -18.62
C SER A 95 27.12 -23.37 -19.05
N LYS A 96 26.51 -24.02 -18.06
CA LYS A 96 25.46 -25.01 -18.29
C LYS A 96 24.08 -24.37 -18.36
N ALA A 97 24.01 -23.05 -18.59
CA ALA A 97 22.73 -22.35 -18.59
C ALA A 97 21.88 -22.80 -19.77
N LYS A 98 20.63 -23.13 -19.48
CA LYS A 98 19.72 -23.60 -20.53
C LYS A 98 19.54 -22.56 -21.63
N VAL A 99 19.74 -21.28 -21.33
CA VAL A 99 19.68 -20.25 -22.37
C VAL A 99 20.79 -20.44 -23.40
N PHE A 100 21.86 -21.14 -23.05
CA PHE A 100 23.00 -21.37 -23.94
C PHE A 100 23.19 -22.86 -24.26
N GLU A 101 22.10 -23.62 -24.38
CA GLU A 101 22.24 -25.07 -24.61
C GLU A 101 22.86 -25.36 -25.96
N HIS A 102 22.19 -24.98 -27.03
CA HIS A 102 22.59 -25.39 -28.37
C HIS A 102 22.41 -24.25 -29.35
N ILE A 103 23.03 -24.41 -30.52
CA ILE A 103 22.98 -23.38 -31.56
C ILE A 103 21.57 -23.27 -32.10
N GLY A 104 21.14 -22.04 -32.37
CA GLY A 104 19.82 -21.80 -32.92
C GLY A 104 18.71 -21.70 -31.91
N LYS A 105 19.01 -21.87 -30.62
CA LYS A 105 17.97 -21.78 -29.59
C LYS A 105 17.52 -20.33 -29.44
N LYS A 106 16.21 -20.11 -29.60
CA LYS A 106 15.62 -18.78 -29.48
C LYS A 106 14.89 -18.69 -28.16
N THR A 107 15.26 -17.70 -27.34
CA THR A 107 14.60 -17.46 -26.06
C THR A 107 13.91 -16.11 -26.09
N PRO A 108 12.63 -16.03 -25.73
CA PRO A 108 11.95 -14.74 -25.70
C PRO A 108 12.62 -13.79 -24.71
N ILE A 109 12.69 -12.51 -25.07
CA ILE A 109 13.32 -11.50 -24.24
C ILE A 109 12.47 -10.24 -24.24
N ALA A 110 12.47 -9.55 -23.11
CA ALA A 110 11.85 -8.25 -22.95
C ALA A 110 12.93 -7.24 -22.58
N VAL A 111 12.98 -6.12 -23.28
CA VAL A 111 14.08 -5.15 -23.12
C VAL A 111 13.49 -3.80 -22.75
N ARG A 112 14.15 -3.13 -21.80
CA ARG A 112 13.78 -1.78 -21.40
C ARG A 112 15.00 -0.88 -21.43
N PHE A 113 14.89 0.23 -22.14
CA PHE A 113 15.88 1.30 -22.13
C PHE A 113 15.42 2.37 -21.16
N SER A 114 16.38 3.05 -20.53
CA SER A 114 16.01 4.07 -19.56
C SER A 114 17.13 5.07 -19.36
N THR A 115 16.80 6.17 -18.71
CA THR A 115 17.75 7.20 -18.30
C THR A 115 17.80 7.22 -16.78
N VAL A 116 19.01 7.25 -16.22
CA VAL A 116 19.18 6.93 -14.80
C VAL A 116 18.57 7.99 -13.90
N ALA A 117 18.78 9.28 -14.21
CA ALA A 117 18.39 10.34 -13.29
C ALA A 117 17.11 11.05 -13.72
N GLY A 118 16.66 10.87 -14.95
CA GLY A 118 15.45 11.55 -15.38
C GLY A 118 14.21 10.94 -14.76
N GLU A 119 13.29 11.80 -14.36
CA GLU A 119 12.00 11.35 -13.83
C GLU A 119 11.06 11.01 -14.97
N SER A 120 9.91 10.45 -14.62
CA SER A 120 8.90 10.11 -15.61
C SER A 120 8.36 11.39 -16.25
N GLY A 121 8.61 11.54 -17.55
CA GLY A 121 8.18 12.73 -18.27
C GLY A 121 9.26 13.76 -18.51
N SER A 122 10.53 13.41 -18.32
CA SER A 122 11.62 14.33 -18.56
C SER A 122 12.15 14.17 -19.99
N ALA A 123 13.13 14.98 -20.35
CA ALA A 123 13.70 14.92 -21.68
C ALA A 123 14.47 13.62 -21.89
N ASP A 124 14.45 13.12 -23.12
CA ASP A 124 15.10 11.84 -23.41
C ASP A 124 16.54 12.07 -23.88
N THR A 125 16.79 13.13 -24.63
CA THR A 125 18.13 13.44 -25.15
C THR A 125 18.86 14.31 -24.14
N VAL A 126 19.35 13.67 -23.09
CA VAL A 126 20.14 14.33 -22.06
C VAL A 126 21.40 13.52 -21.81
N ARG A 127 22.42 14.19 -21.30
CA ARG A 127 23.67 13.53 -20.94
C ARG A 127 23.46 12.77 -19.64
N ASP A 128 23.39 11.45 -19.74
CA ASP A 128 23.09 10.59 -18.59
C ASP A 128 23.34 9.15 -19.00
N PRO A 129 23.82 8.29 -18.10
CA PRO A 129 23.98 6.88 -18.45
C PRO A 129 22.64 6.25 -18.82
N ARG A 130 22.64 5.50 -19.90
CA ARG A 130 21.45 4.83 -20.40
C ARG A 130 21.46 3.39 -19.93
N GLY A 131 20.37 2.96 -19.30
CA GLY A 131 20.26 1.60 -18.83
C GLY A 131 19.57 0.70 -19.84
N PHE A 132 20.10 -0.52 -19.97
CA PHE A 132 19.66 -1.52 -20.93
C PHE A 132 19.33 -2.76 -20.11
N ALA A 133 18.04 -3.08 -19.95
CA ALA A 133 17.64 -4.23 -19.15
C ALA A 133 17.03 -5.28 -20.06
N VAL A 134 17.50 -6.52 -19.92
CA VAL A 134 17.01 -7.64 -20.72
C VAL A 134 16.48 -8.71 -19.78
N LYS A 135 15.31 -9.25 -20.09
CA LYS A 135 14.71 -10.34 -19.34
C LYS A 135 14.56 -11.51 -20.31
N PHE A 136 15.35 -12.55 -20.10
CA PHE A 136 15.26 -13.78 -20.88
C PHE A 136 14.30 -14.73 -20.18
N TYR A 137 13.38 -15.30 -20.95
CA TYR A 137 12.41 -16.27 -20.41
C TYR A 137 12.93 -17.69 -20.65
N THR A 138 13.97 -18.04 -19.90
CA THR A 138 14.58 -19.35 -20.02
C THR A 138 13.66 -20.40 -19.40
N GLU A 139 13.75 -21.63 -19.92
CA GLU A 139 13.03 -22.75 -19.30
C GLU A 139 13.37 -22.87 -17.81
N ASP A 140 14.56 -22.46 -17.41
CA ASP A 140 14.92 -22.39 -15.99
C ASP A 140 14.65 -20.99 -15.43
N GLY A 141 13.43 -20.49 -15.65
CA GLY A 141 13.04 -19.22 -15.07
C GLY A 141 13.50 -18.03 -15.88
N ASN A 142 13.39 -16.86 -15.26
CA ASN A 142 13.78 -15.62 -15.91
C ASN A 142 15.21 -15.26 -15.54
N TRP A 143 15.94 -14.75 -16.52
CA TRP A 143 17.30 -14.24 -16.32
C TRP A 143 17.31 -12.76 -16.63
N ASP A 144 17.63 -11.95 -15.62
CA ASP A 144 17.59 -10.49 -15.77
C ASP A 144 19.02 -9.98 -15.90
N LEU A 145 19.41 -9.66 -17.13
CA LEU A 145 20.69 -9.00 -17.39
C LEU A 145 20.42 -7.50 -17.43
N VAL A 146 20.71 -6.82 -16.33
CA VAL A 146 20.34 -5.41 -16.17
C VAL A 146 21.63 -4.62 -16.22
N GLY A 147 22.01 -4.16 -17.42
CA GLY A 147 23.25 -3.45 -17.61
C GLY A 147 23.05 -2.00 -18.00
N ASN A 148 24.15 -1.37 -18.39
CA ASN A 148 24.16 0.03 -18.79
C ASN A 148 24.70 0.13 -20.21
N ASN A 149 24.71 1.37 -20.73
CA ASN A 149 25.39 1.65 -21.98
C ASN A 149 26.86 1.95 -21.78
N THR A 150 27.37 1.75 -20.57
CA THR A 150 28.76 1.94 -20.21
C THR A 150 29.27 0.70 -19.47
N PRO A 151 30.51 0.28 -19.74
CA PRO A 151 31.00 -0.96 -19.12
C PRO A 151 31.35 -0.83 -17.65
N ILE A 152 31.21 0.36 -17.08
CA ILE A 152 31.57 0.62 -15.69
C ILE A 152 30.46 1.43 -15.04
N PHE A 153 30.70 1.85 -13.80
CA PHE A 153 29.79 2.73 -13.07
C PHE A 153 30.62 3.79 -12.36
N PHE A 154 29.93 4.70 -11.68
CA PHE A 154 30.61 5.82 -11.03
C PHE A 154 31.34 5.37 -9.77
N ILE A 155 30.70 4.52 -8.97
CA ILE A 155 31.26 4.10 -7.69
C ILE A 155 31.54 2.61 -7.73
N ARG A 156 32.13 2.11 -6.65
CA ARG A 156 32.45 0.69 -6.53
C ARG A 156 31.94 0.07 -5.23
N ASP A 157 31.12 0.78 -4.47
CA ASP A 157 30.62 0.31 -3.19
C ASP A 157 29.13 0.57 -3.10
N PRO A 158 28.29 -0.45 -2.88
CA PRO A 158 26.84 -0.22 -2.89
C PRO A 158 26.36 0.72 -1.80
N ILE A 159 27.06 0.79 -0.68
CA ILE A 159 26.67 1.69 0.42
C ILE A 159 26.73 3.16 0.00
N LEU A 160 27.36 3.46 -1.14
CA LEU A 160 27.40 4.82 -1.67
C LEU A 160 26.33 5.08 -2.72
N PHE A 161 25.53 4.08 -3.10
CA PHE A 161 24.64 4.25 -4.23
C PHE A 161 23.48 5.21 -3.96
N PRO A 162 22.77 5.13 -2.82
CA PRO A 162 21.73 6.15 -2.57
C PRO A 162 22.28 7.56 -2.59
N SER A 163 23.34 7.82 -1.82
CA SER A 163 23.95 9.15 -1.77
C SER A 163 24.24 9.67 -3.18
N PHE A 164 24.95 8.88 -3.98
CA PHE A 164 25.22 9.26 -5.36
C PHE A 164 23.94 9.68 -6.07
N ILE A 165 22.91 8.83 -6.00
CA ILE A 165 21.64 9.14 -6.65
C ILE A 165 21.08 10.44 -6.09
N HIS A 166 21.15 10.62 -4.77
CA HIS A 166 20.65 11.85 -4.17
C HIS A 166 21.38 13.07 -4.72
N SER A 167 22.65 12.91 -5.05
CA SER A 167 23.41 14.03 -5.62
C SER A 167 23.01 14.27 -7.08
N GLN A 168 22.60 13.22 -7.80
CA GLN A 168 22.26 13.37 -9.20
C GLN A 168 20.84 13.90 -9.40
N LYS A 169 20.00 13.79 -8.39
CA LYS A 169 18.62 14.25 -8.47
C LYS A 169 18.49 15.63 -7.85
N ARG A 170 17.26 16.08 -7.67
CA ARG A 170 16.98 17.47 -7.32
C ARG A 170 17.37 17.78 -5.87
N ASN A 171 17.59 19.06 -5.63
CA ASN A 171 17.90 19.54 -4.29
C ASN A 171 16.73 19.21 -3.34
N PRO A 172 17.01 18.82 -2.09
CA PRO A 172 15.92 18.47 -1.19
C PRO A 172 15.03 19.66 -0.81
N GLN A 173 15.56 20.87 -0.84
CA GLN A 173 14.78 22.04 -0.43
C GLN A 173 14.21 22.80 -1.63
N THR A 174 15.03 23.04 -2.65
CA THR A 174 14.59 23.83 -3.79
C THR A 174 13.96 22.98 -4.89
N HIS A 175 14.19 21.66 -4.87
CA HIS A 175 13.66 20.75 -5.89
C HIS A 175 14.19 21.09 -7.28
N LEU A 176 15.40 21.64 -7.33
CA LEU A 176 16.04 22.00 -8.58
C LEU A 176 17.27 21.13 -8.81
N LYS A 177 17.64 20.98 -10.07
CA LYS A 177 18.90 20.30 -10.39
C LYS A 177 20.07 21.14 -9.89
N ASP A 178 20.98 20.50 -9.17
CA ASP A 178 22.07 21.20 -8.50
C ASP A 178 23.41 20.66 -8.96
N PRO A 179 24.13 21.39 -9.83
CA PRO A 179 25.49 20.97 -10.18
C PRO A 179 26.42 20.97 -8.98
N ASP A 180 26.10 21.77 -7.95
CA ASP A 180 26.89 21.77 -6.73
C ASP A 180 26.92 20.40 -6.09
N MET A 181 25.76 19.79 -5.89
CA MET A 181 25.69 18.43 -5.33
C MET A 181 26.45 17.44 -6.20
N VAL A 182 26.18 17.46 -7.50
CA VAL A 182 26.79 16.53 -8.44
C VAL A 182 28.31 16.59 -8.32
N TRP A 183 28.89 17.77 -8.48
CA TRP A 183 30.34 17.86 -8.54
C TRP A 183 30.99 17.79 -7.17
N ASP A 184 30.28 18.15 -6.11
CA ASP A 184 30.80 17.90 -4.76
C ASP A 184 30.96 16.40 -4.53
N PHE A 185 29.92 15.63 -4.84
CA PHE A 185 30.02 14.18 -4.67
C PHE A 185 31.10 13.60 -5.58
N TRP A 186 31.17 14.07 -6.82
CA TRP A 186 32.13 13.49 -7.76
C TRP A 186 33.56 13.83 -7.38
N SER A 187 33.78 15.02 -6.83
CA SER A 187 35.14 15.40 -6.43
C SER A 187 35.53 14.76 -5.10
N LEU A 188 34.56 14.48 -4.23
CA LEU A 188 34.88 13.77 -3.00
C LEU A 188 35.06 12.27 -3.20
N ARG A 189 34.69 11.75 -4.37
CA ARG A 189 34.85 10.33 -4.70
C ARG A 189 35.58 10.25 -6.03
N PRO A 190 36.92 10.18 -6.00
CA PRO A 190 37.68 10.16 -7.26
C PRO A 190 37.45 8.91 -8.09
N GLU A 191 36.91 7.84 -7.53
CA GLU A 191 36.65 6.62 -8.30
C GLU A 191 35.62 6.85 -9.40
N SER A 192 35.01 8.03 -9.48
CA SER A 192 34.10 8.36 -10.57
C SER A 192 34.83 8.84 -11.81
N LEU A 193 36.10 9.24 -11.69
CA LEU A 193 36.82 9.89 -12.80
C LEU A 193 36.70 9.10 -14.10
N HIS A 194 36.61 7.78 -14.02
CA HIS A 194 36.48 6.97 -15.23
C HIS A 194 35.11 7.16 -15.86
N GLN A 195 34.05 6.91 -15.10
CA GLN A 195 32.70 6.95 -15.67
C GLN A 195 32.32 8.35 -16.11
N VAL A 196 32.73 9.36 -15.35
CA VAL A 196 32.53 10.75 -15.80
C VAL A 196 33.19 10.97 -17.15
N SER A 197 34.37 10.39 -17.36
CA SER A 197 35.03 10.50 -18.66
C SER A 197 34.19 9.84 -19.74
N PHE A 198 33.51 8.74 -19.40
CA PHE A 198 32.58 8.13 -20.36
C PHE A 198 31.31 8.96 -20.50
N LEU A 199 30.92 9.68 -19.44
CA LEU A 199 29.64 10.36 -19.46
C LEU A 199 29.69 11.63 -20.30
N PHE A 200 30.78 12.38 -20.21
CA PHE A 200 30.91 13.63 -20.93
C PHE A 200 31.60 13.46 -22.29
N SER A 201 31.85 12.24 -22.71
CA SER A 201 32.40 11.99 -24.04
C SER A 201 31.26 12.06 -25.06
N ASP A 202 31.53 11.63 -26.29
CA ASP A 202 30.50 11.70 -27.33
C ASP A 202 29.36 10.73 -27.03
N ARG A 203 29.66 9.57 -26.46
CA ARG A 203 28.64 8.56 -26.18
C ARG A 203 27.83 8.87 -24.93
N GLY A 204 27.94 10.08 -24.38
CA GLY A 204 27.11 10.44 -23.24
C GLY A 204 25.67 10.74 -23.65
N ILE A 205 25.46 11.17 -24.88
CA ILE A 205 24.12 11.39 -25.42
C ILE A 205 23.96 10.55 -26.67
N PRO A 206 23.64 9.26 -26.55
CA PRO A 206 23.47 8.44 -27.74
C PRO A 206 22.26 8.89 -28.56
N ASP A 207 22.31 8.56 -29.85
CA ASP A 207 21.23 8.90 -30.78
C ASP A 207 20.21 7.77 -30.74
N GLY A 208 19.19 7.94 -29.91
CA GLY A 208 18.22 6.89 -29.72
C GLY A 208 18.79 5.72 -28.93
N HIS A 209 17.97 4.69 -28.81
CA HIS A 209 18.35 3.49 -28.06
C HIS A 209 18.91 2.39 -28.94
N ARG A 210 18.88 2.55 -30.26
CA ARG A 210 19.38 1.54 -31.17
C ARG A 210 20.83 1.78 -31.57
N HIS A 211 21.39 2.93 -31.23
CA HIS A 211 22.77 3.29 -31.59
C HIS A 211 23.64 3.40 -30.36
N MET A 212 23.47 2.48 -29.41
CA MET A 212 24.27 2.46 -28.20
C MET A 212 24.60 1.02 -27.85
N ASN A 213 25.75 0.84 -27.20
CA ASN A 213 26.16 -0.49 -26.79
C ASN A 213 25.59 -0.83 -25.43
N GLY A 214 25.57 -2.12 -25.12
CA GLY A 214 25.09 -2.57 -23.83
C GLY A 214 26.13 -3.37 -23.08
N TYR A 215 26.15 -3.20 -21.76
CA TYR A 215 27.18 -3.80 -20.93
C TYR A 215 26.56 -4.24 -19.61
N GLY A 216 26.56 -5.55 -19.36
CA GLY A 216 26.20 -6.03 -18.02
C GLY A 216 27.05 -5.38 -16.95
N SER A 217 28.29 -5.06 -17.27
CA SER A 217 29.18 -4.19 -16.48
C SER A 217 29.69 -4.88 -15.22
N HIS A 218 29.14 -6.04 -14.90
CA HIS A 218 29.57 -6.78 -13.72
C HIS A 218 30.33 -8.04 -14.11
N THR A 219 31.18 -8.48 -13.21
CA THR A 219 31.74 -9.82 -13.30
C THR A 219 30.69 -10.81 -12.83
N PHE A 220 30.45 -11.85 -13.62
CA PHE A 220 29.55 -12.92 -13.25
C PHE A 220 30.33 -14.22 -13.17
N LYS A 221 29.68 -15.27 -12.70
CA LYS A 221 30.33 -16.57 -12.56
C LYS A 221 29.61 -17.56 -13.45
N LEU A 222 30.33 -18.06 -14.46
CA LEU A 222 29.81 -19.10 -15.35
C LEU A 222 30.26 -20.46 -14.82
N VAL A 223 29.31 -21.38 -14.70
CA VAL A 223 29.57 -22.72 -14.17
C VAL A 223 29.13 -23.73 -15.23
N ASN A 224 30.01 -24.66 -15.56
CA ASN A 224 29.71 -25.69 -16.54
C ASN A 224 29.12 -26.91 -15.84
N ALA A 225 28.74 -27.90 -16.64
CA ALA A 225 28.15 -29.12 -16.09
C ALA A 225 29.14 -29.88 -15.20
N ASN A 226 30.44 -29.79 -15.50
CA ASN A 226 31.43 -30.52 -14.72
C ASN A 226 31.78 -29.82 -13.42
N GLY A 227 31.29 -28.61 -13.19
CA GLY A 227 31.47 -27.93 -11.92
C GLY A 227 32.56 -26.88 -11.87
N GLU A 228 33.32 -26.71 -12.95
CA GLU A 228 34.33 -25.66 -12.97
C GLU A 228 33.69 -24.30 -13.23
N ALA A 229 34.24 -23.27 -12.58
CA ALA A 229 33.69 -21.93 -12.65
C ALA A 229 34.72 -20.96 -13.21
N VAL A 230 34.25 -20.03 -14.03
CA VAL A 230 35.05 -18.95 -14.59
C VAL A 230 34.33 -17.64 -14.34
N TYR A 231 35.06 -16.54 -14.48
CA TYR A 231 34.49 -15.21 -14.38
C TYR A 231 34.18 -14.67 -15.77
N CYS A 232 33.15 -13.84 -15.84
CA CYS A 232 32.60 -13.42 -17.12
C CYS A 232 32.21 -11.96 -17.08
N LYS A 233 32.15 -11.37 -18.27
CA LYS A 233 31.62 -10.02 -18.47
C LYS A 233 30.79 -10.02 -19.74
N PHE A 234 29.52 -9.71 -19.62
CA PHE A 234 28.59 -9.74 -20.75
C PHE A 234 28.60 -8.42 -21.49
N HIS A 235 28.89 -8.48 -22.77
CA HIS A 235 28.78 -7.33 -23.67
C HIS A 235 27.72 -7.65 -24.71
N TYR A 236 27.12 -6.61 -25.28
CA TYR A 236 26.24 -6.77 -26.43
C TYR A 236 26.22 -5.44 -27.18
N LYS A 237 26.91 -5.45 -28.32
CA LYS A 237 27.19 -4.24 -29.08
C LYS A 237 26.18 -4.08 -30.21
N THR A 238 25.84 -2.84 -30.52
CA THR A 238 24.78 -2.58 -31.49
C THR A 238 25.24 -2.90 -32.90
N ASP A 239 24.38 -3.58 -33.65
CA ASP A 239 24.61 -3.87 -35.06
C ASP A 239 24.22 -2.72 -35.96
N GLN A 240 23.55 -1.70 -35.43
CA GLN A 240 23.22 -0.51 -36.19
C GLN A 240 24.31 0.55 -36.13
N GLY A 241 25.41 0.27 -35.45
CA GLY A 241 26.52 1.21 -35.34
C GLY A 241 26.30 2.23 -34.25
N ILE A 242 27.40 2.63 -33.63
CA ILE A 242 27.35 3.67 -32.59
C ILE A 242 27.11 5.01 -33.25
N LYS A 243 26.12 5.74 -32.76
CA LYS A 243 25.78 7.06 -33.28
C LYS A 243 25.32 7.94 -32.13
N ASN A 244 25.85 9.15 -32.07
CA ASN A 244 25.59 10.05 -30.95
C ASN A 244 25.08 11.39 -31.47
N LEU A 245 24.36 12.09 -30.60
CA LEU A 245 23.81 13.40 -30.93
C LEU A 245 24.71 14.50 -30.40
N SER A 246 24.87 15.55 -31.18
CA SER A 246 25.62 16.72 -30.72
C SER A 246 24.89 17.40 -29.56
N VAL A 247 25.64 18.18 -28.80
CA VAL A 247 25.05 18.87 -27.65
C VAL A 247 23.95 19.83 -28.10
N GLU A 248 24.17 20.52 -29.22
CA GLU A 248 23.17 21.48 -29.69
C GLU A 248 21.93 20.77 -30.21
N ASP A 249 22.11 19.70 -30.98
CA ASP A 249 20.96 18.94 -31.49
C ASP A 249 20.22 18.25 -30.35
N ALA A 250 20.94 17.79 -29.34
CA ALA A 250 20.29 17.19 -28.18
C ALA A 250 19.48 18.23 -27.42
N ALA A 251 20.04 19.43 -27.23
CA ALA A 251 19.31 20.50 -26.56
C ALA A 251 18.07 20.89 -27.36
N ARG A 252 18.18 20.89 -28.69
CA ARG A 252 17.01 21.18 -29.53
C ARG A 252 15.95 20.10 -29.37
N LEU A 253 16.35 18.84 -29.47
CA LEU A 253 15.38 17.74 -29.37
C LEU A 253 14.73 17.69 -28.00
N SER A 254 15.43 18.18 -26.97
CA SER A 254 14.85 18.17 -25.63
C SER A 254 13.54 18.96 -25.58
N GLN A 255 13.45 20.03 -26.36
CA GLN A 255 12.20 20.80 -26.40
C GLN A 255 11.34 20.41 -27.61
N GLU A 256 11.96 19.90 -28.67
CA GLU A 256 11.18 19.45 -29.83
C GLU A 256 10.41 18.18 -29.51
N ASP A 257 11.13 17.12 -29.16
CA ASP A 257 10.51 15.82 -28.85
C ASP A 257 11.16 15.28 -27.59
N PRO A 258 10.57 15.54 -26.41
CA PRO A 258 11.12 14.99 -25.17
C PRO A 258 11.01 13.48 -25.08
N ASP A 259 10.33 12.83 -26.03
CA ASP A 259 10.20 11.38 -26.07
C ASP A 259 10.89 10.83 -27.31
N TYR A 260 12.09 11.33 -27.59
CA TYR A 260 12.79 10.99 -28.83
C TYR A 260 13.07 9.49 -28.92
N GLY A 261 13.65 8.91 -27.87
CA GLY A 261 14.02 7.51 -27.93
C GLY A 261 12.83 6.58 -28.06
N ILE A 262 11.76 6.87 -27.33
CA ILE A 262 10.55 6.04 -27.40
C ILE A 262 10.01 6.03 -28.83
N ARG A 263 9.88 7.21 -29.43
CA ARG A 263 9.36 7.30 -30.79
C ARG A 263 10.29 6.63 -31.78
N ASP A 264 11.60 6.82 -31.62
CA ASP A 264 12.57 6.20 -32.52
C ASP A 264 12.45 4.69 -32.49
N LEU A 265 12.42 4.11 -31.29
CA LEU A 265 12.31 2.66 -31.17
C LEU A 265 10.99 2.16 -31.73
N PHE A 266 9.89 2.85 -31.39
CA PHE A 266 8.58 2.42 -31.86
C PHE A 266 8.51 2.42 -33.38
N ASN A 267 9.01 3.49 -34.00
CA ASN A 267 8.97 3.58 -35.46
C ASN A 267 9.89 2.54 -36.09
N ALA A 268 11.08 2.33 -35.52
CA ALA A 268 12.00 1.34 -36.09
C ALA A 268 11.40 -0.06 -36.02
N ILE A 269 10.64 -0.35 -34.97
CA ILE A 269 10.04 -1.69 -34.86
C ILE A 269 8.78 -1.77 -35.72
N ALA A 270 8.10 -0.65 -35.94
CA ALA A 270 6.84 -0.67 -36.68
C ALA A 270 7.06 -0.62 -38.19
N THR A 271 8.23 -0.19 -38.64
CA THR A 271 8.55 -0.16 -40.07
C THR A 271 9.36 -1.37 -40.51
N GLY A 272 9.60 -2.34 -39.63
CA GLY A 272 10.23 -3.59 -39.99
C GLY A 272 11.72 -3.65 -39.75
N LYS A 273 12.39 -2.52 -39.62
CA LYS A 273 13.83 -2.50 -39.39
C LYS A 273 14.11 -2.87 -37.93
N TYR A 274 14.06 -4.16 -37.67
CA TYR A 274 14.27 -4.69 -36.32
C TYR A 274 15.70 -4.44 -35.89
N PRO A 275 15.93 -3.70 -34.80
CA PRO A 275 17.30 -3.51 -34.32
C PRO A 275 17.84 -4.79 -33.73
N SER A 276 19.17 -4.91 -33.74
CA SER A 276 19.83 -6.11 -33.24
C SER A 276 21.11 -5.73 -32.52
N TRP A 277 21.43 -6.51 -31.50
CA TRP A 277 22.68 -6.39 -30.74
C TRP A 277 23.36 -7.74 -30.71
N THR A 278 24.65 -7.75 -31.00
CA THR A 278 25.43 -8.98 -30.98
C THR A 278 26.05 -9.19 -29.60
N PHE A 279 25.93 -10.43 -29.10
CA PHE A 279 26.26 -10.77 -27.72
C PHE A 279 27.68 -11.35 -27.65
N TYR A 280 28.48 -10.78 -26.75
CA TYR A 280 29.83 -11.26 -26.49
C TYR A 280 30.00 -11.52 -25.00
N ILE A 281 31.01 -12.33 -24.68
CA ILE A 281 31.41 -12.56 -23.29
C ILE A 281 32.92 -12.47 -23.22
N GLN A 282 33.41 -11.75 -22.21
CA GLN A 282 34.81 -11.82 -21.81
C GLN A 282 34.94 -12.86 -20.70
N VAL A 283 35.90 -13.76 -20.85
CA VAL A 283 36.10 -14.88 -19.93
C VAL A 283 37.44 -14.73 -19.24
N MET A 284 37.47 -15.06 -17.95
CA MET A 284 38.67 -14.99 -17.13
C MET A 284 38.69 -16.21 -16.21
N THR A 285 39.89 -16.74 -15.95
CA THR A 285 40.01 -17.86 -15.02
C THR A 285 40.27 -17.35 -13.61
N PHE A 286 40.29 -18.28 -12.66
CA PHE A 286 40.43 -17.90 -11.26
C PHE A 286 41.84 -17.41 -10.95
N ASN A 287 42.85 -18.12 -11.46
CA ASN A 287 44.23 -17.66 -11.27
C ASN A 287 44.47 -16.36 -12.02
N GLN A 288 43.82 -16.18 -13.16
CA GLN A 288 43.90 -14.89 -13.87
C GLN A 288 43.29 -13.78 -13.02
N ALA A 289 42.20 -14.07 -12.31
CA ALA A 289 41.60 -13.09 -11.42
C ALA A 289 42.52 -12.79 -10.24
N GLU A 290 43.25 -13.79 -9.76
CA GLU A 290 44.15 -13.56 -8.64
C GLU A 290 45.44 -12.88 -9.08
N THR A 291 45.72 -12.85 -10.38
CA THR A 291 46.90 -12.18 -10.91
C THR A 291 46.56 -10.93 -11.71
N PHE A 292 45.30 -10.51 -11.68
CA PHE A 292 44.90 -9.28 -12.37
C PHE A 292 45.57 -8.08 -11.71
N PRO A 293 46.04 -7.10 -12.48
CA PRO A 293 46.69 -5.93 -11.87
C PRO A 293 45.75 -5.14 -10.97
N PHE A 294 44.49 -5.01 -11.36
CA PHE A 294 43.48 -4.35 -10.55
C PHE A 294 42.58 -5.38 -9.90
N ASN A 295 41.56 -4.91 -9.22
CA ASN A 295 40.51 -5.81 -8.72
C ASN A 295 39.62 -6.21 -9.89
N PRO A 296 39.59 -7.50 -10.27
CA PRO A 296 38.72 -7.91 -11.38
C PRO A 296 37.25 -7.76 -11.08
N PHE A 297 36.88 -7.60 -9.81
CA PHE A 297 35.50 -7.38 -9.40
C PHE A 297 35.20 -5.90 -9.18
N ASP A 298 36.16 -5.02 -9.46
CA ASP A 298 35.92 -3.59 -9.35
C ASP A 298 35.00 -3.13 -10.48
N LEU A 299 33.91 -2.46 -10.13
CA LEU A 299 32.94 -2.03 -11.13
C LEU A 299 33.45 -0.86 -11.96
N THR A 300 34.43 -0.11 -11.44
CA THR A 300 34.99 1.02 -12.18
C THR A 300 36.14 0.61 -13.10
N LYS A 301 36.45 -0.68 -13.19
CA LYS A 301 37.53 -1.17 -14.03
C LYS A 301 36.97 -2.04 -15.15
N VAL A 302 37.67 -2.04 -16.27
CA VAL A 302 37.31 -2.87 -17.42
C VAL A 302 38.37 -3.95 -17.61
N TRP A 303 38.02 -4.94 -18.43
CA TRP A 303 38.98 -5.96 -18.85
C TRP A 303 39.50 -5.60 -20.22
N PRO A 304 40.80 -5.33 -20.38
CA PRO A 304 41.31 -4.92 -21.69
C PRO A 304 41.08 -5.98 -22.75
N HIS A 305 40.76 -5.52 -23.96
CA HIS A 305 40.42 -6.44 -25.04
C HIS A 305 41.62 -7.26 -25.50
N LYS A 306 42.83 -6.71 -25.36
CA LYS A 306 44.02 -7.44 -25.80
C LYS A 306 44.27 -8.65 -24.91
N ASP A 307 44.01 -8.52 -23.60
CA ASP A 307 44.23 -9.63 -22.68
C ASP A 307 43.01 -10.55 -22.58
N TYR A 308 41.82 -10.02 -22.83
CA TYR A 308 40.57 -10.79 -22.76
C TYR A 308 39.71 -10.42 -23.96
N PRO A 309 39.88 -11.11 -25.08
CA PRO A 309 39.08 -10.79 -26.27
C PRO A 309 37.62 -11.19 -26.10
N LEU A 310 36.77 -10.54 -26.87
CA LEU A 310 35.34 -10.86 -26.84
C LEU A 310 35.09 -12.20 -27.53
N ILE A 311 34.25 -13.02 -26.90
CA ILE A 311 33.85 -14.32 -27.45
C ILE A 311 32.38 -14.24 -27.82
N PRO A 312 32.03 -14.39 -29.10
CA PRO A 312 30.62 -14.27 -29.50
C PRO A 312 29.78 -15.42 -28.93
N VAL A 313 28.54 -15.10 -28.61
CA VAL A 313 27.59 -16.08 -28.09
C VAL A 313 26.35 -16.10 -28.98
N GLY A 314 25.68 -14.97 -29.09
CA GLY A 314 24.47 -14.87 -29.87
C GLY A 314 24.17 -13.44 -30.25
N LYS A 315 22.89 -13.20 -30.56
CA LYS A 315 22.44 -11.87 -30.93
C LYS A 315 21.06 -11.60 -30.33
N LEU A 316 20.82 -10.33 -30.03
CA LEU A 316 19.57 -9.86 -29.44
C LEU A 316 18.80 -9.06 -30.49
N VAL A 317 17.62 -9.56 -30.85
CA VAL A 317 16.78 -8.91 -31.86
C VAL A 317 15.47 -8.50 -31.20
N LEU A 318 15.05 -7.26 -31.43
CA LEU A 318 13.80 -6.73 -30.87
C LEU A 318 12.83 -6.50 -32.02
N ASN A 319 11.74 -7.28 -32.04
CA ASN A 319 10.83 -7.26 -33.16
C ASN A 319 9.40 -6.86 -32.83
N ARG A 320 9.03 -6.77 -31.54
CA ARG A 320 7.65 -6.50 -31.16
C ARG A 320 7.57 -5.26 -30.29
N ASN A 321 6.65 -4.38 -30.62
CA ASN A 321 6.36 -3.22 -29.77
C ASN A 321 5.37 -3.60 -28.69
N PRO A 322 5.41 -2.94 -27.53
CA PRO A 322 4.45 -3.24 -26.48
C PRO A 322 3.03 -2.90 -26.90
N VAL A 323 2.09 -3.78 -26.56
CA VAL A 323 0.68 -3.52 -26.85
C VAL A 323 0.17 -2.40 -25.95
N ASN A 324 0.39 -2.52 -24.66
CA ASN A 324 0.09 -1.47 -23.69
C ASN A 324 1.38 -1.12 -22.95
N TYR A 325 1.68 0.17 -22.89
CA TYR A 325 2.97 0.59 -22.33
C TYR A 325 3.04 0.29 -20.83
N PHE A 326 2.00 0.65 -20.09
CA PHE A 326 2.03 0.48 -18.64
C PHE A 326 2.10 -0.98 -18.26
N ALA A 327 1.34 -1.83 -18.94
CA ALA A 327 1.28 -3.24 -18.55
C ALA A 327 2.55 -4.01 -18.92
N GLU A 328 3.38 -3.46 -19.81
CA GLU A 328 4.52 -4.20 -20.32
C GLU A 328 5.86 -3.48 -20.19
N VAL A 329 5.87 -2.16 -20.03
CA VAL A 329 7.10 -1.39 -19.90
C VAL A 329 7.20 -0.76 -18.51
N GLU A 330 6.09 -0.26 -17.99
CA GLU A 330 6.13 0.44 -16.71
C GLU A 330 6.07 -0.54 -15.55
N GLN A 331 5.47 -1.70 -15.77
CA GLN A 331 5.29 -2.71 -14.72
C GLN A 331 6.28 -3.85 -14.81
N ILE A 332 7.18 -3.84 -15.80
CA ILE A 332 8.17 -4.91 -15.90
C ILE A 332 9.22 -4.72 -14.81
N ALA A 333 9.61 -5.82 -14.19
CA ALA A 333 10.55 -5.81 -13.07
C ALA A 333 11.76 -6.63 -13.43
N PHE A 334 12.94 -6.03 -13.26
CA PHE A 334 14.22 -6.68 -13.56
C PHE A 334 14.97 -6.92 -12.26
N ASP A 335 15.18 -8.19 -11.93
CA ASP A 335 15.88 -8.56 -10.69
C ASP A 335 17.20 -9.22 -11.03
N PRO A 336 18.34 -8.56 -10.79
CA PRO A 336 19.64 -9.23 -11.04
C PRO A 336 19.82 -10.51 -10.26
N SER A 337 19.05 -10.73 -9.20
CA SER A 337 19.09 -12.00 -8.47
C SER A 337 18.44 -13.14 -9.25
N ASN A 338 17.77 -12.84 -10.36
CA ASN A 338 17.16 -13.87 -11.22
C ASN A 338 18.23 -14.39 -12.16
N MET A 339 18.92 -15.45 -11.73
CA MET A 339 19.95 -16.07 -12.55
C MET A 339 19.67 -17.57 -12.61
N PRO A 340 19.60 -18.15 -13.80
CA PRO A 340 19.34 -19.58 -13.92
C PRO A 340 20.56 -20.38 -13.53
N PRO A 341 20.43 -21.71 -13.38
CA PRO A 341 21.61 -22.53 -13.10
C PRO A 341 22.66 -22.40 -14.20
N GLY A 342 23.89 -22.16 -13.78
CA GLY A 342 24.99 -21.88 -14.69
C GLY A 342 25.53 -20.47 -14.60
N ILE A 343 24.70 -19.52 -14.16
CA ILE A 343 25.12 -18.13 -13.94
C ILE A 343 24.96 -17.83 -12.46
N GLU A 344 25.98 -17.21 -11.87
CA GLU A 344 26.00 -16.93 -10.44
C GLU A 344 26.63 -15.57 -10.21
N ALA A 345 26.48 -15.08 -8.98
CA ALA A 345 27.00 -13.77 -8.59
C ALA A 345 28.49 -13.86 -8.28
N SER A 346 29.15 -12.71 -8.34
CA SER A 346 30.57 -12.54 -8.09
C SER A 346 30.80 -11.78 -6.80
N PRO A 347 32.01 -11.84 -6.24
CA PRO A 347 32.32 -11.02 -5.06
C PRO A 347 32.27 -9.52 -5.28
N ASP A 348 31.88 -9.09 -6.49
CA ASP A 348 31.66 -7.67 -6.76
C ASP A 348 30.64 -7.10 -5.77
N LYS A 349 31.09 -6.14 -4.97
CA LYS A 349 30.23 -5.59 -3.91
C LYS A 349 28.97 -4.97 -4.48
N MET A 350 29.08 -4.31 -5.63
CA MET A 350 27.92 -3.68 -6.24
C MET A 350 26.88 -4.70 -6.67
N LEU A 351 27.34 -5.82 -7.24
CA LEU A 351 26.40 -6.90 -7.57
C LEU A 351 25.76 -7.46 -6.31
N GLN A 352 26.52 -7.53 -5.22
CA GLN A 352 25.95 -8.01 -3.95
C GLN A 352 24.83 -7.06 -3.47
N GLY A 353 25.05 -5.75 -3.58
CA GLY A 353 24.01 -4.82 -3.20
C GLY A 353 22.79 -4.91 -4.11
N ARG A 354 23.02 -5.06 -5.40
CA ARG A 354 21.92 -5.20 -6.35
C ARG A 354 21.12 -6.49 -6.13
N LEU A 355 21.76 -7.53 -5.61
CA LEU A 355 21.04 -8.78 -5.35
C LEU A 355 19.90 -8.55 -4.36
N PHE A 356 20.06 -7.58 -3.46
CA PHE A 356 19.01 -7.31 -2.48
C PHE A 356 18.12 -6.13 -2.89
N ALA A 357 18.71 -5.10 -3.48
CA ALA A 357 18.00 -3.82 -3.63
C ALA A 357 16.78 -3.95 -4.56
N TYR A 358 16.87 -4.78 -5.59
CA TYR A 358 15.87 -4.77 -6.64
C TYR A 358 14.55 -5.44 -6.23
N PRO A 359 14.57 -6.64 -5.64
CA PRO A 359 13.28 -7.22 -5.21
C PRO A 359 12.57 -6.39 -4.16
N ASP A 360 13.32 -5.70 -3.31
CA ASP A 360 12.72 -4.83 -2.29
C ASP A 360 11.94 -3.69 -2.95
N THR A 361 12.59 -2.95 -3.84
CA THR A 361 11.92 -1.86 -4.52
C THR A 361 10.82 -2.37 -5.45
N HIS A 362 10.91 -3.61 -5.91
CA HIS A 362 9.83 -4.17 -6.72
C HIS A 362 8.61 -4.49 -5.88
N ARG A 363 8.83 -5.00 -4.66
CA ARG A 363 7.71 -5.23 -3.76
C ARG A 363 7.10 -3.92 -3.27
N HIS A 364 7.89 -2.86 -3.22
CA HIS A 364 7.31 -1.56 -2.85
C HIS A 364 6.55 -0.93 -4.01
N ARG A 365 7.15 -0.92 -5.20
CA ARG A 365 6.59 -0.17 -6.32
C ARG A 365 5.41 -0.91 -6.95
N LEU A 366 5.58 -2.20 -7.21
CA LEU A 366 4.55 -2.99 -7.88
C LEU A 366 3.66 -3.75 -6.90
N GLY A 367 4.24 -4.29 -5.84
CA GLY A 367 3.49 -5.07 -4.88
C GLY A 367 4.17 -6.39 -4.55
N PRO A 368 3.77 -7.00 -3.43
CA PRO A 368 4.40 -8.26 -3.02
C PRO A 368 4.33 -9.37 -4.07
N ASN A 369 3.27 -9.39 -4.89
CA ASN A 369 3.08 -10.44 -5.89
C ASN A 369 3.39 -9.94 -7.29
N TYR A 370 4.40 -9.08 -7.44
CA TYR A 370 4.71 -8.51 -8.75
C TYR A 370 5.13 -9.56 -9.76
N LEU A 371 5.57 -10.74 -9.30
CA LEU A 371 5.92 -11.81 -10.23
C LEU A 371 4.71 -12.51 -10.81
N HIS A 372 3.50 -12.06 -10.47
CA HIS A 372 2.27 -12.53 -11.12
C HIS A 372 1.85 -11.64 -12.28
N ILE A 373 2.44 -10.47 -12.41
CA ILE A 373 2.18 -9.61 -13.58
C ILE A 373 2.64 -10.35 -14.84
N PRO A 374 1.82 -10.40 -15.89
CA PRO A 374 2.17 -11.23 -17.06
C PRO A 374 3.55 -10.96 -17.64
N VAL A 375 3.99 -9.71 -17.62
CA VAL A 375 5.32 -9.39 -18.18
C VAL A 375 6.42 -9.89 -17.27
N ASN A 376 6.14 -10.04 -15.98
CA ASN A 376 7.14 -10.51 -15.02
C ASN A 376 7.07 -12.00 -14.75
N CYS A 377 6.04 -12.68 -15.24
CA CYS A 377 5.92 -14.11 -14.99
C CYS A 377 6.96 -14.88 -15.80
N PRO A 378 7.54 -15.94 -15.22
CA PRO A 378 8.34 -16.86 -16.04
C PRO A 378 7.42 -17.84 -16.78
N TYR A 379 6.68 -17.31 -17.74
CA TYR A 379 5.64 -18.08 -18.42
C TYR A 379 6.20 -19.26 -19.18
N ARG A 380 7.48 -19.23 -19.54
CA ARG A 380 8.13 -20.36 -20.19
C ARG A 380 8.76 -21.31 -19.16
N ALA A 381 8.30 -21.28 -17.91
CA ALA A 381 8.80 -22.12 -16.85
C ALA A 381 7.64 -22.54 -15.95
N ARG A 382 7.95 -23.41 -15.00
CA ARG A 382 6.95 -23.92 -14.05
C ARG A 382 7.29 -23.44 -12.65
N VAL A 383 6.42 -22.62 -12.08
CA VAL A 383 6.61 -22.12 -10.72
C VAL A 383 5.95 -23.07 -9.75
N ALA A 384 6.72 -23.58 -8.80
CA ALA A 384 6.19 -24.50 -7.79
C ALA A 384 7.07 -24.40 -6.55
N ASN A 385 6.51 -23.89 -5.47
CA ASN A 385 7.25 -23.69 -4.22
C ASN A 385 6.25 -23.65 -3.08
N TYR A 386 6.73 -23.20 -1.92
CA TYR A 386 5.89 -23.08 -0.73
C TYR A 386 5.60 -21.62 -0.38
N GLN A 387 5.89 -20.70 -1.30
CA GLN A 387 5.50 -19.31 -1.13
C GLN A 387 4.01 -19.17 -1.40
N ARG A 388 3.31 -18.56 -0.45
CA ARG A 388 1.85 -18.60 -0.41
C ARG A 388 1.29 -17.19 -0.37
N ASP A 389 0.01 -17.10 0.00
CA ASP A 389 -0.83 -15.91 -0.06
C ASP A 389 -0.15 -14.59 0.22
N GLY A 390 -0.39 -13.60 -0.64
CA GLY A 390 0.02 -12.24 -0.40
C GLY A 390 -1.01 -11.28 -0.96
N PRO A 391 -0.78 -9.98 -0.80
CA PRO A 391 -1.69 -9.00 -1.39
C PRO A 391 -1.74 -9.14 -2.91
N MET A 392 -2.95 -9.16 -3.46
CA MET A 392 -3.17 -9.29 -4.90
C MET A 392 -2.53 -10.57 -5.43
N CYS A 393 -3.13 -11.69 -5.02
CA CYS A 393 -2.75 -13.01 -5.52
C CYS A 393 -3.74 -13.42 -6.60
N MET A 394 -3.29 -13.41 -7.86
CA MET A 394 -4.14 -13.67 -9.02
C MET A 394 -3.87 -15.04 -9.63
N GLN A 395 -3.52 -16.01 -8.80
CA GLN A 395 -3.33 -17.37 -9.30
C GLN A 395 -4.22 -18.33 -8.53
N ASP A 396 -4.05 -19.62 -8.76
CA ASP A 396 -4.70 -20.62 -7.92
C ASP A 396 -4.14 -20.64 -6.50
N ASN A 397 -3.11 -19.83 -6.22
CA ASN A 397 -2.35 -19.90 -4.98
C ASN A 397 -1.77 -21.31 -4.78
N GLN A 398 -1.43 -21.95 -5.88
CA GLN A 398 -0.89 -23.32 -5.90
C GLN A 398 -1.86 -24.32 -5.29
N GLY A 399 -3.14 -23.99 -5.31
CA GLY A 399 -4.17 -24.93 -4.90
C GLY A 399 -4.02 -25.39 -3.46
N GLY A 400 -4.38 -26.65 -3.22
CA GLY A 400 -4.31 -27.21 -1.88
C GLY A 400 -3.04 -28.00 -1.64
N ALA A 401 -1.99 -27.69 -2.39
CA ALA A 401 -0.71 -28.34 -2.18
C ALA A 401 -0.17 -27.98 -0.79
N PRO A 402 0.53 -28.89 -0.13
CA PRO A 402 1.11 -28.56 1.18
C PRO A 402 2.06 -27.37 1.07
N ASN A 403 2.02 -26.51 2.08
CA ASN A 403 2.74 -25.24 2.06
C ASN A 403 3.94 -25.24 3.01
N TYR A 404 4.37 -26.39 3.47
CA TYR A 404 5.53 -26.50 4.35
C TYR A 404 6.51 -27.52 3.78
N TYR A 405 7.78 -27.34 4.13
CA TYR A 405 8.87 -28.15 3.61
C TYR A 405 9.87 -28.37 4.73
N PRO A 406 10.32 -29.61 4.95
CA PRO A 406 9.93 -30.80 4.19
C PRO A 406 8.60 -31.39 4.65
N ASN A 407 7.95 -32.15 3.77
CA ASN A 407 6.69 -32.81 4.08
C ASN A 407 6.76 -34.25 3.58
N SER A 408 5.63 -34.94 3.65
CA SER A 408 5.52 -36.34 3.23
C SER A 408 4.33 -36.52 2.31
N PHE A 409 4.11 -35.57 1.40
CA PHE A 409 2.93 -35.62 0.54
C PHE A 409 3.24 -35.27 -0.91
N GLY A 410 4.49 -35.33 -1.33
CA GLY A 410 4.81 -35.14 -2.74
C GLY A 410 4.74 -33.71 -3.22
N ALA A 411 5.02 -32.75 -2.37
CA ALA A 411 5.12 -31.36 -2.76
C ALA A 411 6.45 -31.11 -3.45
N PRO A 412 6.64 -29.97 -4.12
CA PRO A 412 7.89 -29.72 -4.83
C PRO A 412 9.12 -29.96 -3.96
N GLU A 413 10.10 -30.64 -4.55
CA GLU A 413 11.34 -31.00 -3.87
C GLU A 413 12.52 -30.28 -4.50
N GLN A 414 13.53 -30.01 -3.69
CA GLN A 414 14.71 -29.30 -4.18
C GLN A 414 15.48 -30.16 -5.18
N GLN A 415 16.05 -29.49 -6.18
CA GLN A 415 16.82 -30.17 -7.21
C GLN A 415 18.30 -30.09 -6.85
N PRO A 416 18.92 -31.17 -6.38
CA PRO A 416 20.30 -31.07 -5.87
C PRO A 416 21.33 -30.75 -6.95
N SER A 417 20.95 -30.79 -8.22
CA SER A 417 21.89 -30.44 -9.29
C SER A 417 21.98 -28.93 -9.52
N ALA A 418 21.13 -28.14 -8.87
CA ALA A 418 21.15 -26.68 -9.00
C ALA A 418 21.90 -26.02 -7.85
N LEU A 419 22.76 -26.76 -7.16
CA LEU A 419 23.52 -26.19 -6.05
C LEU A 419 24.51 -25.15 -6.57
N GLU A 420 24.80 -24.18 -5.71
CA GLU A 420 25.73 -23.11 -6.07
C GLU A 420 27.17 -23.60 -6.03
N HIS A 421 28.05 -22.84 -6.67
CA HIS A 421 29.47 -23.16 -6.67
C HIS A 421 30.14 -22.64 -5.40
N SER A 422 31.00 -23.45 -4.81
CA SER A 422 31.63 -23.14 -3.54
C SER A 422 33.03 -22.55 -3.76
N ILE A 423 33.34 -21.49 -3.02
CA ILE A 423 34.65 -20.86 -3.03
C ILE A 423 35.02 -20.48 -1.62
N GLN A 424 36.29 -20.71 -1.25
CA GLN A 424 36.78 -20.36 0.08
C GLN A 424 37.35 -18.95 0.06
N TYR A 425 36.87 -18.12 0.98
CA TYR A 425 37.33 -16.74 1.12
C TYR A 425 38.00 -16.57 2.48
N SER A 426 39.20 -16.00 2.47
CA SER A 426 39.96 -15.77 3.69
C SER A 426 39.96 -14.28 4.03
N GLY A 427 40.59 -13.97 5.16
CA GLY A 427 40.59 -12.61 5.68
C GLY A 427 39.46 -12.38 6.67
N GLU A 428 39.65 -11.35 7.49
CA GLU A 428 38.67 -11.05 8.53
C GLU A 428 37.40 -10.47 7.91
N VAL A 429 36.34 -10.46 8.70
CA VAL A 429 35.02 -10.01 8.26
C VAL A 429 34.83 -8.61 8.84
N ARG A 430 35.05 -7.60 8.01
CA ARG A 430 34.88 -6.21 8.42
C ARG A 430 34.68 -5.36 7.16
N ARG A 431 34.63 -4.05 7.33
CA ARG A 431 34.49 -3.12 6.22
C ARG A 431 35.89 -2.74 5.73
N PHE A 432 36.17 -3.06 4.46
CA PHE A 432 37.47 -2.78 3.86
C PHE A 432 37.38 -1.54 2.99
N ASN A 433 38.29 -0.61 3.20
CA ASN A 433 38.28 0.64 2.44
C ASN A 433 38.76 0.39 1.02
N THR A 434 37.97 0.85 0.04
CA THR A 434 38.35 0.75 -1.37
C THR A 434 38.34 2.11 -2.05
N ALA A 435 38.17 3.20 -1.31
CA ALA A 435 38.19 4.52 -1.92
C ALA A 435 39.60 4.94 -2.33
N ASN A 436 40.62 4.39 -1.68
CA ASN A 436 42.01 4.74 -1.95
C ASN A 436 42.64 3.86 -3.01
N ASP A 437 41.85 3.03 -3.69
CA ASP A 437 42.39 2.18 -4.74
C ASP A 437 42.74 3.03 -5.97
N ASP A 438 43.24 2.36 -7.00
CA ASP A 438 43.64 3.06 -8.22
C ASP A 438 42.43 3.67 -8.91
N ASN A 439 42.57 4.93 -9.31
CA ASN A 439 41.45 5.67 -9.88
C ASN A 439 41.79 6.39 -11.18
N VAL A 440 43.02 6.32 -11.66
CA VAL A 440 43.45 7.17 -12.77
C VAL A 440 44.10 6.40 -13.92
N THR A 441 44.49 5.14 -13.76
CA THR A 441 45.26 4.47 -14.81
C THR A 441 44.41 4.19 -16.03
N GLN A 442 43.29 3.47 -15.84
CA GLN A 442 42.42 3.17 -16.97
C GLN A 442 41.79 4.44 -17.54
N VAL A 443 41.54 5.43 -16.68
CA VAL A 443 41.06 6.73 -17.16
C VAL A 443 42.09 7.36 -18.10
N ARG A 444 43.35 7.34 -17.69
CA ARG A 444 44.41 7.90 -18.54
C ARG A 444 44.52 7.12 -19.84
N ALA A 445 44.38 5.80 -19.78
CA ALA A 445 44.44 4.99 -20.99
C ALA A 445 43.32 5.35 -21.95
N PHE A 446 42.10 5.49 -21.43
CA PHE A 446 40.97 5.89 -22.27
C PHE A 446 41.17 7.29 -22.82
N TYR A 447 41.83 8.16 -22.05
CA TYR A 447 42.00 9.55 -22.48
C TYR A 447 43.02 9.67 -23.60
N VAL A 448 44.17 9.01 -23.44
CA VAL A 448 45.30 9.22 -24.35
C VAL A 448 45.44 8.10 -25.38
N ASN A 449 44.57 7.09 -25.36
CA ASN A 449 44.66 5.99 -26.31
C ASN A 449 43.41 5.83 -27.16
N VAL A 450 42.22 5.99 -26.58
CA VAL A 450 40.99 5.77 -27.32
C VAL A 450 40.54 7.05 -28.00
N LEU A 451 40.51 8.15 -27.26
CA LEU A 451 40.06 9.42 -27.80
C LEU A 451 41.16 10.07 -28.64
N ASN A 452 40.74 10.77 -29.69
CA ASN A 452 41.64 11.64 -30.43
C ASN A 452 41.62 13.03 -29.79
N GLU A 453 42.27 13.99 -30.44
CA GLU A 453 42.45 15.29 -29.78
C GLU A 453 41.15 16.10 -29.81
N GLU A 454 40.41 16.05 -30.91
CA GLU A 454 39.15 16.79 -30.98
C GLU A 454 38.12 16.19 -30.02
N GLN A 455 38.12 14.87 -29.88
CA GLN A 455 37.24 14.24 -28.89
C GLN A 455 37.65 14.64 -27.48
N ARG A 456 38.96 14.77 -27.23
CA ARG A 456 39.41 15.24 -25.92
C ARG A 456 38.95 16.67 -25.66
N LYS A 457 39.04 17.53 -26.67
CA LYS A 457 38.57 18.91 -26.51
C LYS A 457 37.07 18.95 -26.24
N ARG A 458 36.30 18.15 -26.96
CA ARG A 458 34.85 18.12 -26.73
C ARG A 458 34.53 17.59 -25.34
N LEU A 459 35.24 16.55 -24.90
CA LEU A 459 35.06 16.04 -23.54
C LEU A 459 35.33 17.11 -22.49
N CYS A 460 36.46 17.80 -22.62
CA CYS A 460 36.82 18.83 -21.64
C CYS A 460 35.80 19.97 -21.68
N GLU A 461 35.32 20.33 -22.87
CA GLU A 461 34.38 21.44 -22.99
C GLU A 461 33.04 21.07 -22.36
N ASN A 462 32.59 19.83 -22.55
CA ASN A 462 31.35 19.38 -21.89
C ASN A 462 31.51 19.39 -20.38
N ILE A 463 32.63 18.84 -19.89
CA ILE A 463 32.87 18.80 -18.45
C ILE A 463 32.87 20.21 -17.86
N ALA A 464 33.54 21.14 -18.55
CA ALA A 464 33.61 22.51 -18.05
C ALA A 464 32.24 23.20 -18.11
N GLY A 465 31.51 22.99 -19.19
CA GLY A 465 30.18 23.59 -19.31
C GLY A 465 29.25 23.12 -18.22
N HIS A 466 29.39 21.87 -17.79
CA HIS A 466 28.55 21.40 -16.69
C HIS A 466 29.08 21.86 -15.33
N LEU A 467 30.41 21.88 -15.16
CA LEU A 467 31.01 22.15 -13.85
C LEU A 467 31.04 23.63 -13.50
N LYS A 468 30.94 24.52 -14.50
CA LYS A 468 31.08 25.95 -14.24
C LYS A 468 30.07 26.48 -13.22
N ASP A 469 29.01 25.74 -12.94
CA ASP A 469 27.98 26.25 -12.02
C ASP A 469 28.29 25.94 -10.56
N ALA A 470 29.19 25.01 -10.29
CA ALA A 470 29.53 24.69 -8.91
C ALA A 470 30.37 25.79 -8.30
N GLN A 471 30.57 25.71 -6.98
CA GLN A 471 31.39 26.67 -6.27
C GLN A 471 32.86 26.54 -6.69
N ILE A 472 33.66 27.52 -6.27
CA ILE A 472 35.05 27.59 -6.72
C ILE A 472 35.87 26.44 -6.14
N PHE A 473 35.67 26.12 -4.86
CA PHE A 473 36.46 25.07 -4.24
C PHE A 473 36.09 23.69 -4.80
N ILE A 474 34.81 23.49 -5.14
CA ILE A 474 34.41 22.25 -5.77
C ILE A 474 35.05 22.12 -7.16
N GLN A 475 35.08 23.22 -7.90
CA GLN A 475 35.79 23.23 -9.19
C GLN A 475 37.26 22.91 -9.00
N LYS A 476 37.88 23.45 -7.94
CA LYS A 476 39.28 23.19 -7.69
C LYS A 476 39.53 21.72 -7.39
N LYS A 477 38.66 21.12 -6.57
CA LYS A 477 38.81 19.69 -6.26
C LYS A 477 38.62 18.82 -7.50
N ALA A 478 37.60 19.14 -8.31
CA ALA A 478 37.36 18.37 -9.53
C ALA A 478 38.54 18.48 -10.49
N VAL A 479 39.05 19.70 -10.70
CA VAL A 479 40.18 19.88 -11.61
C VAL A 479 41.44 19.26 -11.03
N LYS A 480 41.56 19.19 -9.71
CA LYS A 480 42.70 18.51 -9.10
C LYS A 480 42.66 17.02 -9.41
N ASN A 481 41.48 16.41 -9.29
CA ASN A 481 41.33 15.00 -9.67
C ASN A 481 41.63 14.80 -11.15
N PHE A 482 41.13 15.69 -12.00
CA PHE A 482 41.38 15.56 -13.44
C PHE A 482 42.85 15.72 -13.76
N THR A 483 43.56 16.58 -13.04
CA THR A 483 44.99 16.76 -13.25
C THR A 483 45.76 15.54 -12.79
N GLU A 484 45.33 14.95 -11.66
CA GLU A 484 45.96 13.71 -11.21
C GLU A 484 45.72 12.59 -12.21
N VAL A 485 44.62 12.64 -12.95
CA VAL A 485 44.44 11.70 -14.07
C VAL A 485 45.52 11.92 -15.11
N HIS A 486 45.57 13.13 -15.68
CA HIS A 486 46.56 13.49 -16.71
C HIS A 486 46.62 15.01 -16.81
N PRO A 487 47.82 15.59 -16.94
CA PRO A 487 47.93 17.05 -16.86
C PRO A 487 47.16 17.79 -17.96
N ASP A 488 47.09 17.23 -19.17
CA ASP A 488 46.36 17.90 -20.25
C ASP A 488 44.87 17.98 -19.93
N TYR A 489 44.32 16.91 -19.36
CA TYR A 489 42.89 16.86 -19.01
C TYR A 489 42.52 18.00 -18.08
N GLY A 490 43.12 18.02 -16.89
CA GLY A 490 42.83 19.07 -15.93
C GLY A 490 43.23 20.43 -16.41
N SER A 491 44.30 20.52 -17.20
CA SER A 491 44.75 21.81 -17.73
C SER A 491 43.69 22.43 -18.65
N HIS A 492 43.19 21.64 -19.60
CA HIS A 492 42.16 22.15 -20.51
C HIS A 492 40.88 22.47 -19.75
N ILE A 493 40.51 21.62 -18.79
CA ILE A 493 39.29 21.87 -18.03
C ILE A 493 39.42 23.16 -17.23
N GLN A 494 40.58 23.39 -16.62
CA GLN A 494 40.78 24.60 -15.82
C GLN A 494 40.82 25.83 -16.71
N ALA A 495 41.43 25.74 -17.89
CA ALA A 495 41.43 26.86 -18.82
C ALA A 495 40.00 27.22 -19.24
N LEU A 496 39.20 26.21 -19.56
CA LEU A 496 37.82 26.47 -19.96
C LEU A 496 37.00 27.05 -18.80
N LEU A 497 37.26 26.57 -17.58
CA LEU A 497 36.55 27.12 -16.42
C LEU A 497 36.94 28.57 -16.18
N ASP A 498 38.23 28.90 -16.33
CA ASP A 498 38.67 30.29 -16.20
C ASP A 498 38.01 31.15 -17.27
N LYS A 499 37.91 30.64 -18.50
CA LYS A 499 37.21 31.40 -19.55
C LYS A 499 35.74 31.60 -19.19
N TYR A 500 35.12 30.60 -18.57
CA TYR A 500 33.70 30.71 -18.22
C TYR A 500 33.47 31.78 -17.16
N ASN A 501 34.27 31.77 -16.10
CA ASN A 501 34.12 32.74 -15.02
C ASN A 501 34.44 34.15 -15.49
N ARG B 5 -11.00 -40.61 9.19
CA ARG B 5 -11.26 -39.23 9.57
C ARG B 5 -12.21 -38.57 8.57
N ASP B 6 -12.78 -37.43 8.97
CA ASP B 6 -13.66 -36.68 8.10
C ASP B 6 -12.87 -36.13 6.91
N PRO B 7 -13.54 -35.85 5.79
CA PRO B 7 -12.82 -35.39 4.60
C PRO B 7 -12.02 -34.11 4.81
N ALA B 8 -12.38 -33.28 5.79
CA ALA B 8 -11.62 -32.07 6.06
C ALA B 8 -10.22 -32.42 6.59
N SER B 9 -10.12 -33.46 7.39
CA SER B 9 -8.84 -33.83 7.99
C SER B 9 -7.90 -34.48 6.97
N ASP B 10 -8.46 -35.11 5.95
CA ASP B 10 -7.67 -35.86 4.97
C ASP B 10 -7.33 -35.03 3.73
N GLN B 11 -7.18 -33.72 3.89
CA GLN B 11 -6.89 -32.86 2.74
C GLN B 11 -5.55 -33.22 2.11
N MET B 12 -4.49 -33.31 2.91
CA MET B 12 -3.17 -33.57 2.36
C MET B 12 -3.06 -35.00 1.84
N GLN B 13 -3.65 -35.96 2.56
CA GLN B 13 -3.63 -37.34 2.08
C GLN B 13 -4.35 -37.45 0.74
N HIS B 14 -5.49 -36.78 0.59
CA HIS B 14 -6.20 -36.80 -0.68
C HIS B 14 -5.37 -36.14 -1.78
N TRP B 15 -4.74 -34.99 -1.47
CA TRP B 15 -3.93 -34.32 -2.48
C TRP B 15 -2.78 -35.22 -2.92
N LYS B 16 -2.19 -35.97 -2.00
CA LYS B 16 -1.15 -36.92 -2.36
C LYS B 16 -1.71 -38.07 -3.20
N GLU B 17 -2.90 -38.55 -2.87
CA GLU B 17 -3.49 -39.68 -3.58
C GLU B 17 -3.84 -39.31 -5.02
N GLN B 18 -4.61 -38.25 -5.22
CA GLN B 18 -4.94 -37.86 -6.59
C GLN B 18 -3.73 -37.37 -7.38
N ARG B 19 -2.55 -37.32 -6.77
CA ARG B 19 -1.31 -37.03 -7.49
C ARG B 19 -0.39 -38.23 -7.54
N ALA B 20 -0.95 -39.43 -7.41
CA ALA B 20 -0.15 -40.65 -7.41
C ALA B 20 0.50 -40.88 -8.78
N ALA B 21 1.59 -41.64 -8.76
CA ALA B 21 2.39 -42.03 -9.93
C ALA B 21 3.08 -40.84 -10.59
N GLN B 22 3.08 -39.67 -9.96
CA GLN B 22 3.73 -38.49 -10.51
C GLN B 22 4.89 -38.10 -9.61
N LYS B 23 6.02 -37.76 -10.22
CA LYS B 23 7.17 -37.28 -9.47
C LYS B 23 6.93 -35.87 -8.97
N ALA B 24 7.52 -35.54 -7.83
CA ALA B 24 7.37 -34.21 -7.25
C ALA B 24 7.94 -33.15 -8.18
N ASP B 25 7.24 -32.04 -8.30
CA ASP B 25 7.69 -30.95 -9.15
C ASP B 25 9.02 -30.38 -8.65
N VAL B 26 9.64 -29.58 -9.49
CA VAL B 26 10.92 -28.94 -9.15
C VAL B 26 10.64 -27.74 -8.27
N LEU B 27 11.38 -27.64 -7.17
CA LEU B 27 11.25 -26.51 -6.26
C LEU B 27 11.93 -25.29 -6.89
N THR B 28 11.16 -24.23 -7.10
CA THR B 28 11.63 -23.05 -7.82
C THR B 28 11.45 -21.81 -6.95
N THR B 29 12.20 -20.77 -7.30
CA THR B 29 11.98 -19.45 -6.72
C THR B 29 10.74 -18.82 -7.37
N GLY B 30 10.42 -17.60 -6.93
CA GLY B 30 9.28 -16.90 -7.50
C GLY B 30 9.45 -16.63 -8.99
N ALA B 31 10.69 -16.52 -9.46
CA ALA B 31 10.98 -16.24 -10.85
C ALA B 31 11.21 -17.51 -11.67
N GLY B 32 10.97 -18.68 -11.10
CA GLY B 32 11.06 -19.93 -11.83
C GLY B 32 12.43 -20.57 -11.88
N ASN B 33 13.41 -20.03 -11.15
CA ASN B 33 14.73 -20.64 -11.13
C ASN B 33 14.72 -21.86 -10.21
N PRO B 34 15.29 -22.99 -10.63
CA PRO B 34 15.31 -24.17 -9.76
C PRO B 34 16.17 -23.92 -8.52
N VAL B 35 15.67 -24.40 -7.38
CA VAL B 35 16.34 -24.23 -6.10
C VAL B 35 17.22 -25.44 -5.85
N GLY B 36 18.52 -25.22 -5.68
CA GLY B 36 19.42 -26.33 -5.42
C GLY B 36 19.17 -26.97 -4.07
N ASP B 37 18.98 -26.14 -3.04
CA ASP B 37 18.73 -26.65 -1.70
C ASP B 37 18.00 -25.58 -0.90
N LYS B 38 16.88 -25.95 -0.29
CA LYS B 38 16.08 -25.03 0.51
C LYS B 38 15.99 -25.49 1.95
N LEU B 39 16.99 -26.24 2.41
CA LEU B 39 17.06 -26.67 3.81
C LEU B 39 18.25 -26.12 4.56
N ASN B 40 19.19 -25.48 3.87
CA ASN B 40 20.33 -24.83 4.52
C ASN B 40 20.59 -23.49 3.86
N VAL B 41 21.26 -22.62 4.59
CA VAL B 41 21.58 -21.28 4.12
C VAL B 41 23.07 -21.19 3.83
N ILE B 42 23.44 -20.20 3.02
CA ILE B 42 24.84 -19.96 2.67
C ILE B 42 25.52 -19.23 3.82
N THR B 43 26.52 -19.87 4.41
CA THR B 43 27.25 -19.29 5.54
C THR B 43 28.74 -19.29 5.23
N VAL B 44 29.49 -18.58 6.06
CA VAL B 44 30.96 -18.53 5.92
C VAL B 44 31.49 -19.68 6.76
N GLY B 45 31.49 -20.87 6.17
CA GLY B 45 31.87 -22.07 6.89
C GLY B 45 30.70 -22.64 7.66
N PRO B 46 30.94 -23.73 8.40
CA PRO B 46 29.84 -24.37 9.13
C PRO B 46 29.27 -23.50 10.24
N ARG B 47 30.06 -22.60 10.81
CA ARG B 47 29.61 -21.72 11.90
C ARG B 47 29.86 -20.27 11.54
N GLY B 48 29.49 -19.88 10.33
CA GLY B 48 29.73 -18.53 9.86
C GLY B 48 28.45 -17.75 9.63
N PRO B 49 28.59 -16.44 9.47
CA PRO B 49 27.41 -15.60 9.24
C PRO B 49 26.79 -15.82 7.86
N LEU B 50 25.50 -15.49 7.77
CA LEU B 50 24.76 -15.68 6.53
C LEU B 50 25.13 -14.62 5.50
N LEU B 51 25.02 -14.98 4.23
CA LEU B 51 25.41 -14.11 3.13
C LEU B 51 24.19 -13.48 2.46
N VAL B 52 24.41 -12.31 1.87
CA VAL B 52 23.36 -11.64 1.11
C VAL B 52 23.06 -12.40 -0.18
N GLN B 53 24.08 -13.03 -0.76
CA GLN B 53 23.92 -13.70 -2.05
C GLN B 53 23.02 -14.93 -1.98
N ASP B 54 22.50 -15.27 -0.80
CA ASP B 54 21.50 -16.34 -0.66
C ASP B 54 20.15 -15.78 -1.10
N VAL B 55 19.91 -15.82 -2.40
CA VAL B 55 18.72 -15.19 -2.97
C VAL B 55 17.47 -16.01 -2.64
N VAL B 56 17.61 -17.33 -2.54
CA VAL B 56 16.45 -18.19 -2.27
C VAL B 56 15.86 -17.86 -0.90
N PHE B 57 16.72 -17.80 0.11
CA PHE B 57 16.26 -17.53 1.48
C PHE B 57 15.56 -16.17 1.56
N THR B 58 16.21 -15.12 1.04
CA THR B 58 15.62 -13.79 1.15
C THR B 58 14.35 -13.68 0.33
N ASP B 59 14.28 -14.38 -0.81
CA ASP B 59 13.06 -14.37 -1.61
C ASP B 59 11.90 -14.97 -0.84
N GLU B 60 12.06 -16.21 -0.35
CA GLU B 60 10.95 -16.85 0.35
C GLU B 60 10.65 -16.12 1.66
N MET B 61 11.66 -15.52 2.28
CA MET B 61 11.44 -14.84 3.55
C MET B 61 10.68 -13.53 3.34
N ALA B 62 10.98 -12.80 2.28
CA ALA B 62 10.22 -11.59 1.99
C ALA B 62 8.79 -11.93 1.59
N HIS B 63 8.61 -12.99 0.81
CA HIS B 63 7.23 -13.38 0.46
C HIS B 63 6.47 -13.84 1.70
N PHE B 64 7.17 -14.44 2.66
CA PHE B 64 6.55 -14.79 3.93
C PHE B 64 6.22 -13.54 4.74
N ASP B 65 7.09 -12.55 4.69
CA ASP B 65 6.88 -11.29 5.40
C ASP B 65 5.73 -10.48 4.82
N ARG B 66 5.36 -10.73 3.56
CA ARG B 66 4.25 -10.03 2.94
C ARG B 66 3.06 -10.97 2.72
N GLU B 67 2.79 -11.83 3.70
CA GLU B 67 1.71 -12.80 3.57
C GLU B 67 0.37 -12.25 4.04
N ARG B 68 0.36 -11.40 5.06
CA ARG B 68 -0.88 -10.91 5.64
C ARG B 68 -1.38 -9.68 4.89
N ILE B 69 -2.64 -9.73 4.48
CA ILE B 69 -3.33 -8.54 3.96
C ILE B 69 -4.29 -8.10 5.06
N PRO B 70 -4.79 -6.87 5.04
CA PRO B 70 -5.73 -6.46 6.09
C PRO B 70 -6.98 -7.32 6.10
N GLU B 71 -7.42 -7.68 7.29
CA GLU B 71 -8.68 -8.41 7.42
C GLU B 71 -9.84 -7.46 7.14
N ARG B 72 -10.99 -8.05 6.84
CA ARG B 72 -12.19 -7.24 6.62
C ARG B 72 -12.51 -6.43 7.86
N VAL B 73 -12.95 -5.19 7.67
CA VAL B 73 -13.28 -4.33 8.80
C VAL B 73 -14.40 -4.95 9.62
N VAL B 74 -15.37 -5.57 8.97
CA VAL B 74 -16.38 -6.40 9.62
C VAL B 74 -16.50 -7.69 8.82
N HIS B 75 -17.00 -8.73 9.48
CA HIS B 75 -17.19 -10.05 8.86
C HIS B 75 -15.85 -10.66 8.45
N ALA B 76 -14.87 -10.57 9.35
CA ALA B 76 -13.54 -11.09 9.03
C ALA B 76 -13.55 -12.62 9.00
N LYS B 77 -13.94 -13.26 10.10
CA LYS B 77 -13.95 -14.71 10.17
C LYS B 77 -15.09 -15.26 9.32
N GLY B 78 -14.75 -16.06 8.31
CA GLY B 78 -15.76 -16.55 7.39
C GLY B 78 -15.35 -17.82 6.68
N ALA B 79 -16.34 -18.43 6.03
CA ALA B 79 -16.16 -19.63 5.22
C ALA B 79 -16.72 -19.38 3.84
N GLY B 80 -16.28 -20.19 2.87
CA GLY B 80 -16.66 -19.99 1.49
C GLY B 80 -17.05 -21.29 0.80
N ALA B 81 -17.89 -21.15 -0.21
CA ALA B 81 -18.34 -22.28 -1.02
C ALA B 81 -18.73 -21.75 -2.40
N PHE B 82 -18.96 -22.68 -3.32
CA PHE B 82 -19.33 -22.32 -4.68
C PHE B 82 -20.44 -23.24 -5.16
N GLY B 83 -21.24 -22.74 -6.09
CA GLY B 83 -22.32 -23.55 -6.65
C GLY B 83 -23.05 -22.84 -7.77
N TYR B 84 -24.36 -23.10 -7.88
CA TYR B 84 -25.14 -22.50 -8.95
C TYR B 84 -26.50 -22.07 -8.42
N PHE B 85 -27.02 -20.99 -9.00
CA PHE B 85 -28.39 -20.55 -8.80
C PHE B 85 -29.20 -20.99 -10.00
N GLU B 86 -30.26 -21.75 -9.76
CA GLU B 86 -31.12 -22.29 -10.81
C GLU B 86 -32.49 -21.64 -10.72
N VAL B 87 -32.92 -21.03 -11.80
CA VAL B 87 -34.24 -20.39 -11.86
C VAL B 87 -35.31 -21.48 -11.97
N THR B 88 -36.32 -21.43 -11.11
CA THR B 88 -37.41 -22.38 -11.14
C THR B 88 -38.78 -21.73 -11.37
N HIS B 89 -38.86 -20.41 -11.39
CA HIS B 89 -40.13 -19.72 -11.60
C HIS B 89 -39.88 -18.47 -12.44
N ASP B 90 -40.94 -18.02 -13.12
CA ASP B 90 -40.85 -16.92 -14.07
C ASP B 90 -41.25 -15.62 -13.37
N ILE B 91 -40.27 -14.75 -13.14
CA ILE B 91 -40.52 -13.41 -12.60
C ILE B 91 -40.14 -12.33 -13.60
N THR B 92 -40.12 -12.68 -14.89
CA THR B 92 -39.76 -11.71 -15.93
C THR B 92 -40.69 -10.51 -15.93
N LYS B 93 -41.93 -10.69 -15.46
CA LYS B 93 -42.85 -9.55 -15.34
C LYS B 93 -42.36 -8.53 -14.33
N TYR B 94 -41.44 -8.91 -13.44
CA TYR B 94 -40.92 -8.01 -12.42
C TYR B 94 -39.56 -7.43 -12.76
N SER B 95 -38.65 -8.25 -13.31
CA SER B 95 -37.28 -7.81 -13.56
C SER B 95 -36.78 -8.38 -14.88
N LYS B 96 -36.11 -7.53 -15.65
CA LYS B 96 -35.48 -7.93 -16.91
C LYS B 96 -34.06 -8.44 -16.70
N ALA B 97 -33.71 -8.81 -15.46
CA ALA B 97 -32.35 -9.24 -15.17
C ALA B 97 -32.03 -10.56 -15.87
N LYS B 98 -30.89 -10.59 -16.55
CA LYS B 98 -30.49 -11.78 -17.28
C LYS B 98 -30.36 -13.00 -16.37
N VAL B 99 -30.11 -12.79 -15.08
CA VAL B 99 -30.08 -13.90 -14.13
C VAL B 99 -31.44 -14.57 -14.01
N PHE B 100 -32.52 -13.87 -14.37
CA PHE B 100 -33.88 -14.39 -14.27
C PHE B 100 -34.56 -14.49 -15.64
N GLU B 101 -33.80 -14.82 -16.70
CA GLU B 101 -34.39 -14.84 -18.04
C GLU B 101 -35.44 -15.94 -18.17
N HIS B 102 -35.01 -17.20 -18.03
CA HIS B 102 -35.90 -18.32 -18.33
C HIS B 102 -35.71 -19.43 -17.30
N ILE B 103 -36.66 -20.36 -17.31
CA ILE B 103 -36.63 -21.47 -16.36
C ILE B 103 -35.47 -22.39 -16.68
N GLY B 104 -34.82 -22.89 -15.64
CA GLY B 104 -33.70 -23.79 -15.79
C GLY B 104 -32.35 -23.14 -16.01
N LYS B 105 -32.30 -21.81 -16.06
CA LYS B 105 -31.02 -21.13 -16.25
C LYS B 105 -30.17 -21.25 -15.00
N LYS B 106 -28.96 -21.78 -15.16
CA LYS B 106 -28.02 -21.97 -14.06
C LYS B 106 -26.93 -20.91 -14.15
N THR B 107 -26.77 -20.13 -13.09
CA THR B 107 -25.73 -19.12 -13.02
C THR B 107 -24.74 -19.47 -11.92
N PRO B 108 -23.44 -19.50 -12.22
CA PRO B 108 -22.46 -19.78 -11.17
C PRO B 108 -22.52 -18.74 -10.05
N ILE B 109 -22.34 -19.21 -8.82
CA ILE B 109 -22.41 -18.35 -7.64
C ILE B 109 -21.28 -18.72 -6.69
N ALA B 110 -20.77 -17.69 -6.01
CA ALA B 110 -19.79 -17.87 -4.93
C ALA B 110 -20.40 -17.30 -3.65
N VAL B 111 -20.34 -18.08 -2.58
CA VAL B 111 -21.03 -17.74 -1.34
C VAL B 111 -20.03 -17.68 -0.20
N ARG B 112 -20.17 -16.67 0.65
CA ARG B 112 -19.35 -16.52 1.85
C ARG B 112 -20.23 -16.31 3.06
N PHE B 113 -20.03 -17.15 4.07
CA PHE B 113 -20.65 -16.97 5.38
C PHE B 113 -19.65 -16.28 6.30
N SER B 114 -20.17 -15.49 7.24
CA SER B 114 -19.26 -14.76 8.13
C SER B 114 -19.97 -14.38 9.41
N THR B 115 -19.17 -13.96 10.38
CA THR B 115 -19.64 -13.42 11.65
C THR B 115 -19.24 -11.95 11.73
N VAL B 116 -20.17 -11.09 12.12
CA VAL B 116 -20.01 -9.65 11.88
C VAL B 116 -18.90 -9.06 12.75
N ALA B 117 -18.83 -9.44 14.02
CA ALA B 117 -17.92 -8.78 14.95
C ALA B 117 -16.67 -9.61 15.25
N GLY B 118 -16.67 -10.89 14.93
CA GLY B 118 -15.50 -11.71 15.21
C GLY B 118 -14.35 -11.40 14.28
N GLU B 119 -13.14 -11.34 14.85
CA GLU B 119 -11.94 -11.14 14.05
C GLU B 119 -11.50 -12.46 13.42
N SER B 120 -10.49 -12.38 12.56
CA SER B 120 -9.95 -13.56 11.92
C SER B 120 -9.29 -14.46 12.97
N GLY B 121 -9.86 -15.65 13.16
CA GLY B 121 -9.35 -16.57 14.16
C GLY B 121 -10.13 -16.62 15.46
N SER B 122 -11.33 -16.05 15.49
CA SER B 122 -12.16 -16.09 16.69
C SER B 122 -13.10 -17.29 16.65
N ALA B 123 -13.88 -17.44 17.70
CA ALA B 123 -14.81 -18.57 17.79
C ALA B 123 -15.93 -18.41 16.76
N ASP B 124 -16.40 -19.55 16.25
CA ASP B 124 -17.44 -19.52 15.22
C ASP B 124 -18.83 -19.59 15.84
N THR B 125 -18.98 -20.35 16.91
CA THR B 125 -20.28 -20.52 17.58
C THR B 125 -20.42 -19.45 18.65
N VAL B 126 -20.74 -18.24 18.20
CA VAL B 126 -20.99 -17.11 19.09
C VAL B 126 -22.29 -16.44 18.68
N ARG B 127 -22.89 -15.75 19.64
CA ARG B 127 -24.12 -14.99 19.38
C ARG B 127 -23.75 -13.72 18.61
N ASP B 128 -24.08 -13.70 17.33
CA ASP B 128 -23.70 -12.59 16.45
C ASP B 128 -24.44 -12.77 15.13
N PRO B 129 -24.86 -11.68 14.48
CA PRO B 129 -25.49 -11.83 13.16
C PRO B 129 -24.54 -12.48 12.16
N ARG B 130 -25.06 -13.44 11.41
CA ARG B 130 -24.29 -14.17 10.42
C ARG B 130 -24.56 -13.57 9.05
N GLY B 131 -23.50 -13.22 8.34
CA GLY B 131 -23.63 -12.65 7.02
C GLY B 131 -23.53 -13.71 5.93
N PHE B 132 -24.38 -13.57 4.93
CA PHE B 132 -24.54 -14.50 3.81
C PHE B 132 -24.33 -13.67 2.55
N ALA B 133 -23.19 -13.84 1.87
CA ALA B 133 -22.89 -13.07 0.68
C ALA B 133 -22.90 -13.99 -0.53
N VAL B 134 -23.62 -13.60 -1.58
CA VAL B 134 -23.71 -14.38 -2.81
C VAL B 134 -23.25 -13.50 -3.96
N LYS B 135 -22.41 -14.06 -4.82
CA LYS B 135 -21.94 -13.40 -6.03
C LYS B 135 -22.39 -14.25 -7.21
N PHE B 136 -23.34 -13.72 -7.97
CA PHE B 136 -23.83 -14.36 -9.19
C PHE B 136 -23.00 -13.86 -10.37
N TYR B 137 -22.54 -14.79 -11.20
CA TYR B 137 -21.75 -14.43 -12.39
C TYR B 137 -22.68 -14.37 -13.60
N THR B 138 -23.51 -13.34 -13.62
CA THR B 138 -24.47 -13.15 -14.70
C THR B 138 -23.73 -12.69 -15.96
N GLU B 139 -24.30 -13.03 -17.13
CA GLU B 139 -23.77 -12.52 -18.39
C GLU B 139 -23.67 -10.99 -18.38
N ASP B 140 -24.54 -10.33 -17.63
CA ASP B 140 -24.44 -8.89 -17.41
C ASP B 140 -23.65 -8.56 -16.15
N GLY B 141 -22.46 -9.15 -16.03
CA GLY B 141 -21.58 -8.85 -14.92
C GLY B 141 -21.91 -9.62 -13.66
N ASN B 142 -21.30 -9.18 -12.56
CA ASN B 142 -21.52 -9.82 -11.28
C ASN B 142 -22.63 -9.11 -10.51
N TRP B 143 -23.44 -9.90 -9.82
CA TRP B 143 -24.49 -9.40 -8.95
C TRP B 143 -24.18 -9.85 -7.53
N ASP B 144 -23.97 -8.89 -6.63
CA ASP B 144 -23.58 -9.18 -5.25
C ASP B 144 -24.79 -8.98 -4.35
N LEU B 145 -25.42 -10.08 -3.96
CA LEU B 145 -26.49 -10.05 -2.97
C LEU B 145 -25.85 -10.32 -1.61
N VAL B 146 -25.59 -9.27 -0.85
CA VAL B 146 -24.84 -9.36 0.39
C VAL B 146 -25.82 -9.13 1.53
N GLY B 147 -26.38 -10.22 2.06
CA GLY B 147 -27.39 -10.14 3.09
C GLY B 147 -26.92 -10.73 4.40
N ASN B 148 -27.87 -10.86 5.32
CA ASN B 148 -27.61 -11.39 6.65
C ASN B 148 -28.50 -12.61 6.88
N ASN B 149 -28.32 -13.23 8.04
CA ASN B 149 -29.23 -14.28 8.50
C ASN B 149 -30.44 -13.71 9.22
N THR B 150 -30.61 -12.39 9.20
CA THR B 150 -31.73 -11.69 9.79
C THR B 150 -32.32 -10.72 8.76
N PRO B 151 -33.65 -10.59 8.72
CA PRO B 151 -34.26 -9.74 7.69
C PRO B 151 -34.11 -8.25 7.95
N ILE B 152 -33.50 -7.86 9.06
CA ILE B 152 -33.35 -6.46 9.45
C ILE B 152 -31.92 -6.23 9.91
N PHE B 153 -31.67 -5.02 10.40
CA PHE B 153 -30.38 -4.66 10.99
C PHE B 153 -30.65 -3.87 12.27
N PHE B 154 -29.56 -3.52 12.96
CA PHE B 154 -29.70 -2.82 14.23
C PHE B 154 -30.12 -1.37 14.05
N ILE B 155 -29.54 -0.68 13.07
CA ILE B 155 -29.78 0.74 12.85
C ILE B 155 -30.46 0.93 11.50
N ARG B 156 -30.82 2.17 11.22
CA ARG B 156 -31.47 2.53 9.97
C ARG B 156 -30.80 3.70 9.26
N ASP B 157 -29.62 4.12 9.71
CA ASP B 157 -28.92 5.26 9.13
C ASP B 157 -27.46 4.92 8.97
N PRO B 158 -26.90 5.00 7.75
CA PRO B 158 -25.52 4.57 7.53
C PRO B 158 -24.50 5.39 8.31
N ILE B 159 -24.79 6.65 8.61
CA ILE B 159 -23.88 7.49 9.39
C ILE B 159 -23.66 6.95 10.80
N LEU B 160 -24.48 6.01 11.25
CA LEU B 160 -24.30 5.36 12.55
C LEU B 160 -23.56 4.03 12.46
N PHE B 161 -23.21 3.57 11.26
CA PHE B 161 -22.67 2.22 11.14
C PHE B 161 -21.27 2.07 11.74
N PRO B 162 -20.30 2.97 11.47
CA PRO B 162 -19.00 2.82 12.14
C PRO B 162 -19.12 2.81 13.66
N SER B 163 -19.80 3.80 14.23
CA SER B 163 -19.98 3.87 15.68
C SER B 163 -20.51 2.56 16.23
N PHE B 164 -21.62 2.07 15.68
CA PHE B 164 -22.16 0.78 16.09
C PHE B 164 -21.08 -0.29 16.09
N ILE B 165 -20.35 -0.42 14.99
CA ILE B 165 -19.29 -1.41 14.90
C ILE B 165 -18.26 -1.17 15.99
N HIS B 166 -17.89 0.08 16.21
CA HIS B 166 -16.92 0.40 17.26
C HIS B 166 -17.42 -0.05 18.62
N SER B 167 -18.73 -0.01 18.83
CA SER B 167 -19.27 -0.47 20.10
C SER B 167 -19.28 -1.99 20.18
N GLN B 168 -19.39 -2.67 19.05
CA GLN B 168 -19.45 -4.14 19.06
C GLN B 168 -18.06 -4.76 19.16
N LYS B 169 -17.02 -4.02 18.82
CA LYS B 169 -15.66 -4.52 18.86
C LYS B 169 -14.98 -4.11 20.17
N ARG B 170 -13.68 -4.31 20.24
CA ARG B 170 -12.94 -4.20 21.49
C ARG B 170 -12.79 -2.75 21.94
N ASN B 171 -12.57 -2.58 23.23
CA ASN B 171 -12.34 -1.26 23.80
C ASN B 171 -11.08 -0.65 23.18
N PRO B 172 -11.08 0.67 22.92
CA PRO B 172 -9.91 1.27 22.28
C PRO B 172 -8.66 1.27 23.16
N GLN B 173 -8.83 1.26 24.48
CA GLN B 173 -7.67 1.30 25.38
C GLN B 173 -7.30 -0.08 25.91
N THR B 174 -8.28 -0.84 26.36
CA THR B 174 -7.99 -2.15 26.96
C THR B 174 -7.97 -3.29 25.94
N HIS B 175 -8.53 -3.06 24.75
CA HIS B 175 -8.59 -4.08 23.70
C HIS B 175 -9.39 -5.30 24.15
N LEU B 176 -10.36 -5.08 25.02
CA LEU B 176 -11.21 -6.14 25.53
C LEU B 176 -12.64 -5.93 25.04
N LYS B 177 -13.40 -7.03 24.98
CA LYS B 177 -14.83 -6.92 24.70
C LYS B 177 -15.52 -6.20 25.84
N ASP B 178 -16.32 -5.20 25.52
CA ASP B 178 -16.93 -4.32 26.51
C ASP B 178 -18.45 -4.35 26.38
N PRO B 179 -19.16 -5.06 27.26
CA PRO B 179 -20.62 -4.98 27.25
C PRO B 179 -21.13 -3.57 27.55
N ASP B 180 -20.32 -2.78 28.24
CA ASP B 180 -20.68 -1.39 28.51
C ASP B 180 -20.91 -0.62 27.21
N MET B 181 -19.94 -0.69 26.29
CA MET B 181 -20.09 -0.03 25.00
C MET B 181 -21.31 -0.55 24.25
N VAL B 182 -21.43 -1.87 24.16
CA VAL B 182 -22.52 -2.50 23.43
C VAL B 182 -23.87 -1.97 23.92
N TRP B 183 -24.11 -2.09 25.22
CA TRP B 183 -25.44 -1.77 25.74
C TRP B 183 -25.66 -0.28 25.88
N ASP B 184 -24.59 0.52 26.04
CA ASP B 184 -24.75 1.97 25.99
C ASP B 184 -25.24 2.39 24.61
N PHE B 185 -24.58 1.89 23.55
CA PHE B 185 -25.03 2.23 22.19
C PHE B 185 -26.44 1.71 21.93
N TRP B 186 -26.73 0.49 22.39
CA TRP B 186 -28.05 -0.09 22.09
C TRP B 186 -29.15 0.65 22.84
N SER B 187 -28.88 1.10 24.05
CA SER B 187 -29.90 1.82 24.82
C SER B 187 -30.05 3.26 24.36
N LEU B 188 -28.98 3.85 23.82
CA LEU B 188 -29.11 5.20 23.26
C LEU B 188 -29.74 5.20 21.87
N ARG B 189 -29.88 4.05 21.24
CA ARG B 189 -30.51 3.93 19.92
C ARG B 189 -31.59 2.87 20.02
N PRO B 190 -32.83 3.26 20.35
CA PRO B 190 -33.90 2.27 20.53
C PRO B 190 -34.27 1.52 19.25
N GLU B 191 -33.89 2.05 18.08
CA GLU B 191 -34.21 1.36 16.82
C GLU B 191 -33.54 0.00 16.71
N SER B 192 -32.68 -0.37 17.67
CA SER B 192 -32.07 -1.69 17.69
C SER B 192 -32.97 -2.74 18.34
N LEU B 193 -33.99 -2.32 19.09
CA LEU B 193 -34.79 -3.25 19.89
C LEU B 193 -35.28 -4.44 19.08
N HIS B 194 -35.53 -4.25 17.79
CA HIS B 194 -35.99 -5.36 16.96
C HIS B 194 -34.86 -6.36 16.72
N GLN B 195 -33.73 -5.88 16.19
CA GLN B 195 -32.66 -6.80 15.82
C GLN B 195 -32.05 -7.48 17.04
N VAL B 196 -31.93 -6.75 18.15
CA VAL B 196 -31.50 -7.37 19.41
C VAL B 196 -32.44 -8.52 19.77
N SER B 197 -33.74 -8.32 19.57
CA SER B 197 -34.69 -9.40 19.83
C SER B 197 -34.42 -10.59 18.93
N PHE B 198 -33.99 -10.34 17.70
CA PHE B 198 -33.58 -11.44 16.82
C PHE B 198 -32.24 -12.02 17.24
N LEU B 199 -31.38 -11.19 17.83
CA LEU B 199 -30.02 -11.62 18.11
C LEU B 199 -29.97 -12.54 19.32
N PHE B 200 -30.74 -12.24 20.35
CA PHE B 200 -30.72 -13.02 21.58
C PHE B 200 -31.80 -14.11 21.59
N SER B 201 -32.48 -14.32 20.48
CA SER B 201 -33.44 -15.41 20.36
C SER B 201 -32.67 -16.71 20.09
N ASP B 202 -33.40 -17.76 19.73
CA ASP B 202 -32.74 -19.04 19.47
C ASP B 202 -31.87 -18.98 18.22
N ARG B 203 -32.29 -18.22 17.22
CA ARG B 203 -31.55 -18.13 15.95
C ARG B 203 -30.36 -17.18 16.03
N GLY B 204 -29.97 -16.75 17.23
CA GLY B 204 -28.78 -15.94 17.37
C GLY B 204 -27.50 -16.74 17.23
N ILE B 205 -27.55 -18.02 17.55
CA ILE B 205 -26.42 -18.93 17.36
C ILE B 205 -26.87 -20.08 16.49
N PRO B 206 -26.88 -19.92 15.16
CA PRO B 206 -27.30 -21.02 14.30
C PRO B 206 -26.31 -22.18 14.36
N ASP B 207 -26.82 -23.36 14.03
CA ASP B 207 -26.00 -24.59 14.02
C ASP B 207 -25.36 -24.70 12.65
N GLY B 208 -24.14 -24.20 12.53
CA GLY B 208 -23.47 -24.18 11.24
C GLY B 208 -24.09 -23.15 10.31
N HIS B 209 -23.59 -23.14 9.09
CA HIS B 209 -24.04 -22.21 8.07
C HIS B 209 -25.11 -22.78 7.15
N ARG B 210 -25.41 -24.06 7.28
CA ARG B 210 -26.42 -24.69 6.43
C ARG B 210 -27.80 -24.71 7.07
N HIS B 211 -27.91 -24.34 8.35
CA HIS B 211 -29.17 -24.36 9.08
C HIS B 211 -29.59 -22.94 9.48
N MET B 212 -29.41 -21.99 8.56
CA MET B 212 -29.79 -20.61 8.80
C MET B 212 -30.39 -20.03 7.53
N ASN B 213 -31.30 -19.08 7.71
CA ASN B 213 -31.92 -18.44 6.57
C ASN B 213 -31.10 -17.25 6.10
N GLY B 214 -31.34 -16.83 4.87
CA GLY B 214 -30.64 -15.69 4.33
C GLY B 214 -31.60 -14.59 3.88
N TYR B 215 -31.19 -13.35 4.08
CA TYR B 215 -32.05 -12.20 3.82
C TYR B 215 -31.21 -11.08 3.24
N GLY B 216 -31.50 -10.69 2.01
CA GLY B 216 -30.92 -9.47 1.47
C GLY B 216 -31.20 -8.27 2.35
N SER B 217 -32.35 -8.27 3.03
CA SER B 217 -32.70 -7.37 4.12
C SER B 217 -32.98 -5.96 3.64
N HIS B 218 -32.71 -5.68 2.38
CA HIS B 218 -32.95 -4.35 1.82
C HIS B 218 -34.10 -4.39 0.84
N THR B 219 -34.74 -3.25 0.68
CA THR B 219 -35.66 -3.04 -0.44
C THR B 219 -34.83 -2.77 -1.68
N PHE B 220 -35.12 -3.48 -2.76
CA PHE B 220 -34.47 -3.26 -4.05
C PHE B 220 -35.53 -2.84 -5.06
N LYS B 221 -35.08 -2.46 -6.25
CA LYS B 221 -35.98 -2.00 -7.29
C LYS B 221 -35.86 -2.96 -8.48
N LEU B 222 -36.94 -3.66 -8.77
CA LEU B 222 -37.01 -4.55 -9.92
C LEU B 222 -37.64 -3.77 -11.08
N VAL B 223 -36.98 -3.83 -12.24
CA VAL B 223 -37.43 -3.12 -13.43
C VAL B 223 -37.61 -4.14 -14.55
N ASN B 224 -38.77 -4.11 -15.18
CA ASN B 224 -39.06 -5.03 -16.29
C ASN B 224 -38.65 -4.39 -17.60
N ALA B 225 -38.80 -5.16 -18.69
CA ALA B 225 -38.43 -4.65 -20.01
C ALA B 225 -39.29 -3.47 -20.43
N ASN B 226 -40.53 -3.41 -19.97
CA ASN B 226 -41.42 -2.32 -20.36
C ASN B 226 -41.17 -1.05 -19.56
N GLY B 227 -40.33 -1.08 -18.54
CA GLY B 227 -39.94 0.10 -17.81
C GLY B 227 -40.63 0.33 -16.49
N GLU B 228 -41.60 -0.51 -16.13
CA GLU B 228 -42.25 -0.35 -14.83
C GLU B 228 -41.37 -0.92 -13.72
N ALA B 229 -41.40 -0.26 -12.57
CA ALA B 229 -40.55 -0.61 -11.44
C ALA B 229 -41.39 -0.97 -10.23
N VAL B 230 -40.94 -1.99 -9.50
CA VAL B 230 -41.55 -2.41 -8.25
C VAL B 230 -40.46 -2.51 -7.19
N TYR B 231 -40.87 -2.57 -5.93
CA TYR B 231 -39.96 -2.75 -4.81
C TYR B 231 -39.93 -4.22 -4.43
N CYS B 232 -38.77 -4.66 -3.94
CA CYS B 232 -38.53 -6.09 -3.72
C CYS B 232 -37.77 -6.30 -2.43
N LYS B 233 -37.89 -7.52 -1.92
CA LYS B 233 -37.11 -8.00 -0.79
C LYS B 233 -36.71 -9.44 -1.06
N PHE B 234 -35.42 -9.71 -1.12
CA PHE B 234 -34.91 -11.03 -1.46
C PHE B 234 -34.77 -11.87 -0.19
N HIS B 235 -35.42 -13.02 -0.19
CA HIS B 235 -35.27 -14.03 0.85
C HIS B 235 -34.69 -15.28 0.22
N TYR B 236 -34.03 -16.10 1.02
CA TYR B 236 -33.61 -17.43 0.59
C TYR B 236 -33.44 -18.28 1.83
N LYS B 237 -34.40 -19.18 2.01
CA LYS B 237 -34.55 -19.96 3.23
C LYS B 237 -33.92 -21.34 3.05
N THR B 238 -33.35 -21.85 4.14
CA THR B 238 -32.59 -23.09 4.06
C THR B 238 -33.51 -24.29 3.85
N ASP B 239 -33.13 -25.16 2.93
CA ASP B 239 -33.83 -26.42 2.69
C ASP B 239 -33.42 -27.51 3.66
N GLN B 240 -32.38 -27.29 4.46
CA GLN B 240 -31.95 -28.23 5.49
C GLN B 240 -32.66 -27.98 6.81
N GLY B 241 -33.55 -27.01 6.88
CA GLY B 241 -34.28 -26.70 8.10
C GLY B 241 -33.48 -25.83 9.04
N ILE B 242 -34.20 -24.97 9.76
CA ILE B 242 -33.57 -24.10 10.76
C ILE B 242 -33.18 -24.94 11.96
N LYS B 243 -31.92 -24.81 12.38
CA LYS B 243 -31.41 -25.54 13.53
C LYS B 243 -30.41 -24.66 14.26
N ASN B 244 -30.54 -24.58 15.58
CA ASN B 244 -29.74 -23.68 16.39
C ASN B 244 -29.06 -24.45 17.51
N LEU B 245 -27.94 -23.89 17.98
CA LEU B 245 -27.19 -24.50 19.07
C LEU B 245 -27.56 -23.86 20.40
N SER B 246 -27.64 -24.67 21.43
CA SER B 246 -27.88 -24.14 22.77
C SER B 246 -26.69 -23.32 23.23
N VAL B 247 -26.94 -22.47 24.22
CA VAL B 247 -25.88 -21.59 24.74
C VAL B 247 -24.74 -22.43 25.32
N GLU B 248 -25.08 -23.51 26.02
CA GLU B 248 -24.04 -24.33 26.64
C GLU B 248 -23.25 -25.10 25.58
N ASP B 249 -23.93 -25.67 24.60
CA ASP B 249 -23.23 -26.39 23.54
C ASP B 249 -22.40 -25.43 22.68
N ALA B 250 -22.90 -24.22 22.47
CA ALA B 250 -22.12 -23.22 21.74
C ALA B 250 -20.88 -22.83 22.51
N ALA B 251 -21.01 -22.61 23.81
CA ALA B 251 -19.85 -22.29 24.65
C ALA B 251 -18.85 -23.43 24.64
N ARG B 252 -19.33 -24.67 24.65
CA ARG B 252 -18.43 -25.83 24.56
C ARG B 252 -17.70 -25.85 23.23
N LEU B 253 -18.44 -25.71 22.13
CA LEU B 253 -17.82 -25.76 20.80
C LEU B 253 -16.84 -24.61 20.60
N SER B 254 -17.05 -23.49 21.29
CA SER B 254 -16.13 -22.36 21.14
C SER B 254 -14.70 -22.76 21.52
N GLN B 255 -14.55 -23.64 22.50
CA GLN B 255 -13.21 -24.11 22.87
C GLN B 255 -12.88 -25.45 22.23
N GLU B 256 -13.89 -26.24 21.89
CA GLU B 256 -13.64 -27.51 21.21
C GLU B 256 -13.19 -27.28 19.78
N ASP B 257 -14.03 -26.65 18.97
CA ASP B 257 -13.72 -26.38 17.56
C ASP B 257 -14.10 -24.95 17.25
N PRO B 258 -13.15 -24.00 17.37
CA PRO B 258 -13.44 -22.61 17.03
C PRO B 258 -13.72 -22.39 15.55
N ASP B 259 -13.56 -23.42 14.72
CA ASP B 259 -13.84 -23.35 13.29
C ASP B 259 -14.98 -24.29 12.93
N TYR B 260 -16.03 -24.28 13.76
CA TYR B 260 -17.13 -25.23 13.61
C TYR B 260 -17.82 -25.09 12.26
N GLY B 261 -18.20 -23.86 11.89
CA GLY B 261 -18.94 -23.67 10.65
C GLY B 261 -18.14 -24.03 9.41
N ILE B 262 -16.86 -23.65 9.39
CA ILE B 262 -16.01 -23.96 8.25
C ILE B 262 -15.93 -25.47 8.05
N ARG B 263 -15.66 -26.20 9.13
CA ARG B 263 -15.55 -27.66 9.04
C ARG B 263 -16.88 -28.28 8.65
N ASP B 264 -17.98 -27.79 9.21
CA ASP B 264 -19.30 -28.32 8.88
C ASP B 264 -19.59 -28.17 7.40
N LEU B 265 -19.38 -26.97 6.87
CA LEU B 265 -19.64 -26.73 5.45
C LEU B 265 -18.72 -27.57 4.57
N PHE B 266 -17.43 -27.63 4.91
CA PHE B 266 -16.48 -28.38 4.11
C PHE B 266 -16.86 -29.85 4.06
N ASN B 267 -17.21 -30.42 5.22
CA ASN B 267 -17.57 -31.84 5.26
C ASN B 267 -18.89 -32.08 4.52
N ALA B 268 -19.86 -31.21 4.67
CA ALA B 268 -21.14 -31.38 3.98
C ALA B 268 -20.96 -31.33 2.47
N ILE B 269 -20.03 -30.51 2.00
CA ILE B 269 -19.81 -30.43 0.55
C ILE B 269 -18.93 -31.58 0.08
N ALA B 270 -18.07 -32.09 0.95
CA ALA B 270 -17.13 -33.14 0.55
C ALA B 270 -17.75 -34.53 0.63
N THR B 271 -18.85 -34.69 1.37
CA THR B 271 -19.54 -35.97 1.46
C THR B 271 -20.75 -36.05 0.54
N GLY B 272 -20.97 -35.04 -0.31
CA GLY B 272 -22.00 -35.08 -1.33
C GLY B 272 -23.31 -34.43 -0.95
N LYS B 273 -23.58 -34.24 0.34
CA LYS B 273 -24.83 -33.64 0.78
C LYS B 273 -24.76 -32.12 0.54
N TYR B 274 -24.99 -31.76 -0.72
CA TYR B 274 -24.94 -30.36 -1.14
C TYR B 274 -26.05 -29.58 -0.46
N PRO B 275 -25.74 -28.55 0.34
CA PRO B 275 -26.80 -27.74 0.94
C PRO B 275 -27.48 -26.89 -0.12
N SER B 276 -28.74 -26.53 0.15
CA SER B 276 -29.53 -25.75 -0.79
C SER B 276 -30.38 -24.74 -0.04
N TRP B 277 -30.59 -23.60 -0.68
CA TRP B 277 -31.48 -22.55 -0.18
C TRP B 277 -32.47 -22.19 -1.27
N THR B 278 -33.74 -22.12 -0.91
CA THR B 278 -34.79 -21.75 -1.86
C THR B 278 -35.01 -20.25 -1.86
N PHE B 279 -35.09 -19.68 -3.05
CA PHE B 279 -35.09 -18.23 -3.26
C PHE B 279 -36.51 -17.71 -3.40
N TYR B 280 -36.84 -16.69 -2.61
CA TYR B 280 -38.14 -16.02 -2.66
C TYR B 280 -37.93 -14.52 -2.83
N ILE B 281 -38.97 -13.87 -3.31
CA ILE B 281 -39.00 -12.40 -3.38
C ILE B 281 -40.35 -11.92 -2.85
N GLN B 282 -40.31 -10.90 -2.00
CA GLN B 282 -41.49 -10.13 -1.65
C GLN B 282 -41.57 -8.93 -2.59
N VAL B 283 -42.75 -8.72 -3.17
CA VAL B 283 -42.96 -7.66 -4.16
C VAL B 283 -43.95 -6.65 -3.61
N MET B 284 -43.69 -5.38 -3.89
CA MET B 284 -44.53 -4.27 -3.45
C MET B 284 -44.61 -3.25 -4.59
N THR B 285 -45.77 -2.64 -4.75
CA THR B 285 -45.93 -1.60 -5.76
C THR B 285 -45.61 -0.23 -5.17
N PHE B 286 -45.61 0.78 -6.04
CA PHE B 286 -45.23 2.12 -5.60
C PHE B 286 -46.30 2.75 -4.72
N ASN B 287 -47.56 2.61 -5.11
CA ASN B 287 -48.65 3.13 -4.27
C ASN B 287 -48.74 2.34 -2.97
N GLN B 288 -48.43 1.04 -3.00
CA GLN B 288 -48.35 0.27 -1.77
C GLN B 288 -47.24 0.79 -0.86
N ALA B 289 -46.11 1.21 -1.45
CA ALA B 289 -45.04 1.79 -0.65
C ALA B 289 -45.45 3.13 -0.07
N GLU B 290 -46.26 3.89 -0.82
CA GLU B 290 -46.70 5.19 -0.32
C GLU B 290 -47.83 5.04 0.70
N THR B 291 -48.45 3.87 0.79
CA THR B 291 -49.51 3.63 1.77
C THR B 291 -49.08 2.63 2.84
N PHE B 292 -47.80 2.27 2.88
CA PHE B 292 -47.31 1.37 3.92
C PHE B 292 -47.40 2.07 5.28
N PRO B 293 -47.79 1.35 6.34
CA PRO B 293 -47.88 2.00 7.66
C PRO B 293 -46.55 2.51 8.17
N PHE B 294 -45.47 1.78 7.91
CA PHE B 294 -44.13 2.22 8.27
C PHE B 294 -43.40 2.70 7.02
N ASN B 295 -42.13 3.02 7.19
CA ASN B 295 -41.26 3.30 6.05
C ASN B 295 -40.91 1.99 5.37
N PRO B 296 -41.33 1.76 4.13
CA PRO B 296 -40.98 0.50 3.46
C PRO B 296 -39.49 0.37 3.18
N PHE B 297 -38.75 1.46 3.25
CA PHE B 297 -37.29 1.44 3.07
C PHE B 297 -36.56 1.44 4.41
N ASP B 298 -37.28 1.33 5.51
CA ASP B 298 -36.64 1.22 6.82
C ASP B 298 -36.01 -0.16 6.96
N LEU B 299 -34.71 -0.18 7.30
CA LEU B 299 -34.00 -1.45 7.41
C LEU B 299 -34.39 -2.22 8.66
N THR B 300 -34.93 -1.55 9.67
CA THR B 300 -35.36 -2.21 10.90
C THR B 300 -36.79 -2.74 10.82
N LYS B 301 -37.45 -2.61 9.68
CA LYS B 301 -38.82 -3.07 9.50
C LYS B 301 -38.87 -4.20 8.48
N VAL B 302 -39.84 -5.09 8.65
CA VAL B 302 -40.06 -6.19 7.73
C VAL B 302 -41.37 -5.97 7.00
N TRP B 303 -41.58 -6.75 5.94
CA TRP B 303 -42.85 -6.77 5.24
C TRP B 303 -43.64 -7.98 5.70
N PRO B 304 -44.81 -7.81 6.33
CA PRO B 304 -45.54 -8.96 6.85
C PRO B 304 -45.92 -9.94 5.73
N HIS B 305 -45.86 -11.23 6.07
CA HIS B 305 -46.11 -12.26 5.06
C HIS B 305 -47.56 -12.28 4.61
N LYS B 306 -48.49 -11.88 5.49
CA LYS B 306 -49.90 -11.90 5.13
C LYS B 306 -50.21 -10.85 4.07
N ASP B 307 -49.54 -9.70 4.15
CA ASP B 307 -49.78 -8.62 3.17
C ASP B 307 -48.89 -8.77 1.94
N TYR B 308 -47.72 -9.40 2.09
CA TYR B 308 -46.77 -9.58 0.99
C TYR B 308 -46.22 -11.00 1.08
N PRO B 309 -46.90 -11.96 0.43
CA PRO B 309 -46.42 -13.34 0.49
C PRO B 309 -45.14 -13.53 -0.32
N LEU B 310 -44.41 -14.57 0.03
CA LEU B 310 -43.18 -14.91 -0.69
C LEU B 310 -43.51 -15.49 -2.06
N ILE B 311 -42.78 -15.03 -3.07
CA ILE B 311 -42.93 -15.52 -4.44
C ILE B 311 -41.67 -16.29 -4.80
N PRO B 312 -41.76 -17.59 -5.07
CA PRO B 312 -40.55 -18.37 -5.38
C PRO B 312 -39.94 -17.94 -6.71
N VAL B 313 -38.61 -18.00 -6.76
CA VAL B 313 -37.86 -17.66 -7.97
C VAL B 313 -36.99 -18.85 -8.36
N GLY B 314 -36.10 -19.25 -7.47
CA GLY B 314 -35.19 -20.34 -7.76
C GLY B 314 -34.63 -20.93 -6.48
N LYS B 315 -33.48 -21.60 -6.63
CA LYS B 315 -32.81 -22.22 -5.50
C LYS B 315 -31.31 -22.05 -5.62
N LEU B 316 -30.65 -21.96 -4.47
CA LEU B 316 -29.20 -21.79 -4.38
C LEU B 316 -28.59 -23.09 -3.87
N VAL B 317 -27.74 -23.70 -4.68
CA VAL B 317 -27.08 -24.96 -4.33
C VAL B 317 -25.58 -24.73 -4.31
N LEU B 318 -24.93 -25.19 -3.25
CA LEU B 318 -23.48 -25.06 -3.09
C LEU B 318 -22.86 -26.44 -3.18
N ASN B 319 -22.08 -26.68 -4.24
CA ASN B 319 -21.56 -28.01 -4.52
C ASN B 319 -20.04 -28.11 -4.54
N ARG B 320 -19.31 -27.01 -4.53
CA ARG B 320 -17.86 -27.04 -4.66
C ARG B 320 -17.20 -26.36 -3.48
N ASN B 321 -16.20 -27.01 -2.91
CA ASN B 321 -15.37 -26.40 -1.88
C ASN B 321 -14.25 -25.60 -2.51
N PRO B 322 -13.77 -24.56 -1.83
CA PRO B 322 -12.67 -23.77 -2.38
C PRO B 322 -11.40 -24.60 -2.47
N VAL B 323 -10.68 -24.44 -3.59
CA VAL B 323 -9.39 -25.12 -3.75
C VAL B 323 -8.36 -24.53 -2.81
N ASN B 324 -8.22 -23.20 -2.83
CA ASN B 324 -7.38 -22.48 -1.89
C ASN B 324 -8.24 -21.46 -1.17
N TYR B 325 -8.17 -21.45 0.16
CA TYR B 325 -9.07 -20.60 0.94
C TYR B 325 -8.77 -19.12 0.70
N PHE B 326 -7.50 -18.74 0.77
CA PHE B 326 -7.14 -17.33 0.65
C PHE B 326 -7.51 -16.78 -0.73
N ALA B 327 -7.25 -17.55 -1.78
CA ALA B 327 -7.46 -17.06 -3.13
C ALA B 327 -8.94 -16.98 -3.50
N GLU B 328 -9.81 -17.66 -2.76
CA GLU B 328 -11.21 -17.76 -3.14
C GLU B 328 -12.20 -17.34 -2.06
N VAL B 329 -11.80 -17.32 -0.80
CA VAL B 329 -12.68 -16.94 0.30
C VAL B 329 -12.20 -15.66 0.97
N GLU B 330 -10.89 -15.52 1.13
CA GLU B 330 -10.37 -14.35 1.85
C GLU B 330 -10.22 -13.16 0.91
N GLN B 331 -10.06 -13.42 -0.38
CA GLN B 331 -9.87 -12.35 -1.37
C GLN B 331 -11.12 -12.04 -2.17
N ILE B 332 -12.23 -12.75 -1.93
CA ILE B 332 -13.45 -12.46 -2.66
C ILE B 332 -14.05 -11.16 -2.16
N ALA B 333 -14.52 -10.33 -3.08
CA ALA B 333 -15.05 -9.01 -2.77
C ALA B 333 -16.50 -8.93 -3.21
N PHE B 334 -17.37 -8.52 -2.29
CA PHE B 334 -18.81 -8.40 -2.55
C PHE B 334 -19.18 -6.92 -2.53
N ASP B 335 -19.62 -6.41 -3.67
CA ASP B 335 -20.01 -4.99 -3.80
C ASP B 335 -21.50 -4.89 -4.05
N PRO B 336 -22.29 -4.43 -3.09
CA PRO B 336 -23.73 -4.24 -3.35
C PRO B 336 -24.02 -3.31 -4.51
N SER B 337 -23.07 -2.48 -4.92
CA SER B 337 -23.24 -1.65 -6.11
C SER B 337 -23.19 -2.44 -7.40
N ASN B 338 -22.81 -3.72 -7.34
CA ASN B 338 -22.78 -4.59 -8.51
C ASN B 338 -24.18 -5.15 -8.72
N MET B 339 -24.98 -4.44 -9.52
CA MET B 339 -26.33 -4.87 -9.83
C MET B 339 -26.50 -4.86 -11.35
N PRO B 340 -26.94 -5.95 -11.96
CA PRO B 340 -27.12 -5.99 -13.40
C PRO B 340 -28.35 -5.20 -13.81
N PRO B 341 -28.54 -4.95 -15.11
CA PRO B 341 -29.77 -4.27 -15.54
C PRO B 341 -31.01 -5.05 -15.13
N GLY B 342 -31.96 -4.35 -14.54
CA GLY B 342 -33.15 -4.94 -13.98
C GLY B 342 -33.22 -4.86 -12.46
N ILE B 343 -32.09 -4.76 -11.79
CA ILE B 343 -32.03 -4.59 -10.34
C ILE B 343 -31.37 -3.24 -10.05
N GLU B 344 -31.97 -2.47 -9.16
CA GLU B 344 -31.50 -1.12 -8.85
C GLU B 344 -31.63 -0.87 -7.36
N ALA B 345 -31.00 0.21 -6.91
CA ALA B 345 -31.02 0.58 -5.50
C ALA B 345 -32.32 1.30 -5.14
N SER B 346 -32.61 1.30 -3.86
CA SER B 346 -33.81 1.91 -3.28
C SER B 346 -33.43 3.13 -2.45
N PRO B 347 -34.40 4.01 -2.13
CA PRO B 347 -34.11 5.14 -1.25
C PRO B 347 -33.72 4.74 0.17
N ASP B 348 -33.59 3.45 0.44
CA ASP B 348 -33.09 2.98 1.73
C ASP B 348 -31.72 3.57 2.00
N LYS B 349 -31.63 4.38 3.07
CA LYS B 349 -30.38 5.09 3.37
C LYS B 349 -29.23 4.13 3.58
N MET B 350 -29.48 2.99 4.22
CA MET B 350 -28.42 2.03 4.48
C MET B 350 -27.88 1.44 3.18
N LEU B 351 -28.76 1.14 2.23
CA LEU B 351 -28.29 0.68 0.92
C LEU B 351 -27.49 1.77 0.22
N GLN B 352 -27.89 3.03 0.39
CA GLN B 352 -27.12 4.13 -0.18
C GLN B 352 -25.71 4.19 0.40
N GLY B 353 -25.58 4.01 1.70
CA GLY B 353 -24.26 3.99 2.31
C GLY B 353 -23.43 2.81 1.85
N ARG B 354 -24.06 1.64 1.74
CA ARG B 354 -23.35 0.44 1.27
C ARG B 354 -22.92 0.57 -0.19
N LEU B 355 -23.65 1.35 -0.99
CA LEU B 355 -23.24 1.55 -2.38
C LEU B 355 -21.84 2.15 -2.48
N PHE B 356 -21.45 2.96 -1.49
CA PHE B 356 -20.14 3.58 -1.50
C PHE B 356 -19.13 2.83 -0.65
N ALA B 357 -19.56 2.30 0.50
CA ALA B 357 -18.60 1.83 1.50
C ALA B 357 -17.79 0.64 1.00
N TYR B 358 -18.40 -0.24 0.22
CA TYR B 358 -17.78 -1.53 -0.09
C TYR B 358 -16.64 -1.42 -1.10
N PRO B 359 -16.81 -0.72 -2.24
CA PRO B 359 -15.66 -0.61 -3.16
C PRO B 359 -14.47 0.12 -2.54
N ASP B 360 -14.73 1.07 -1.64
CA ASP B 360 -13.65 1.78 -0.96
C ASP B 360 -12.82 0.82 -0.11
N THR B 361 -13.47 0.06 0.76
CA THR B 361 -12.75 -0.89 1.59
C THR B 361 -12.16 -2.01 0.77
N HIS B 362 -12.70 -2.29 -0.41
CA HIS B 362 -12.11 -3.31 -1.27
C HIS B 362 -10.82 -2.80 -1.91
N ARG B 363 -10.80 -1.53 -2.30
CA ARG B 363 -9.59 -0.95 -2.84
C ARG B 363 -8.53 -0.78 -1.76
N HIS B 364 -8.95 -0.62 -0.50
CA HIS B 364 -7.96 -0.57 0.58
C HIS B 364 -7.43 -1.95 0.92
N ARG B 365 -8.32 -2.93 1.08
CA ARG B 365 -7.93 -4.23 1.61
C ARG B 365 -7.23 -5.08 0.56
N LEU B 366 -7.82 -5.15 -0.64
CA LEU B 366 -7.27 -5.98 -1.70
C LEU B 366 -6.39 -5.21 -2.68
N GLY B 367 -6.75 -3.97 -2.99
CA GLY B 367 -5.99 -3.19 -3.94
C GLY B 367 -6.88 -2.55 -4.99
N PRO B 368 -6.37 -1.51 -5.67
CA PRO B 368 -7.16 -0.82 -6.69
C PRO B 368 -7.71 -1.72 -7.79
N ASN B 369 -6.98 -2.79 -8.13
CA ASN B 369 -7.38 -3.69 -9.21
C ASN B 369 -7.94 -5.01 -8.68
N TYR B 370 -8.68 -4.96 -7.57
CA TYR B 370 -9.19 -6.18 -6.96
C TYR B 370 -10.16 -6.93 -7.87
N LEU B 371 -10.74 -6.25 -8.85
CA LEU B 371 -11.62 -6.93 -9.79
C LEU B 371 -10.86 -7.75 -10.83
N HIS B 372 -9.54 -7.80 -10.74
CA HIS B 372 -8.74 -8.70 -11.57
C HIS B 372 -8.44 -10.02 -10.87
N ILE B 373 -8.69 -10.11 -9.58
CA ILE B 373 -8.56 -11.38 -8.85
C ILE B 373 -9.56 -12.38 -9.45
N PRO B 374 -9.13 -13.61 -9.77
CA PRO B 374 -10.02 -14.54 -10.48
C PRO B 374 -11.37 -14.77 -9.83
N VAL B 375 -11.44 -14.75 -8.50
CA VAL B 375 -12.72 -14.96 -7.83
C VAL B 375 -13.61 -13.73 -7.97
N ASN B 376 -13.02 -12.55 -8.17
CA ASN B 376 -13.78 -11.31 -8.29
C ASN B 376 -14.04 -10.92 -9.74
N CYS B 377 -13.43 -11.60 -10.70
CA CYS B 377 -13.62 -11.25 -12.10
C CYS B 377 -15.03 -11.65 -12.54
N PRO B 378 -15.68 -10.84 -13.38
CA PRO B 378 -16.91 -11.30 -14.05
C PRO B 378 -16.55 -12.15 -15.27
N TYR B 379 -16.01 -13.33 -14.99
CA TYR B 379 -15.45 -14.18 -16.05
C TYR B 379 -16.52 -14.63 -17.04
N ARG B 380 -17.79 -14.64 -16.64
CA ARG B 380 -18.88 -14.95 -17.55
C ARG B 380 -19.41 -13.70 -18.24
N ALA B 381 -18.61 -12.65 -18.31
CA ALA B 381 -19.00 -11.39 -18.95
C ALA B 381 -17.79 -10.81 -19.69
N ARG B 382 -18.03 -9.72 -20.40
CA ARG B 382 -16.97 -9.04 -21.16
C ARG B 382 -16.76 -7.65 -20.58
N VAL B 383 -15.57 -7.42 -20.03
CA VAL B 383 -15.21 -6.13 -19.46
C VAL B 383 -14.57 -5.28 -20.55
N ALA B 384 -15.14 -4.11 -20.79
CA ALA B 384 -14.62 -3.19 -21.80
C ALA B 384 -15.03 -1.78 -21.42
N ASN B 385 -14.06 -0.95 -21.08
CA ASN B 385 -14.32 0.42 -20.64
C ASN B 385 -13.07 1.24 -20.87
N TYR B 386 -13.05 2.43 -20.27
CA TYR B 386 -11.90 3.33 -20.37
C TYR B 386 -11.14 3.44 -19.05
N GLN B 387 -11.42 2.53 -18.11
CA GLN B 387 -10.63 2.44 -16.89
C GLN B 387 -9.30 1.77 -17.20
N ARG B 388 -8.22 2.42 -16.79
CA ARG B 388 -6.88 2.07 -17.26
C ARG B 388 -5.97 1.80 -16.07
N ASP B 389 -4.67 1.80 -16.35
CA ASP B 389 -3.59 1.38 -15.46
C ASP B 389 -3.76 1.70 -13.99
N GLY B 390 -3.54 0.71 -13.14
CA GLY B 390 -3.46 0.90 -11.71
C GLY B 390 -2.42 -0.02 -11.10
N PRO B 391 -2.23 0.06 -9.79
CA PRO B 391 -1.30 -0.85 -9.13
C PRO B 391 -1.75 -2.30 -9.31
N MET B 392 -0.79 -3.15 -9.70
CA MET B 392 -1.05 -4.57 -9.91
C MET B 392 -2.14 -4.77 -10.97
N CYS B 393 -1.78 -4.42 -12.19
CA CYS B 393 -2.63 -4.66 -13.37
C CYS B 393 -2.14 -5.93 -14.07
N MET B 394 -2.93 -7.01 -13.95
CA MET B 394 -2.54 -8.32 -14.47
C MET B 394 -3.35 -8.68 -15.72
N GLN B 395 -3.69 -7.70 -16.53
CA GLN B 395 -4.39 -7.98 -17.79
C GLN B 395 -3.60 -7.39 -18.94
N ASP B 396 -4.18 -7.42 -20.14
CA ASP B 396 -3.60 -6.70 -21.26
C ASP B 396 -3.72 -5.18 -21.09
N ASN B 397 -4.36 -4.72 -20.01
CA ASN B 397 -4.72 -3.31 -19.83
C ASN B 397 -5.56 -2.82 -21.00
N GLN B 398 -6.39 -3.72 -21.53
CA GLN B 398 -7.26 -3.44 -22.69
C GLN B 398 -6.46 -3.02 -23.92
N GLY B 399 -5.19 -3.42 -23.97
CA GLY B 399 -4.38 -3.21 -25.17
C GLY B 399 -4.24 -1.74 -25.53
N GLY B 400 -4.17 -1.48 -26.83
CA GLY B 400 -4.01 -0.12 -27.32
C GLY B 400 -5.31 0.54 -27.70
N ALA B 401 -6.40 0.07 -27.12
CA ALA B 401 -7.70 0.70 -27.36
C ALA B 401 -7.69 2.12 -26.82
N PRO B 402 -8.39 3.05 -27.48
CA PRO B 402 -8.46 4.43 -26.97
C PRO B 402 -9.03 4.46 -25.56
N ASN B 403 -8.47 5.32 -24.73
CA ASN B 403 -8.78 5.36 -23.30
C ASN B 403 -9.60 6.60 -22.92
N TYR B 404 -10.19 7.28 -23.90
CA TYR B 404 -11.02 8.45 -23.64
C TYR B 404 -12.36 8.27 -24.34
N TYR B 405 -13.38 8.94 -23.79
CA TYR B 405 -14.75 8.81 -24.26
C TYR B 405 -15.40 10.19 -24.16
N PRO B 406 -16.09 10.66 -25.21
CA PRO B 406 -16.27 9.95 -26.48
C PRO B 406 -15.08 10.08 -27.42
N ASN B 407 -14.95 9.14 -28.35
CA ASN B 407 -13.88 9.17 -29.34
C ASN B 407 -14.48 8.86 -30.72
N SER B 408 -13.62 8.69 -31.70
CA SER B 408 -14.01 8.40 -33.08
C SER B 408 -13.24 7.21 -33.62
N PHE B 409 -13.06 6.19 -32.79
CA PHE B 409 -12.23 5.05 -33.21
C PHE B 409 -12.83 3.71 -32.81
N GLY B 410 -14.12 3.65 -32.51
CA GLY B 410 -14.78 2.38 -32.27
C GLY B 410 -14.47 1.75 -30.93
N ALA B 411 -14.21 2.54 -29.91
CA ALA B 411 -14.03 2.04 -28.56
C ALA B 411 -15.40 1.72 -27.95
N PRO B 412 -15.45 1.01 -26.82
CA PRO B 412 -16.74 0.64 -26.23
C PRO B 412 -17.68 1.83 -26.09
N GLU B 413 -18.93 1.62 -26.46
CA GLU B 413 -19.97 2.64 -26.44
C GLU B 413 -21.03 2.28 -25.41
N GLN B 414 -21.66 3.30 -24.84
CA GLN B 414 -22.68 3.08 -23.83
C GLN B 414 -23.92 2.44 -24.45
N GLN B 415 -24.55 1.56 -23.67
CA GLN B 415 -25.75 0.85 -24.12
C GLN B 415 -26.97 1.59 -23.60
N PRO B 416 -27.70 2.32 -24.45
CA PRO B 416 -28.78 3.18 -23.93
C PRO B 416 -29.96 2.40 -23.35
N SER B 417 -29.99 1.07 -23.53
CA SER B 417 -31.07 0.27 -22.94
C SER B 417 -30.80 -0.09 -21.48
N ALA B 418 -29.62 0.23 -20.96
CA ALA B 418 -29.28 -0.05 -19.56
C ALA B 418 -29.46 1.19 -18.68
N LEU B 419 -30.25 2.16 -19.13
CA LEU B 419 -30.47 3.37 -18.34
C LEU B 419 -31.25 3.04 -17.06
N GLU B 420 -31.00 3.83 -16.03
CA GLU B 420 -31.65 3.64 -14.74
C GLU B 420 -33.10 4.12 -14.79
N HIS B 421 -33.87 3.67 -13.82
CA HIS B 421 -35.28 4.08 -13.72
C HIS B 421 -35.38 5.42 -13.00
N SER B 422 -36.22 6.30 -13.52
CA SER B 422 -36.34 7.66 -12.99
C SER B 422 -37.53 7.77 -12.04
N ILE B 423 -37.31 8.45 -10.92
CA ILE B 423 -38.35 8.73 -9.93
C ILE B 423 -38.16 10.15 -9.44
N GLN B 424 -39.27 10.86 -9.27
CA GLN B 424 -39.26 12.23 -8.77
C GLN B 424 -39.40 12.22 -7.25
N TYR B 425 -38.47 12.88 -6.58
CA TYR B 425 -38.47 13.00 -5.12
C TYR B 425 -38.64 14.46 -4.73
N SER B 426 -39.59 14.72 -3.84
CA SER B 426 -39.86 16.07 -3.37
C SER B 426 -39.37 16.24 -1.94
N GLY B 427 -39.52 17.46 -1.43
CA GLY B 427 -39.01 17.82 -0.12
C GLY B 427 -37.62 18.43 -0.21
N GLU B 428 -37.28 19.16 0.85
CA GLU B 428 -35.99 19.85 0.88
C GLU B 428 -34.85 18.85 1.05
N VAL B 429 -33.64 19.32 0.76
CA VAL B 429 -32.44 18.50 0.81
C VAL B 429 -31.71 18.85 2.10
N ARG B 430 -31.88 18.01 3.11
CA ARG B 430 -31.22 18.21 4.40
C ARG B 430 -31.17 16.86 5.12
N ARG B 431 -30.72 16.89 6.36
CA ARG B 431 -30.67 15.68 7.20
C ARG B 431 -31.99 15.55 7.95
N PHE B 432 -32.70 14.46 7.71
CA PHE B 432 -33.99 14.19 8.33
C PHE B 432 -33.83 13.20 9.47
N ASN B 433 -34.35 13.56 10.64
CA ASN B 433 -34.21 12.70 11.81
C ASN B 433 -35.14 11.50 11.68
N THR B 434 -34.58 10.30 11.86
CA THR B 434 -35.36 9.07 11.85
C THR B 434 -35.18 8.26 13.13
N ALA B 435 -34.51 8.82 14.14
CA ALA B 435 -34.35 8.10 15.41
C ALA B 435 -35.65 8.04 16.20
N ASN B 436 -36.54 9.01 15.99
CA ASN B 436 -37.80 9.09 16.73
C ASN B 436 -38.93 8.33 16.04
N ASP B 437 -38.63 7.56 14.99
CA ASP B 437 -39.67 6.78 14.32
C ASP B 437 -40.11 5.61 15.21
N ASP B 438 -41.05 4.84 14.69
CA ASP B 438 -41.58 3.72 15.45
C ASP B 438 -40.50 2.66 15.66
N ASN B 439 -40.40 2.18 16.90
CA ASN B 439 -39.34 1.26 17.28
C ASN B 439 -39.83 0.02 18.04
N VAL B 440 -41.13 -0.09 18.32
CA VAL B 440 -41.61 -1.13 19.23
C VAL B 440 -42.75 -1.97 18.66
N THR B 441 -43.40 -1.57 17.57
CA THR B 441 -44.60 -2.30 17.14
C THR B 441 -44.25 -3.67 16.58
N GLN B 442 -43.37 -3.72 15.58
CA GLN B 442 -42.98 -5.00 15.01
C GLN B 442 -42.22 -5.85 16.03
N VAL B 443 -41.48 -5.19 16.93
CA VAL B 443 -40.81 -5.93 18.01
C VAL B 443 -41.86 -6.61 18.89
N ARG B 444 -42.91 -5.88 19.26
CA ARG B 444 -43.97 -6.46 20.08
C ARG B 444 -44.67 -7.59 19.34
N ALA B 445 -44.88 -7.43 18.03
CA ALA B 445 -45.50 -8.48 17.25
C ALA B 445 -44.65 -9.75 17.25
N PHE B 446 -43.35 -9.59 17.03
CA PHE B 446 -42.44 -10.75 17.07
C PHE B 446 -42.41 -11.37 18.47
N TYR B 447 -42.55 -10.55 19.50
CA TYR B 447 -42.46 -11.05 20.87
C TYR B 447 -43.69 -11.86 21.26
N VAL B 448 -44.88 -11.33 20.96
CA VAL B 448 -46.12 -11.91 21.47
C VAL B 448 -46.84 -12.73 20.42
N ASN B 449 -46.32 -12.85 19.21
CA ASN B 449 -46.98 -13.61 18.15
C ASN B 449 -46.12 -14.76 17.62
N VAL B 450 -44.83 -14.54 17.44
CA VAL B 450 -43.97 -15.57 16.85
C VAL B 450 -43.40 -16.47 17.93
N LEU B 451 -42.86 -15.87 18.99
CA LEU B 451 -42.26 -16.66 20.06
C LEU B 451 -43.34 -17.23 20.99
N ASN B 452 -43.06 -18.42 21.52
CA ASN B 452 -43.87 -18.98 22.59
C ASN B 452 -43.29 -18.52 23.92
N GLU B 453 -43.81 -19.04 25.02
CA GLU B 453 -43.43 -18.52 26.33
C GLU B 453 -42.03 -18.99 26.73
N GLU B 454 -41.68 -20.23 26.45
CA GLU B 454 -40.35 -20.72 26.78
C GLU B 454 -39.29 -20.02 25.93
N GLN B 455 -39.61 -19.75 24.66
CA GLN B 455 -38.68 -18.98 23.83
C GLN B 455 -38.54 -17.55 24.37
N ARG B 456 -39.63 -16.97 24.88
CA ARG B 456 -39.54 -15.65 25.49
C ARG B 456 -38.65 -15.67 26.73
N LYS B 457 -38.78 -16.70 27.55
CA LYS B 457 -37.93 -16.82 28.73
C LYS B 457 -36.47 -16.98 28.35
N ARG B 458 -36.19 -17.80 27.33
CA ARG B 458 -34.80 -17.97 26.88
C ARG B 458 -34.25 -16.67 26.32
N LEU B 459 -35.06 -15.94 25.55
CA LEU B 459 -34.64 -14.64 25.03
C LEU B 459 -34.29 -13.68 26.16
N CYS B 460 -35.18 -13.56 27.15
CA CYS B 460 -34.93 -12.64 28.26
C CYS B 460 -33.71 -13.07 29.05
N GLU B 461 -33.52 -14.38 29.23
CA GLU B 461 -32.38 -14.86 30.00
C GLU B 461 -31.07 -14.58 29.28
N ASN B 462 -31.04 -14.76 27.96
CA ASN B 462 -29.84 -14.42 27.19
C ASN B 462 -29.54 -12.93 27.27
N ILE B 463 -30.58 -12.10 27.08
CA ILE B 463 -30.39 -10.65 27.15
C ILE B 463 -29.84 -10.24 28.51
N ALA B 464 -30.39 -10.81 29.58
CA ALA B 464 -29.94 -10.46 30.92
C ALA B 464 -28.52 -10.96 31.17
N GLY B 465 -28.22 -12.18 30.74
CA GLY B 465 -26.88 -12.71 30.92
C GLY B 465 -25.82 -11.87 30.23
N HIS B 466 -26.17 -11.29 29.08
CA HIS B 466 -25.20 -10.42 28.41
C HIS B 466 -25.18 -9.03 29.05
N LEU B 467 -26.34 -8.50 29.45
CA LEU B 467 -26.44 -7.12 29.90
C LEU B 467 -25.96 -6.93 31.34
N LYS B 468 -25.92 -8.00 32.15
CA LYS B 468 -25.58 -7.87 33.56
C LYS B 468 -24.21 -7.22 33.80
N ASP B 469 -23.36 -7.16 32.79
CA ASP B 469 -22.00 -6.62 32.99
C ASP B 469 -21.95 -5.11 32.82
N ALA B 470 -22.95 -4.50 32.20
CA ALA B 470 -22.95 -3.06 32.01
C ALA B 470 -23.24 -2.36 33.34
N GLN B 471 -23.07 -1.04 33.32
CA GLN B 471 -23.35 -0.24 34.51
C GLN B 471 -24.85 -0.22 34.80
N ILE B 472 -25.19 0.30 35.98
CA ILE B 472 -26.58 0.23 36.44
C ILE B 472 -27.47 1.14 35.59
N PHE B 473 -27.00 2.34 35.26
CA PHE B 473 -27.84 3.26 34.50
C PHE B 473 -28.04 2.76 33.06
N ILE B 474 -27.02 2.11 32.50
CA ILE B 474 -27.17 1.52 31.16
C ILE B 474 -28.20 0.40 31.20
N GLN B 475 -28.15 -0.43 32.26
CA GLN B 475 -29.16 -1.47 32.43
C GLN B 475 -30.54 -0.85 32.56
N LYS B 476 -30.66 0.27 33.29
CA LYS B 476 -31.96 0.91 33.44
C LYS B 476 -32.48 1.43 32.11
N LYS B 477 -31.62 2.03 31.30
CA LYS B 477 -32.05 2.53 30.00
C LYS B 477 -32.47 1.38 29.08
N ALA B 478 -31.69 0.30 29.07
CA ALA B 478 -32.03 -0.86 28.24
C ALA B 478 -33.37 -1.45 28.66
N VAL B 479 -33.56 -1.65 29.96
CA VAL B 479 -34.81 -2.24 30.46
C VAL B 479 -35.97 -1.28 30.24
N LYS B 480 -35.71 0.03 30.25
CA LYS B 480 -36.77 0.99 29.93
C LYS B 480 -37.22 0.84 28.49
N ASN B 481 -36.27 0.70 27.57
CA ASN B 481 -36.63 0.44 26.17
C ASN B 481 -37.39 -0.87 26.04
N PHE B 482 -36.94 -1.91 26.72
CA PHE B 482 -37.62 -3.21 26.64
C PHE B 482 -39.02 -3.13 27.21
N THR B 483 -39.22 -2.34 28.26
CA THR B 483 -40.55 -2.17 28.85
C THR B 483 -41.45 -1.38 27.90
N GLU B 484 -40.89 -0.37 27.24
CA GLU B 484 -41.68 0.36 26.25
C GLU B 484 -42.05 -0.53 25.08
N VAL B 485 -41.25 -1.55 24.80
CA VAL B 485 -41.66 -2.56 23.82
C VAL B 485 -42.90 -3.30 24.33
N HIS B 486 -42.78 -3.95 25.48
CA HIS B 486 -43.88 -4.70 26.09
C HIS B 486 -43.55 -4.94 27.55
N PRO B 487 -44.53 -4.80 28.46
CA PRO B 487 -44.21 -4.86 29.90
C PRO B 487 -43.63 -6.19 30.34
N ASP B 488 -44.07 -7.30 29.77
CA ASP B 488 -43.53 -8.60 30.17
C ASP B 488 -42.05 -8.71 29.82
N TYR B 489 -41.67 -8.21 28.66
CA TYR B 489 -40.28 -8.26 28.19
C TYR B 489 -39.35 -7.59 29.19
N GLY B 490 -39.55 -6.29 29.42
CA GLY B 490 -38.71 -5.55 30.35
C GLY B 490 -38.86 -6.06 31.77
N SER B 491 -40.04 -6.53 32.14
CA SER B 491 -40.25 -7.04 33.50
C SER B 491 -39.39 -8.27 33.76
N HIS B 492 -39.42 -9.24 32.85
CA HIS B 492 -38.59 -10.44 33.01
C HIS B 492 -37.12 -10.09 32.96
N ILE B 493 -36.73 -9.19 32.06
CA ILE B 493 -35.32 -8.83 31.96
C ILE B 493 -34.85 -8.16 33.24
N GLN B 494 -35.68 -7.28 33.82
CA GLN B 494 -35.31 -6.60 35.05
C GLN B 494 -35.26 -7.56 36.23
N ALA B 495 -36.19 -8.51 36.28
CA ALA B 495 -36.15 -9.52 37.34
C ALA B 495 -34.87 -10.35 37.26
N LEU B 496 -34.50 -10.77 36.05
CA LEU B 496 -33.28 -11.56 35.90
C LEU B 496 -32.04 -10.73 36.23
N LEU B 497 -32.05 -9.45 35.88
CA LEU B 497 -30.92 -8.58 36.23
C LEU B 497 -30.80 -8.40 37.73
N ASP B 498 -31.94 -8.23 38.41
CA ASP B 498 -31.93 -8.14 39.87
C ASP B 498 -31.40 -9.43 40.48
N LYS B 499 -31.80 -10.57 39.95
CA LYS B 499 -31.26 -11.85 40.43
C LYS B 499 -29.76 -11.92 40.21
N TYR B 500 -29.27 -11.39 39.09
CA TYR B 500 -27.84 -11.46 38.79
C TYR B 500 -27.03 -10.62 39.77
N ASN B 501 -27.46 -9.39 40.01
CA ASN B 501 -26.75 -8.50 40.92
C ASN B 501 -26.80 -9.01 42.35
N ARG C 5 -16.46 -3.24 39.67
CA ARG C 5 -15.81 -4.02 38.62
C ARG C 5 -14.30 -3.78 38.61
N ASP C 6 -13.58 -4.66 37.93
CA ASP C 6 -12.13 -4.53 37.81
C ASP C 6 -11.80 -3.27 36.99
N PRO C 7 -10.59 -2.72 37.18
CA PRO C 7 -10.25 -1.48 36.48
C PRO C 7 -10.32 -1.58 34.96
N ALA C 8 -10.19 -2.79 34.40
CA ALA C 8 -10.30 -2.93 32.94
C ALA C 8 -11.72 -2.64 32.47
N SER C 9 -12.72 -3.01 33.26
CA SER C 9 -14.12 -2.82 32.85
C SER C 9 -14.54 -1.37 32.97
N ASP C 10 -13.91 -0.61 33.85
CA ASP C 10 -14.30 0.78 34.13
C ASP C 10 -13.48 1.79 33.32
N GLN C 11 -13.05 1.41 32.12
CA GLN C 11 -12.24 2.31 31.30
C GLN C 11 -13.01 3.58 30.94
N MET C 12 -14.22 3.41 30.40
CA MET C 12 -14.98 4.57 29.95
C MET C 12 -15.46 5.41 31.14
N GLN C 13 -15.89 4.76 32.22
CA GLN C 13 -16.30 5.50 33.41
C GLN C 13 -15.15 6.32 33.96
N HIS C 14 -13.94 5.73 34.00
CA HIS C 14 -12.79 6.49 34.47
C HIS C 14 -12.46 7.64 33.53
N TRP C 15 -12.52 7.40 32.22
CA TRP C 15 -12.25 8.49 31.26
C TRP C 15 -13.24 9.63 31.45
N LYS C 16 -14.50 9.30 31.73
CA LYS C 16 -15.50 10.34 32.00
C LYS C 16 -15.21 11.06 33.31
N GLU C 17 -14.76 10.32 34.32
CA GLU C 17 -14.52 10.92 35.63
C GLU C 17 -13.34 11.89 35.59
N GLN C 18 -12.19 11.43 35.10
CA GLN C 18 -11.04 12.35 35.04
C GLN C 18 -11.23 13.46 34.02
N ARG C 19 -12.37 13.51 33.33
CA ARG C 19 -12.71 14.62 32.45
C ARG C 19 -13.91 15.40 33.00
N ALA C 20 -14.16 15.31 34.30
CA ALA C 20 -15.30 15.98 34.90
C ALA C 20 -15.14 17.50 34.84
N ALA C 21 -16.27 18.19 34.90
CA ALA C 21 -16.39 19.65 34.88
C ALA C 21 -15.96 20.25 33.54
N GLN C 22 -15.75 19.44 32.51
CA GLN C 22 -15.36 19.92 31.20
C GLN C 22 -16.46 19.62 30.19
N LYS C 23 -16.76 20.60 29.35
CA LYS C 23 -17.75 20.39 28.29
C LYS C 23 -17.16 19.51 27.20
N ALA C 24 -18.03 18.76 26.54
CA ALA C 24 -17.59 17.87 25.47
C ALA C 24 -17.01 18.68 24.32
N ASP C 25 -15.91 18.18 23.76
CA ASP C 25 -15.26 18.84 22.64
C ASP C 25 -16.19 18.92 21.44
N VAL C 26 -15.80 19.73 20.47
CA VAL C 26 -16.58 19.90 19.24
C VAL C 26 -16.29 18.73 18.31
N LEU C 27 -17.34 18.12 17.78
CA LEU C 27 -17.19 17.03 16.83
C LEU C 27 -16.75 17.58 15.48
N THR C 28 -15.59 17.14 15.00
CA THR C 28 -14.99 17.69 13.79
C THR C 28 -14.73 16.58 12.79
N THR C 29 -14.57 16.98 11.54
CA THR C 29 -14.10 16.07 10.51
C THR C 29 -12.59 15.87 10.65
N GLY C 30 -12.02 15.05 9.78
CA GLY C 30 -10.58 14.84 9.82
C GLY C 30 -9.78 16.10 9.58
N ALA C 31 -10.35 17.06 8.86
CA ALA C 31 -9.68 18.32 8.56
C ALA C 31 -10.02 19.43 9.55
N GLY C 32 -10.70 19.11 10.64
CA GLY C 32 -10.97 20.07 11.69
C GLY C 32 -12.22 20.91 11.50
N ASN C 33 -13.04 20.63 10.50
CA ASN C 33 -14.27 21.39 10.31
C ASN C 33 -15.33 20.90 11.28
N PRO C 34 -16.03 21.80 11.96
CA PRO C 34 -17.07 21.36 12.90
C PRO C 34 -18.21 20.65 12.18
N VAL C 35 -18.69 19.57 12.77
CA VAL C 35 -19.76 18.76 12.19
C VAL C 35 -21.09 19.25 12.75
N GLY C 36 -21.98 19.67 11.86
CA GLY C 36 -23.29 20.16 12.30
C GLY C 36 -24.13 19.05 12.90
N ASP C 37 -24.15 17.89 12.26
CA ASP C 37 -24.94 16.75 12.73
C ASP C 37 -24.33 15.48 12.17
N LYS C 38 -24.05 14.52 13.05
CA LYS C 38 -23.45 13.24 12.64
C LYS C 38 -24.38 12.08 12.99
N LEU C 39 -25.69 12.35 13.08
CA LEU C 39 -26.67 11.31 13.32
C LEU C 39 -27.64 11.10 12.17
N ASN C 40 -27.65 11.98 11.17
CA ASN C 40 -28.48 11.82 9.99
C ASN C 40 -27.67 12.18 8.75
N VAL C 41 -28.12 11.66 7.61
CA VAL C 41 -27.46 11.90 6.34
C VAL C 41 -28.31 12.83 5.49
N ILE C 42 -27.67 13.44 4.51
CA ILE C 42 -28.35 14.36 3.59
C ILE C 42 -29.09 13.53 2.54
N THR C 43 -30.40 13.66 2.51
CA THR C 43 -31.24 12.91 1.57
C THR C 43 -32.13 13.88 0.81
N VAL C 44 -32.75 13.36 -0.25
CA VAL C 44 -33.69 14.16 -1.05
C VAL C 44 -35.06 13.98 -0.41
N GLY C 45 -35.31 14.77 0.62
CA GLY C 45 -36.52 14.64 1.40
C GLY C 45 -36.39 13.56 2.46
N PRO C 46 -37.46 13.32 3.20
CA PRO C 46 -37.38 12.33 4.29
C PRO C 46 -37.15 10.91 3.80
N ARG C 47 -37.58 10.58 2.58
CA ARG C 47 -37.43 9.24 2.01
C ARG C 47 -36.72 9.31 0.67
N GLY C 48 -35.63 10.07 0.61
CA GLY C 48 -34.91 10.25 -0.63
C GLY C 48 -33.52 9.65 -0.60
N PRO C 49 -32.91 9.54 -1.77
CA PRO C 49 -31.56 8.97 -1.85
C PRO C 49 -30.50 9.89 -1.25
N LEU C 50 -29.39 9.28 -0.85
CA LEU C 50 -28.30 10.02 -0.21
C LEU C 50 -27.52 10.81 -1.26
N LEU C 51 -26.94 11.91 -0.82
CA LEU C 51 -26.21 12.84 -1.69
C LEU C 51 -24.70 12.67 -1.55
N VAL C 52 -23.99 12.99 -2.62
CA VAL C 52 -22.53 12.96 -2.58
C VAL C 52 -22.00 14.10 -1.71
N GLN C 53 -22.70 15.23 -1.68
CA GLN C 53 -22.23 16.41 -0.95
C GLN C 53 -22.21 16.21 0.55
N ASP C 54 -22.63 15.05 1.05
CA ASP C 54 -22.52 14.72 2.48
C ASP C 54 -21.07 14.30 2.74
N VAL C 55 -20.23 15.31 2.98
CA VAL C 55 -18.80 15.06 3.11
C VAL C 55 -18.48 14.40 4.45
N VAL C 56 -19.25 14.69 5.49
CA VAL C 56 -19.00 14.12 6.82
C VAL C 56 -19.16 12.61 6.77
N PHE C 57 -20.27 12.14 6.19
CA PHE C 57 -20.52 10.70 6.14
C PHE C 57 -19.44 9.98 5.35
N THR C 58 -19.13 10.46 4.15
CA THR C 58 -18.14 9.77 3.32
C THR C 58 -16.75 9.84 3.96
N ASP C 59 -16.44 10.93 4.65
CA ASP C 59 -15.15 11.04 5.34
C ASP C 59 -15.03 9.97 6.41
N GLU C 60 -15.99 9.94 7.35
CA GLU C 60 -15.89 8.96 8.44
C GLU C 60 -16.02 7.55 7.91
N MET C 61 -16.77 7.36 6.83
CA MET C 61 -16.97 6.00 6.29
C MET C 61 -15.71 5.50 5.61
N ALA C 62 -15.00 6.38 4.89
CA ALA C 62 -13.75 5.96 4.28
C ALA C 62 -12.69 5.70 5.34
N HIS C 63 -12.64 6.53 6.39
CA HIS C 63 -11.69 6.27 7.46
C HIS C 63 -12.03 4.97 8.19
N PHE C 64 -13.31 4.64 8.28
CA PHE C 64 -13.72 3.34 8.83
C PHE C 64 -13.31 2.21 7.90
N ASP C 65 -13.43 2.43 6.59
CA ASP C 65 -13.06 1.42 5.60
C ASP C 65 -11.56 1.17 5.55
N ARG C 66 -10.76 2.11 6.04
CA ARG C 66 -9.31 1.95 6.07
C ARG C 66 -8.81 1.80 7.51
N GLU C 67 -9.54 1.04 8.32
CA GLU C 67 -9.17 0.86 9.72
C GLU C 67 -8.22 -0.30 9.94
N ARG C 68 -8.35 -1.37 9.17
CA ARG C 68 -7.56 -2.57 9.38
C ARG C 68 -6.23 -2.47 8.65
N ILE C 69 -5.14 -2.70 9.38
CA ILE C 69 -3.82 -2.87 8.77
C ILE C 69 -3.51 -4.37 8.86
N PRO C 70 -2.56 -4.90 8.07
CA PRO C 70 -2.28 -6.32 8.15
C PRO C 70 -1.81 -6.72 9.54
N GLU C 71 -2.30 -7.85 10.02
CA GLU C 71 -1.83 -8.38 11.29
C GLU C 71 -0.42 -8.93 11.12
N ARG C 72 0.27 -9.08 12.24
CA ARG C 72 1.61 -9.65 12.21
C ARG C 72 1.56 -11.06 11.63
N VAL C 73 2.57 -11.39 10.82
CA VAL C 73 2.61 -12.72 10.20
C VAL C 73 2.66 -13.79 11.27
N VAL C 74 3.39 -13.55 12.35
CA VAL C 74 3.36 -14.38 13.55
C VAL C 74 3.26 -13.46 14.75
N HIS C 75 2.76 -14.00 15.86
CA HIS C 75 2.60 -13.26 17.11
C HIS C 75 1.59 -12.13 16.94
N ALA C 76 0.47 -12.43 16.30
CA ALA C 76 -0.55 -11.42 16.05
C ALA C 76 -1.26 -11.02 17.34
N LYS C 77 -1.87 -11.98 18.03
CA LYS C 77 -2.59 -11.69 19.26
C LYS C 77 -1.59 -11.39 20.37
N GLY C 78 -1.68 -10.18 20.93
CA GLY C 78 -0.71 -9.77 21.94
C GLY C 78 -1.24 -8.67 22.84
N ALA C 79 -0.49 -8.43 23.91
CA ALA C 79 -0.74 -7.38 24.89
C ALA C 79 0.50 -6.53 25.05
N GLY C 80 0.31 -5.31 25.54
CA GLY C 80 1.41 -4.37 25.67
C GLY C 80 1.43 -3.67 27.00
N ALA C 81 2.63 -3.25 27.39
CA ALA C 81 2.83 -2.49 28.63
C ALA C 81 4.08 -1.63 28.47
N PHE C 82 4.29 -0.74 29.43
CA PHE C 82 5.45 0.14 29.40
C PHE C 82 6.04 0.24 30.80
N GLY C 83 7.34 0.52 30.85
CA GLY C 83 8.01 0.67 32.13
C GLY C 83 9.44 1.11 31.99
N TYR C 84 10.30 0.65 32.91
CA TYR C 84 11.71 1.03 32.88
C TYR C 84 12.58 -0.16 33.20
N PHE C 85 13.76 -0.18 32.59
CA PHE C 85 14.82 -1.11 32.94
C PHE C 85 15.82 -0.38 33.81
N GLU C 86 16.07 -0.90 35.00
CA GLU C 86 16.98 -0.28 35.97
C GLU C 86 18.20 -1.17 36.13
N VAL C 87 19.39 -0.61 35.91
CA VAL C 87 20.63 -1.35 36.08
C VAL C 87 20.93 -1.48 37.56
N THR C 88 21.21 -2.71 38.00
CA THR C 88 21.54 -2.99 39.40
C THR C 88 22.92 -3.59 39.59
N HIS C 89 23.62 -3.93 38.51
CA HIS C 89 24.96 -4.53 38.61
C HIS C 89 25.83 -3.99 37.48
N ASP C 90 27.13 -4.04 37.70
CA ASP C 90 28.09 -3.45 36.76
C ASP C 90 28.63 -4.54 35.84
N ILE C 91 28.24 -4.48 34.57
CA ILE C 91 28.75 -5.38 33.54
C ILE C 91 29.54 -4.60 32.48
N THR C 92 30.05 -3.43 32.84
CA THR C 92 30.79 -2.61 31.89
C THR C 92 32.03 -3.34 31.37
N LYS C 93 32.56 -4.28 32.14
CA LYS C 93 33.68 -5.09 31.66
C LYS C 93 33.29 -5.97 30.48
N TYR C 94 32.00 -6.18 30.26
CA TYR C 94 31.52 -7.03 29.17
C TYR C 94 31.01 -6.22 27.98
N SER C 95 30.28 -5.14 28.22
CA SER C 95 29.65 -4.38 27.14
C SER C 95 29.73 -2.89 27.43
N LYS C 96 30.07 -2.12 26.40
CA LYS C 96 30.11 -0.66 26.48
C LYS C 96 28.76 -0.04 26.15
N ALA C 97 27.68 -0.83 26.20
CA ALA C 97 26.36 -0.32 25.83
C ALA C 97 25.89 0.73 26.81
N LYS C 98 25.43 1.86 26.27
CA LYS C 98 24.96 2.96 27.12
C LYS C 98 23.81 2.54 28.03
N VAL C 99 23.06 1.51 27.65
CA VAL C 99 22.00 1.00 28.50
C VAL C 99 22.58 0.41 29.79
N PHE C 100 23.85 0.03 29.79
CA PHE C 100 24.51 -0.57 30.95
C PHE C 100 25.67 0.29 31.46
N GLU C 101 25.54 1.62 31.40
CA GLU C 101 26.66 2.48 31.82
C GLU C 101 26.93 2.36 33.30
N HIS C 102 25.97 2.74 34.14
CA HIS C 102 26.21 2.85 35.57
C HIS C 102 25.02 2.34 36.35
N ILE C 103 25.23 2.12 37.64
CA ILE C 103 24.19 1.59 38.52
C ILE C 103 23.10 2.64 38.68
N GLY C 104 21.85 2.18 38.71
CA GLY C 104 20.72 3.06 38.89
C GLY C 104 20.20 3.73 37.64
N LYS C 105 20.82 3.48 36.49
CA LYS C 105 20.36 4.08 35.25
C LYS C 105 19.03 3.45 34.83
N LYS C 106 18.02 4.29 34.65
CA LYS C 106 16.69 3.85 34.24
C LYS C 106 16.48 4.20 32.78
N THR C 107 16.16 3.19 31.97
CA THR C 107 15.88 3.38 30.56
C THR C 107 14.43 3.01 30.27
N PRO C 108 13.66 3.88 29.62
CA PRO C 108 12.28 3.53 29.28
C PRO C 108 12.23 2.31 28.38
N ILE C 109 11.23 1.47 28.60
CA ILE C 109 11.06 0.23 27.83
C ILE C 109 9.59 0.05 27.50
N ALA C 110 9.36 -0.53 26.33
CA ALA C 110 8.03 -0.94 25.88
C ALA C 110 8.03 -2.45 25.66
N VAL C 111 7.06 -3.15 26.23
CA VAL C 111 7.05 -4.60 26.24
C VAL C 111 5.77 -5.10 25.58
N ARG C 112 5.90 -6.13 24.76
CA ARG C 112 4.76 -6.78 24.13
C ARG C 112 4.83 -8.29 24.35
N PHE C 113 3.77 -8.85 24.89
CA PHE C 113 3.59 -10.29 24.99
C PHE C 113 2.73 -10.76 23.84
N SER C 114 2.96 -11.99 23.39
CA SER C 114 2.20 -12.48 22.24
C SER C 114 2.19 -14.00 22.21
N THR C 115 1.32 -14.54 21.38
CA THR C 115 1.24 -15.97 21.10
C THR C 115 1.62 -16.19 19.64
N VAL C 116 2.47 -17.18 19.38
CA VAL C 116 3.18 -17.25 18.10
C VAL C 116 2.21 -17.59 16.96
N ALA C 117 1.31 -18.55 17.17
CA ALA C 117 0.49 -19.06 16.07
C ALA C 117 -0.94 -18.52 16.09
N GLY C 118 -1.38 -17.93 17.19
CA GLY C 118 -2.74 -17.42 17.25
C GLY C 118 -2.91 -16.16 16.43
N GLU C 119 -4.02 -16.08 15.72
CA GLU C 119 -4.36 -14.88 14.96
C GLU C 119 -4.96 -13.82 15.87
N SER C 120 -5.16 -12.64 15.32
CA SER C 120 -5.78 -11.55 16.07
C SER C 120 -7.22 -11.91 16.42
N GLY C 121 -7.49 -12.06 17.71
CA GLY C 121 -8.81 -12.43 18.17
C GLY C 121 -8.97 -13.89 18.55
N SER C 122 -7.88 -14.63 18.71
CA SER C 122 -7.95 -16.03 19.10
C SER C 122 -7.85 -16.15 20.62
N ALA C 123 -7.93 -17.38 21.12
CA ALA C 123 -7.85 -17.62 22.55
C ALA C 123 -6.45 -17.33 23.06
N ASP C 124 -6.39 -16.85 24.30
CA ASP C 124 -5.09 -16.47 24.88
C ASP C 124 -4.47 -17.64 25.65
N THR C 125 -5.31 -18.44 26.31
CA THR C 125 -4.83 -19.58 27.11
C THR C 125 -4.79 -20.81 26.21
N VAL C 126 -3.74 -20.88 25.39
CA VAL C 126 -3.52 -22.02 24.51
C VAL C 126 -2.06 -22.45 24.66
N ARG C 127 -1.81 -23.72 24.33
CA ARG C 127 -0.45 -24.26 24.37
C ARG C 127 0.29 -23.74 23.14
N ASP C 128 1.21 -22.82 23.36
CA ASP C 128 1.95 -22.17 22.27
C ASP C 128 3.07 -21.36 22.89
N PRO C 129 4.24 -21.26 22.24
CA PRO C 129 5.31 -20.41 22.77
C PRO C 129 4.85 -18.96 22.87
N ARG C 130 5.16 -18.34 24.00
CA ARG C 130 4.80 -16.96 24.27
C ARG C 130 6.01 -16.07 23.98
N GLY C 131 5.79 -15.05 23.16
CA GLY C 131 6.87 -14.12 22.83
C GLY C 131 6.86 -12.91 23.74
N PHE C 132 8.06 -12.50 24.12
CA PHE C 132 8.32 -11.40 25.06
C PHE C 132 9.23 -10.43 24.31
N ALA C 133 8.72 -9.29 23.89
CA ALA C 133 9.51 -8.32 23.15
C ALA C 133 9.71 -7.07 24.01
N VAL C 134 10.96 -6.62 24.12
CA VAL C 134 11.31 -5.44 24.90
C VAL C 134 12.00 -4.45 23.97
N LYS C 135 11.61 -3.19 24.05
CA LYS C 135 12.23 -2.11 23.31
C LYS C 135 12.78 -1.12 24.34
N PHE C 136 14.09 -1.05 24.44
CA PHE C 136 14.77 -0.10 25.30
C PHE C 136 15.05 1.17 24.51
N TYR C 137 14.73 2.32 25.10
CA TYR C 137 14.98 3.61 24.45
C TYR C 137 16.31 4.18 24.96
N THR C 138 17.39 3.55 24.53
CA THR C 138 18.73 3.97 24.93
C THR C 138 19.09 5.27 24.23
N GLU C 139 19.94 6.07 24.88
CA GLU C 139 20.48 7.27 24.24
C GLU C 139 21.13 6.94 22.90
N ASP C 140 21.66 5.73 22.75
CA ASP C 140 22.17 5.25 21.47
C ASP C 140 21.09 4.48 20.70
N GLY C 141 19.91 5.09 20.57
CA GLY C 141 18.85 4.50 19.77
C GLY C 141 18.05 3.46 20.53
N ASN C 142 17.26 2.71 19.78
CA ASN C 142 16.42 1.67 20.35
C ASN C 142 17.13 0.33 20.30
N TRP C 143 16.97 -0.45 21.36
CA TRP C 143 17.47 -1.82 21.44
C TRP C 143 16.29 -2.76 21.57
N ASP C 144 16.13 -3.65 20.60
CA ASP C 144 14.98 -4.56 20.57
C ASP C 144 15.44 -5.94 20.98
N LEU C 145 15.16 -6.31 22.22
CA LEU C 145 15.39 -7.67 22.71
C LEU C 145 14.09 -8.44 22.52
N VAL C 146 14.03 -9.22 21.45
CA VAL C 146 12.79 -9.89 21.06
C VAL C 146 12.97 -11.38 21.32
N GLY C 147 12.59 -11.83 22.51
CA GLY C 147 12.77 -13.20 22.92
C GLY C 147 11.48 -13.95 23.09
N ASN C 148 11.60 -15.15 23.66
CA ASN C 148 10.46 -16.02 23.89
C ASN C 148 10.37 -16.34 25.38
N ASN C 149 9.35 -17.09 25.74
CA ASN C 149 9.23 -17.65 27.08
C ASN C 149 9.98 -18.98 27.20
N THR C 150 10.73 -19.35 26.18
CA THR C 150 11.54 -20.57 26.14
C THR C 150 12.95 -20.20 25.69
N PRO C 151 13.98 -20.83 26.29
CA PRO C 151 15.35 -20.46 25.95
C PRO C 151 15.82 -20.96 24.60
N ILE C 152 14.98 -21.70 23.88
CA ILE C 152 15.34 -22.30 22.60
C ILE C 152 14.20 -22.07 21.62
N PHE C 153 14.34 -22.64 20.44
CA PHE C 153 13.30 -22.63 19.42
C PHE C 153 13.18 -24.02 18.81
N PHE C 154 12.23 -24.18 17.90
CA PHE C 154 11.97 -25.49 17.31
C PHE C 154 13.06 -25.88 16.32
N ILE C 155 13.50 -24.93 15.49
CA ILE C 155 14.46 -25.22 14.42
C ILE C 155 15.74 -24.44 14.70
N ARG C 156 16.73 -24.68 13.85
CA ARG C 156 18.02 -24.01 13.97
C ARG C 156 18.48 -23.37 12.66
N ASP C 157 17.62 -23.30 11.65
CA ASP C 157 17.97 -22.75 10.35
C ASP C 157 16.87 -21.83 9.87
N PRO C 158 17.17 -20.55 9.59
CA PRO C 158 16.10 -19.61 9.22
C PRO C 158 15.36 -19.98 7.95
N ILE C 159 16.01 -20.68 7.01
CA ILE C 159 15.36 -21.11 5.78
C ILE C 159 14.19 -22.06 6.04
N LEU C 160 14.08 -22.61 7.24
CA LEU C 160 12.97 -23.46 7.62
C LEU C 160 11.86 -22.72 8.36
N PHE C 161 12.03 -21.42 8.64
CA PHE C 161 11.07 -20.74 9.50
C PHE C 161 9.70 -20.55 8.84
N PRO C 162 9.59 -20.07 7.59
CA PRO C 162 8.25 -19.99 6.99
C PRO C 162 7.52 -21.33 6.98
N SER C 163 8.17 -22.37 6.47
CA SER C 163 7.57 -23.70 6.42
C SER C 163 7.02 -24.11 7.78
N PHE C 164 7.87 -24.05 8.81
CA PHE C 164 7.41 -24.33 10.17
C PHE C 164 6.14 -23.56 10.50
N ILE C 165 6.15 -22.26 10.28
CA ILE C 165 4.98 -21.44 10.57
C ILE C 165 3.79 -21.93 9.75
N HIS C 166 4.02 -22.25 8.48
CA HIS C 166 2.93 -22.74 7.64
C HIS C 166 2.34 -24.02 8.22
N SER C 167 3.18 -24.84 8.86
CA SER C 167 2.67 -26.07 9.46
C SER C 167 1.89 -25.77 10.75
N GLN C 168 2.26 -24.70 11.45
CA GLN C 168 1.59 -24.38 12.71
C GLN C 168 0.28 -23.66 12.51
N LYS C 169 0.07 -23.06 11.35
CA LYS C 169 -1.15 -22.32 11.05
C LYS C 169 -2.12 -23.20 10.26
N ARG C 170 -3.17 -22.59 9.74
CA ARG C 170 -4.30 -23.33 9.18
C ARG C 170 -3.95 -23.99 7.85
N ASN C 171 -4.71 -25.01 7.52
CA ASN C 171 -4.55 -25.70 6.24
C ASN C 171 -4.81 -24.73 5.09
N PRO C 172 -4.04 -24.81 4.01
CA PRO C 172 -4.24 -23.87 2.91
C PRO C 172 -5.58 -24.01 2.20
N GLN C 173 -6.17 -25.21 2.22
CA GLN C 173 -7.44 -25.43 1.51
C GLN C 173 -8.64 -25.37 2.45
N THR C 174 -8.56 -26.03 3.61
CA THR C 174 -9.69 -26.09 4.52
C THR C 174 -9.70 -24.95 5.52
N HIS C 175 -8.58 -24.26 5.70
CA HIS C 175 -8.46 -23.15 6.66
C HIS C 175 -8.72 -23.62 8.08
N LEU C 176 -8.40 -24.88 8.36
CA LEU C 176 -8.56 -25.46 9.68
C LEU C 176 -7.21 -25.78 10.29
N LYS C 177 -7.17 -25.82 11.61
CA LYS C 177 -5.96 -26.29 12.30
C LYS C 177 -5.75 -27.76 11.99
N ASP C 178 -4.53 -28.09 11.59
CA ASP C 178 -4.21 -29.45 11.12
C ASP C 178 -3.09 -30.04 11.95
N PRO C 179 -3.40 -30.96 12.88
CA PRO C 179 -2.32 -31.67 13.59
C PRO C 179 -1.46 -32.50 12.65
N ASP C 180 -2.02 -32.89 11.50
CA ASP C 180 -1.23 -33.63 10.50
C ASP C 180 -0.02 -32.81 10.05
N MET C 181 -0.25 -31.56 9.65
CA MET C 181 0.85 -30.70 9.24
C MET C 181 1.86 -30.52 10.37
N VAL C 182 1.36 -30.19 11.55
CA VAL C 182 2.22 -29.93 12.72
C VAL C 182 3.15 -31.12 12.95
N TRP C 183 2.57 -32.30 13.10
CA TRP C 183 3.39 -33.45 13.51
C TRP C 183 4.18 -34.03 12.36
N ASP C 184 3.72 -33.86 11.11
CA ASP C 184 4.55 -34.22 9.97
C ASP C 184 5.82 -33.40 9.94
N PHE C 185 5.68 -32.07 10.09
CA PHE C 185 6.87 -31.21 10.10
C PHE C 185 7.76 -31.54 11.30
N TRP C 186 7.15 -31.77 12.47
CA TRP C 186 7.95 -32.00 13.67
C TRP C 186 8.68 -33.34 13.59
N SER C 187 8.07 -34.35 13.00
CA SER C 187 8.71 -35.66 12.89
C SER C 187 9.75 -35.67 11.78
N LEU C 188 9.57 -34.86 10.74
CA LEU C 188 10.59 -34.78 9.69
C LEU C 188 11.77 -33.90 10.11
N ARG C 189 11.65 -33.15 11.20
CA ARG C 189 12.74 -32.30 11.71
C ARG C 189 12.94 -32.65 13.17
N PRO C 190 13.82 -33.61 13.47
CA PRO C 190 14.00 -34.04 14.87
C PRO C 190 14.60 -32.95 15.77
N GLU C 191 15.20 -31.91 15.20
CA GLU C 191 15.76 -30.83 16.01
C GLU C 191 14.70 -30.08 16.82
N SER C 192 13.42 -30.41 16.62
CA SER C 192 12.35 -29.81 17.41
C SER C 192 12.14 -30.54 18.74
N LEU C 193 12.66 -31.76 18.88
CA LEU C 193 12.35 -32.59 20.05
C LEU C 193 12.55 -31.86 21.36
N HIS C 194 13.51 -30.93 21.40
CA HIS C 194 13.75 -30.17 22.63
C HIS C 194 12.60 -29.20 22.90
N GLN C 195 12.31 -28.33 21.93
CA GLN C 195 11.32 -27.28 22.15
C GLN C 195 9.93 -27.87 22.34
N VAL C 196 9.60 -28.92 21.59
CA VAL C 196 8.34 -29.63 21.82
C VAL C 196 8.26 -30.11 23.27
N SER C 197 9.37 -30.60 23.80
CA SER C 197 9.40 -31.02 25.20
C SER C 197 9.11 -29.84 26.13
N PHE C 198 9.58 -28.65 25.75
CA PHE C 198 9.24 -27.45 26.52
C PHE C 198 7.79 -27.03 26.26
N LEU C 199 7.28 -27.32 25.07
CA LEU C 199 5.96 -26.81 24.70
C LEU C 199 4.84 -27.58 25.39
N PHE C 200 4.98 -28.89 25.48
CA PHE C 200 3.95 -29.73 26.07
C PHE C 200 4.18 -30.00 27.55
N SER C 201 5.15 -29.33 28.16
CA SER C 201 5.37 -29.42 29.60
C SER C 201 4.35 -28.52 30.30
N ASP C 202 4.55 -28.30 31.60
CA ASP C 202 3.62 -27.46 32.35
C ASP C 202 3.70 -26.01 31.90
N ARG C 203 4.89 -25.53 31.55
CA ARG C 203 5.08 -24.14 31.15
C ARG C 203 4.66 -23.87 29.71
N GLY C 204 3.96 -24.81 29.07
CA GLY C 204 3.43 -24.55 27.74
C GLY C 204 2.23 -23.64 27.75
N ILE C 205 1.49 -23.62 28.85
CA ILE C 205 0.35 -22.70 29.02
C ILE C 205 0.58 -21.89 30.29
N PRO C 206 1.37 -20.82 30.23
CA PRO C 206 1.60 -20.01 31.44
C PRO C 206 0.33 -19.33 31.89
N ASP C 207 0.29 -19.00 33.18
CA ASP C 207 -0.86 -18.31 33.78
C ASP C 207 -0.63 -16.81 33.62
N GLY C 208 -1.19 -16.26 32.55
CA GLY C 208 -0.96 -14.86 32.26
C GLY C 208 0.46 -14.61 31.77
N HIS C 209 0.74 -13.34 31.56
CA HIS C 209 2.05 -12.92 31.07
C HIS C 209 3.02 -12.52 32.18
N ARG C 210 2.56 -12.45 33.42
CA ARG C 210 3.41 -12.07 34.54
C ARG C 210 4.04 -13.26 35.24
N HIS C 211 3.61 -14.48 34.92
CA HIS C 211 4.10 -15.70 35.55
C HIS C 211 4.85 -16.57 34.55
N MET C 212 5.66 -15.93 33.71
CA MET C 212 6.46 -16.65 32.73
C MET C 212 7.83 -16.00 32.63
N ASN C 213 8.82 -16.81 32.29
CA ASN C 213 10.18 -16.30 32.15
C ASN C 213 10.40 -15.79 30.72
N GLY C 214 11.42 -14.98 30.57
CA GLY C 214 11.78 -14.46 29.27
C GLY C 214 13.19 -14.80 28.87
N TYR C 215 13.40 -15.07 27.59
CA TYR C 215 14.68 -15.53 27.10
C TYR C 215 14.94 -14.92 25.72
N GLY C 216 15.98 -14.10 25.63
CA GLY C 216 16.44 -13.67 24.31
C GLY C 216 16.73 -14.84 23.39
N SER C 217 17.18 -15.95 23.97
CA SER C 217 17.28 -17.27 23.33
C SER C 217 18.40 -17.33 22.31
N HIS C 218 19.01 -16.20 22.00
CA HIS C 218 20.11 -16.16 21.03
C HIS C 218 21.42 -15.87 21.74
N THR C 219 22.50 -16.32 21.12
CA THR C 219 23.83 -15.85 21.49
C THR C 219 24.03 -14.47 20.90
N PHE C 220 24.47 -13.53 21.71
CA PHE C 220 24.80 -12.18 21.26
C PHE C 220 26.28 -11.93 21.51
N LYS C 221 26.78 -10.80 21.01
CA LYS C 221 28.18 -10.45 21.17
C LYS C 221 28.26 -9.17 21.99
N LEU C 222 28.84 -9.26 23.17
CA LEU C 222 29.10 -8.11 24.02
C LEU C 222 30.51 -7.61 23.77
N VAL C 223 30.63 -6.31 23.54
CA VAL C 223 31.92 -5.68 23.24
C VAL C 223 32.15 -4.57 24.26
N ASN C 224 33.31 -4.60 24.89
CA ASN C 224 33.67 -3.58 25.88
C ASN C 224 34.39 -2.42 25.19
N ALA C 225 34.71 -1.40 25.99
CA ALA C 225 35.38 -0.22 25.44
C ALA C 225 36.77 -0.56 24.91
N ASN C 226 37.43 -1.56 25.51
CA ASN C 226 38.77 -1.91 25.07
C ASN C 226 38.80 -2.77 23.82
N GLY C 227 37.63 -3.23 23.35
CA GLY C 227 37.53 -3.94 22.08
C GLY C 227 37.43 -5.45 22.19
N GLU C 228 37.52 -6.01 23.39
CA GLU C 228 37.36 -7.46 23.54
C GLU C 228 35.88 -7.84 23.49
N ALA C 229 35.61 -8.98 22.87
CA ALA C 229 34.24 -9.46 22.66
C ALA C 229 34.02 -10.80 23.34
N VAL C 230 32.84 -10.95 23.92
CA VAL C 230 32.41 -12.21 24.53
C VAL C 230 31.03 -12.55 23.97
N TYR C 231 30.63 -13.80 24.17
CA TYR C 231 29.30 -14.27 23.78
C TYR C 231 28.38 -14.22 24.99
N CYS C 232 27.10 -13.99 24.72
CA CYS C 232 26.14 -13.71 25.78
C CYS C 232 24.81 -14.39 25.48
N LYS C 233 24.05 -14.59 26.55
CA LYS C 233 22.67 -15.06 26.48
C LYS C 233 21.86 -14.29 27.51
N PHE C 234 20.86 -13.56 27.05
CA PHE C 234 20.04 -12.71 27.92
C PHE C 234 18.88 -13.52 28.48
N HIS C 235 18.80 -13.55 29.80
CA HIS C 235 17.65 -14.12 30.51
C HIS C 235 16.98 -13.01 31.30
N TYR C 236 15.71 -13.17 31.60
CA TYR C 236 15.01 -12.28 32.51
C TYR C 236 13.83 -13.06 33.09
N LYS C 237 13.98 -13.44 34.35
CA LYS C 237 13.07 -14.36 35.01
C LYS C 237 12.06 -13.58 35.85
N THR C 238 10.84 -14.10 35.92
CA THR C 238 9.76 -13.38 36.57
C THR C 238 9.95 -13.35 38.09
N ASP C 239 9.74 -12.18 38.67
CA ASP C 239 9.77 -12.01 40.13
C ASP C 239 8.44 -12.37 40.77
N GLN C 240 7.41 -12.61 39.99
CA GLN C 240 6.12 -13.05 40.50
C GLN C 240 6.02 -14.56 40.59
N GLY C 241 7.08 -15.28 40.24
CA GLY C 241 7.08 -16.73 40.29
C GLY C 241 6.45 -17.36 39.08
N ILE C 242 6.98 -18.52 38.69
CA ILE C 242 6.42 -19.26 37.57
C ILE C 242 5.10 -19.90 38.00
N LYS C 243 4.06 -19.69 37.20
CA LYS C 243 2.74 -20.24 37.48
C LYS C 243 2.08 -20.60 36.16
N ASN C 244 1.51 -21.80 36.10
CA ASN C 244 0.94 -22.32 34.86
C ASN C 244 -0.50 -22.75 35.09
N LEU C 245 -1.26 -22.76 34.00
CA LEU C 245 -2.66 -23.17 34.04
C LEU C 245 -2.79 -24.63 33.62
N SER C 246 -3.67 -25.35 34.29
CA SER C 246 -3.96 -26.72 33.91
C SER C 246 -4.65 -26.74 32.55
N VAL C 247 -4.60 -27.90 31.90
CA VAL C 247 -5.20 -28.05 30.57
C VAL C 247 -6.70 -27.80 30.64
N GLU C 248 -7.36 -28.29 31.69
CA GLU C 248 -8.80 -28.12 31.80
C GLU C 248 -9.16 -26.66 32.10
N ASP C 249 -8.43 -26.02 33.00
CA ASP C 249 -8.71 -24.62 33.30
C ASP C 249 -8.37 -23.73 32.10
N ALA C 250 -7.33 -24.08 31.34
CA ALA C 250 -7.02 -23.33 30.13
C ALA C 250 -8.12 -23.48 29.09
N ALA C 251 -8.62 -24.71 28.91
CA ALA C 251 -9.72 -24.93 27.98
C ALA C 251 -10.96 -24.17 28.41
N ARG C 252 -11.22 -24.12 29.71
CA ARG C 252 -12.35 -23.34 30.21
C ARG C 252 -12.17 -21.86 29.92
N LEU C 253 -11.00 -21.30 30.26
CA LEU C 253 -10.75 -19.88 30.05
C LEU C 253 -10.78 -19.52 28.58
N SER C 254 -10.48 -20.47 27.69
CA SER C 254 -10.51 -20.18 26.26
C SER C 254 -11.90 -19.72 25.82
N GLN C 255 -12.95 -20.27 26.42
CA GLN C 255 -14.31 -19.83 26.09
C GLN C 255 -14.84 -18.81 27.09
N GLU C 256 -14.32 -18.81 28.32
CA GLU C 256 -14.75 -17.81 29.30
C GLU C 256 -14.20 -16.44 28.94
N ASP C 257 -12.87 -16.31 28.90
CA ASP C 257 -12.21 -15.04 28.59
C ASP C 257 -11.09 -15.30 27.60
N PRO C 258 -11.38 -15.18 26.29
CA PRO C 258 -10.32 -15.36 25.29
C PRO C 258 -9.24 -14.29 25.34
N ASP C 259 -9.41 -13.27 26.16
CA ASP C 259 -8.42 -12.21 26.33
C ASP C 259 -7.88 -12.22 27.76
N TYR C 260 -7.56 -13.42 28.26
CA TYR C 260 -7.18 -13.58 29.65
C TYR C 260 -5.90 -12.81 29.98
N GLY C 261 -4.87 -12.97 29.16
CA GLY C 261 -3.59 -12.33 29.46
C GLY C 261 -3.67 -10.81 29.41
N ILE C 262 -4.38 -10.28 28.41
CA ILE C 262 -4.52 -8.82 28.29
C ILE C 262 -5.19 -8.26 29.53
N ARG C 263 -6.30 -8.86 29.96
CA ARG C 263 -7.02 -8.39 31.13
C ARG C 263 -6.16 -8.54 32.39
N ASP C 264 -5.47 -9.66 32.52
CA ASP C 264 -4.62 -9.88 33.70
C ASP C 264 -3.55 -8.80 33.80
N LEU C 265 -2.84 -8.54 32.70
CA LEU C 265 -1.79 -7.51 32.72
C LEU C 265 -2.39 -6.14 32.99
N PHE C 266 -3.49 -5.80 32.33
CA PHE C 266 -4.10 -4.48 32.52
C PHE C 266 -4.51 -4.27 33.96
N ASN C 267 -5.15 -5.28 34.57
CA ASN C 267 -5.58 -5.14 35.96
C ASN C 267 -4.39 -5.08 36.90
N ALA C 268 -3.36 -5.89 36.66
CA ALA C 268 -2.19 -5.87 37.53
C ALA C 268 -1.48 -4.52 37.48
N ILE C 269 -1.49 -3.87 36.32
CA ILE C 269 -0.84 -2.56 36.21
C ILE C 269 -1.76 -1.47 36.75
N ALA C 270 -3.08 -1.67 36.68
CA ALA C 270 -4.02 -0.64 37.09
C ALA C 270 -4.29 -0.66 38.59
N THR C 271 -3.99 -1.77 39.27
CA THR C 271 -4.15 -1.87 40.72
C THR C 271 -2.85 -1.64 41.48
N GLY C 272 -1.77 -1.28 40.78
CA GLY C 272 -0.53 -0.89 41.42
C GLY C 272 0.50 -1.99 41.55
N LYS C 273 0.10 -3.26 41.45
CA LYS C 273 1.04 -4.38 41.58
C LYS C 273 1.83 -4.49 40.28
N TYR C 274 2.83 -3.64 40.16
CA TYR C 274 3.68 -3.59 38.97
C TYR C 274 4.48 -4.89 38.86
N PRO C 275 4.32 -5.66 37.78
CA PRO C 275 5.14 -6.86 37.63
C PRO C 275 6.59 -6.50 37.32
N SER C 276 7.48 -7.41 37.67
CA SER C 276 8.91 -7.17 37.47
C SER C 276 9.59 -8.46 37.04
N TRP C 277 10.62 -8.30 36.22
CA TRP C 277 11.48 -9.39 35.78
C TRP C 277 12.92 -9.02 36.06
N THR C 278 13.66 -9.95 36.65
CA THR C 278 15.07 -9.73 36.95
C THR C 278 15.95 -10.21 35.79
N PHE C 279 16.91 -9.37 35.41
CA PHE C 279 17.70 -9.54 34.20
C PHE C 279 19.02 -10.23 34.53
N TYR C 280 19.32 -11.29 33.80
CA TYR C 280 20.57 -12.03 33.92
C TYR C 280 21.23 -12.14 32.55
N ILE C 281 22.54 -12.39 32.57
CA ILE C 281 23.28 -12.70 31.36
C ILE C 281 24.18 -13.90 31.63
N GLN C 282 24.18 -14.85 30.69
CA GLN C 282 25.19 -15.90 30.65
C GLN C 282 26.32 -15.43 29.74
N VAL C 283 27.56 -15.56 30.20
CA VAL C 283 28.73 -15.06 29.48
C VAL C 283 29.61 -16.24 29.12
N MET C 284 30.19 -16.19 27.93
CA MET C 284 31.07 -17.22 27.40
C MET C 284 32.21 -16.55 26.65
N THR C 285 33.41 -17.12 26.76
CA THR C 285 34.55 -16.58 26.02
C THR C 285 34.67 -17.27 24.65
N PHE C 286 35.60 -16.77 23.85
CA PHE C 286 35.73 -17.28 22.49
C PHE C 286 36.33 -18.69 22.48
N ASN C 287 37.36 -18.92 23.28
CA ASN C 287 37.91 -20.27 23.37
C ASN C 287 36.92 -21.23 24.02
N GLN C 288 36.10 -20.73 24.94
CA GLN C 288 35.02 -21.55 25.49
C GLN C 288 34.01 -21.92 24.41
N ALA C 289 33.74 -20.99 23.50
CA ALA C 289 32.83 -21.29 22.38
C ALA C 289 33.46 -22.31 21.43
N GLU C 290 34.77 -22.24 21.26
CA GLU C 290 35.43 -23.19 20.37
C GLU C 290 35.61 -24.55 21.02
N THR C 291 35.45 -24.64 22.35
CA THR C 291 35.55 -25.91 23.06
C THR C 291 34.21 -26.37 23.61
N PHE C 292 33.13 -25.72 23.24
CA PHE C 292 31.80 -26.15 23.68
C PHE C 292 31.47 -27.50 23.05
N PRO C 293 30.85 -28.42 23.81
CA PRO C 293 30.53 -29.73 23.24
C PRO C 293 29.56 -29.65 22.07
N PHE C 294 28.59 -28.75 22.13
CA PHE C 294 27.66 -28.52 21.03
C PHE C 294 28.05 -27.23 20.31
N ASN C 295 27.21 -26.84 19.36
CA ASN C 295 27.35 -25.54 18.73
C ASN C 295 26.83 -24.47 19.68
N PRO C 296 27.68 -23.57 20.18
CA PRO C 296 27.18 -22.53 21.10
C PRO C 296 26.23 -21.56 20.43
N PHE C 297 26.19 -21.52 19.10
CA PHE C 297 25.25 -20.69 18.36
C PHE C 297 24.02 -21.46 17.90
N ASP C 298 23.89 -22.71 18.31
CA ASP C 298 22.70 -23.49 17.98
C ASP C 298 21.52 -22.97 18.81
N LEU C 299 20.43 -22.63 18.13
CA LEU C 299 19.26 -22.09 18.82
C LEU C 299 18.51 -23.15 19.61
N THR C 300 18.68 -24.42 19.27
CA THR C 300 18.01 -25.51 19.99
C THR C 300 18.80 -25.99 21.19
N LYS C 301 19.94 -25.37 21.50
CA LYS C 301 20.77 -25.76 22.62
C LYS C 301 20.80 -24.65 23.66
N VAL C 302 20.98 -25.05 24.92
CA VAL C 302 21.10 -24.10 26.03
C VAL C 302 22.52 -24.17 26.57
N TRP C 303 22.84 -23.18 27.40
CA TRP C 303 24.10 -23.18 28.13
C TRP C 303 23.83 -23.65 29.55
N PRO C 304 24.40 -24.78 29.98
CA PRO C 304 24.09 -25.29 31.33
C PRO C 304 24.48 -24.30 32.41
N HIS C 305 23.66 -24.24 33.45
CA HIS C 305 23.87 -23.25 34.52
C HIS C 305 25.13 -23.57 35.32
N LYS C 306 25.49 -24.84 35.43
CA LYS C 306 26.67 -25.21 36.21
C LYS C 306 27.95 -24.70 35.54
N ASP C 307 28.00 -24.73 34.21
CA ASP C 307 29.18 -24.28 33.49
C ASP C 307 29.13 -22.78 33.21
N TYR C 308 27.95 -22.21 33.12
CA TYR C 308 27.77 -20.78 32.83
C TYR C 308 26.67 -20.25 33.74
N PRO C 309 27.02 -19.79 34.94
CA PRO C 309 26.01 -19.28 35.85
C PRO C 309 25.45 -17.94 35.38
N LEU C 310 24.24 -17.63 35.86
CA LEU C 310 23.61 -16.36 35.53
C LEU C 310 24.28 -15.23 36.28
N ILE C 311 24.53 -14.12 35.57
CA ILE C 311 25.13 -12.93 36.14
C ILE C 311 24.07 -11.83 36.14
N PRO C 312 23.65 -11.33 37.30
CA PRO C 312 22.60 -10.32 37.34
C PRO C 312 23.08 -9.00 36.72
N VAL C 313 22.14 -8.31 36.08
CA VAL C 313 22.41 -7.00 35.45
C VAL C 313 21.45 -5.97 36.02
N GLY C 314 20.16 -6.21 35.84
CA GLY C 314 19.16 -5.28 36.31
C GLY C 314 17.80 -5.94 36.43
N LYS C 315 16.76 -5.12 36.40
CA LYS C 315 15.39 -5.60 36.51
C LYS C 315 14.48 -4.83 35.57
N LEU C 316 13.44 -5.51 35.08
CA LEU C 316 12.46 -4.94 34.16
C LEU C 316 11.15 -4.77 34.90
N VAL C 317 10.69 -3.53 35.02
CA VAL C 317 9.44 -3.21 35.72
C VAL C 317 8.49 -2.56 34.73
N LEU C 318 7.26 -3.05 34.71
CA LEU C 318 6.21 -2.52 33.83
C LEU C 318 5.16 -1.81 34.67
N ASN C 319 5.06 -0.50 34.51
CA ASN C 319 4.22 0.31 35.38
C ASN C 319 3.11 1.07 34.67
N ARG C 320 3.12 1.15 33.34
CA ARG C 320 2.15 1.96 32.61
C ARG C 320 1.39 1.10 31.62
N ASN C 321 0.08 1.26 31.61
CA ASN C 321 -0.76 0.62 30.60
C ASN C 321 -0.83 1.51 29.36
N PRO C 322 -1.03 0.90 28.18
CA PRO C 322 -1.14 1.71 26.97
C PRO C 322 -2.39 2.59 26.99
N VAL C 323 -2.22 3.84 26.55
CA VAL C 323 -3.35 4.75 26.46
C VAL C 323 -4.30 4.30 25.35
N ASN C 324 -3.76 4.07 24.16
CA ASN C 324 -4.50 3.50 23.04
C ASN C 324 -3.79 2.24 22.60
N TYR C 325 -4.54 1.15 22.48
CA TYR C 325 -3.93 -0.15 22.19
C TYR C 325 -3.31 -0.17 20.80
N PHE C 326 -4.05 0.29 19.78
CA PHE C 326 -3.56 0.22 18.41
C PHE C 326 -2.32 1.08 18.22
N ALA C 327 -2.32 2.28 18.79
CA ALA C 327 -1.21 3.21 18.57
C ALA C 327 0.06 2.80 19.31
N GLU C 328 -0.05 1.93 20.30
CA GLU C 328 1.10 1.61 21.15
C GLU C 328 1.41 0.12 21.27
N VAL C 329 0.47 -0.76 20.96
CA VAL C 329 0.69 -2.21 21.04
C VAL C 329 0.61 -2.85 19.66
N GLU C 330 -0.33 -2.40 18.84
CA GLU C 330 -0.53 -3.05 17.54
C GLU C 330 0.45 -2.47 16.51
N GLN C 331 0.90 -1.24 16.71
CA GLN C 331 1.78 -0.56 15.76
C GLN C 331 3.24 -0.55 16.21
N ILE C 332 3.55 -1.11 17.38
CA ILE C 332 4.93 -1.14 17.82
C ILE C 332 5.70 -2.17 17.01
N ALA C 333 6.92 -1.81 16.62
CA ALA C 333 7.76 -2.64 15.77
C ALA C 333 9.04 -2.98 16.49
N PHE C 334 9.37 -4.27 16.55
CA PHE C 334 10.56 -4.76 17.22
C PHE C 334 11.52 -5.31 16.17
N ASP C 335 12.68 -4.68 16.03
CA ASP C 335 13.69 -5.09 15.05
C ASP C 335 14.92 -5.62 15.77
N PRO C 336 15.20 -6.93 15.74
CA PRO C 336 16.43 -7.43 16.36
C PRO C 336 17.69 -6.81 15.79
N SER C 337 17.63 -6.21 14.60
CA SER C 337 18.77 -5.49 14.06
C SER C 337 19.04 -4.17 14.78
N ASN C 338 18.13 -3.74 15.66
CA ASN C 338 18.32 -2.53 16.44
C ASN C 338 19.15 -2.89 17.67
N MET C 339 20.47 -2.75 17.54
CA MET C 339 21.38 -3.02 18.64
C MET C 339 22.31 -1.82 18.80
N PRO C 340 22.42 -1.25 20.00
CA PRO C 340 23.30 -0.11 20.20
C PRO C 340 24.75 -0.55 20.21
N PRO C 341 25.69 0.40 20.17
CA PRO C 341 27.10 0.02 20.28
C PRO C 341 27.39 -0.73 21.57
N GLY C 342 28.08 -1.85 21.45
CA GLY C 342 28.33 -2.75 22.54
C GLY C 342 27.64 -4.09 22.42
N ILE C 343 26.52 -4.14 21.70
CA ILE C 343 25.79 -5.38 21.45
C ILE C 343 25.82 -5.63 19.94
N GLU C 344 26.13 -6.86 19.56
CA GLU C 344 26.27 -7.22 18.15
C GLU C 344 25.70 -8.61 17.92
N ALA C 345 25.53 -8.95 16.64
CA ALA C 345 24.98 -10.24 16.26
C ALA C 345 26.04 -11.33 16.32
N SER C 346 25.58 -12.56 16.40
CA SER C 346 26.39 -13.76 16.49
C SER C 346 26.26 -14.58 15.20
N PRO C 347 27.19 -15.52 14.96
CA PRO C 347 27.05 -16.40 13.80
C PRO C 347 25.84 -17.32 13.85
N ASP C 348 24.99 -17.17 14.86
CA ASP C 348 23.73 -17.91 14.91
C ASP C 348 22.91 -17.63 13.67
N LYS C 349 22.67 -18.69 12.88
CA LYS C 349 21.97 -18.53 11.60
C LYS C 349 20.59 -17.92 11.79
N MET C 350 19.90 -18.31 12.85
CA MET C 350 18.55 -17.79 13.09
C MET C 350 18.58 -16.29 13.37
N LEU C 351 19.56 -15.83 14.14
CA LEU C 351 19.71 -14.40 14.37
C LEU C 351 20.03 -13.68 13.06
N GLN C 352 20.82 -14.32 12.19
CA GLN C 352 21.11 -13.73 10.88
C GLN C 352 19.83 -13.57 10.06
N GLY C 353 18.97 -14.57 10.07
CA GLY C 353 17.71 -14.45 9.35
C GLY C 353 16.80 -13.38 9.93
N ARG C 354 16.75 -13.31 11.26
CA ARG C 354 15.95 -12.29 11.93
C ARG C 354 16.47 -10.88 11.67
N LEU C 355 17.77 -10.73 11.44
CA LEU C 355 18.32 -9.40 11.15
C LEU C 355 17.68 -8.81 9.90
N PHE C 356 17.27 -9.65 8.95
CA PHE C 356 16.64 -9.16 7.73
C PHE C 356 15.12 -9.22 7.78
N ALA C 357 14.57 -10.27 8.39
CA ALA C 357 13.14 -10.56 8.22
C ALA C 357 12.27 -9.46 8.83
N TYR C 358 12.69 -8.88 9.94
CA TYR C 358 11.81 -8.01 10.72
C TYR C 358 11.60 -6.64 10.09
N PRO C 359 12.65 -5.92 9.65
CA PRO C 359 12.38 -4.63 8.99
C PRO C 359 11.57 -4.76 7.72
N ASP C 360 11.73 -5.87 7.00
CA ASP C 360 10.94 -6.10 5.78
C ASP C 360 9.45 -6.19 6.11
N THR C 361 9.09 -7.06 7.04
CA THR C 361 7.69 -7.20 7.42
C THR C 361 7.17 -5.95 8.10
N HIS C 362 8.05 -5.13 8.70
CA HIS C 362 7.60 -3.89 9.29
C HIS C 362 7.28 -2.85 8.22
N ARG C 363 8.09 -2.82 7.16
CA ARG C 363 7.79 -1.92 6.05
C ARG C 363 6.55 -2.38 5.29
N HIS C 364 6.26 -3.68 5.30
CA HIS C 364 5.01 -4.14 4.67
C HIS C 364 3.80 -3.85 5.54
N ARG C 365 3.88 -4.17 6.83
CA ARG C 365 2.70 -4.12 7.69
C ARG C 365 2.38 -2.68 8.10
N LEU C 366 3.38 -1.94 8.53
CA LEU C 366 3.17 -0.58 9.01
C LEU C 366 3.43 0.48 7.95
N GLY C 367 4.44 0.28 7.11
CA GLY C 367 4.78 1.25 6.10
C GLY C 367 6.27 1.57 6.09
N PRO C 368 6.75 2.14 4.99
CA PRO C 368 8.18 2.45 4.88
C PRO C 368 8.72 3.34 5.99
N ASN C 369 7.89 4.24 6.53
CA ASN C 369 8.31 5.17 7.57
C ASN C 369 7.79 4.78 8.94
N TYR C 370 7.74 3.47 9.23
CA TYR C 370 7.19 3.00 10.51
C TYR C 370 8.00 3.50 11.70
N LEU C 371 9.26 3.89 11.49
CA LEU C 371 10.06 4.42 12.58
C LEU C 371 9.69 5.86 12.94
N HIS C 372 8.68 6.43 12.27
CA HIS C 372 8.13 7.73 12.65
C HIS C 372 6.92 7.59 13.57
N ILE C 373 6.38 6.40 13.71
CA ILE C 373 5.29 6.16 14.68
C ILE C 373 5.83 6.43 16.08
N PRO C 374 5.11 7.20 16.91
CA PRO C 374 5.67 7.60 18.21
C PRO C 374 6.18 6.46 19.09
N VAL C 375 5.52 5.30 19.03
CA VAL C 375 5.98 4.17 19.85
C VAL C 375 7.25 3.58 19.29
N ASN C 376 7.50 3.74 17.99
CA ASN C 376 8.69 3.19 17.34
C ASN C 376 9.83 4.20 17.25
N CYS C 377 9.58 5.46 17.54
CA CYS C 377 10.64 6.46 17.43
C CYS C 377 11.67 6.28 18.54
N PRO C 378 12.95 6.47 18.25
CA PRO C 378 13.94 6.57 19.33
C PRO C 378 13.94 7.97 19.92
N TYR C 379 12.85 8.28 20.61
CA TYR C 379 12.61 9.65 21.11
C TYR C 379 13.67 10.08 22.11
N ARG C 380 14.35 9.14 22.76
CA ARG C 380 15.45 9.48 23.67
C ARG C 380 16.79 9.50 22.93
N ALA C 381 16.77 9.69 21.62
CA ALA C 381 17.97 9.75 20.79
C ALA C 381 17.79 10.80 19.70
N ARG C 382 18.85 11.03 18.95
CA ARG C 382 18.84 12.01 17.85
C ARG C 382 19.03 11.29 16.53
N VAL C 383 18.01 11.33 15.67
CA VAL C 383 18.08 10.71 14.36
C VAL C 383 18.61 11.73 13.37
N ALA C 384 19.70 11.38 12.69
CA ALA C 384 20.30 12.27 11.70
C ALA C 384 21.06 11.41 10.70
N ASN C 385 20.60 11.38 9.46
CA ASN C 385 21.20 10.55 8.42
C ASN C 385 20.83 11.14 7.07
N TYR C 386 21.06 10.36 6.02
CA TYR C 386 20.73 10.78 4.65
C TYR C 386 19.55 10.01 4.09
N GLN C 387 18.82 9.29 4.95
CA GLN C 387 17.58 8.65 4.54
C GLN C 387 16.49 9.70 4.41
N ARG C 388 15.82 9.72 3.27
CA ARG C 388 14.96 10.84 2.89
C ARG C 388 13.56 10.33 2.56
N ASP C 389 12.80 11.18 1.89
CA ASP C 389 11.36 11.05 1.62
C ASP C 389 10.86 9.64 1.36
N GLY C 390 9.78 9.27 2.03
CA GLY C 390 9.06 8.05 1.74
C GLY C 390 7.57 8.25 1.93
N PRO C 391 6.78 7.21 1.69
CA PRO C 391 5.35 7.31 1.93
C PRO C 391 5.06 7.60 3.41
N MET C 392 4.20 8.59 3.64
CA MET C 392 3.81 8.99 5.00
C MET C 392 5.05 9.41 5.80
N CYS C 393 5.61 10.54 5.38
CA CYS C 393 6.71 11.18 6.10
C CYS C 393 6.15 12.31 6.96
N MET C 394 6.11 12.10 8.28
CA MET C 394 5.50 13.05 9.22
C MET C 394 6.55 13.80 10.02
N GLN C 395 7.69 14.08 9.42
CA GLN C 395 8.71 14.89 10.10
C GLN C 395 9.06 16.09 9.25
N ASP C 396 10.08 16.84 9.65
CA ASP C 396 10.61 17.89 8.79
C ASP C 396 11.32 17.32 7.56
N ASN C 397 11.42 15.99 7.45
CA ASN C 397 12.24 15.33 6.44
C ASN C 397 13.69 15.80 6.54
N GLN C 398 14.13 16.08 7.76
CA GLN C 398 15.48 16.58 8.05
C GLN C 398 15.77 17.89 7.34
N GLY C 399 14.72 18.64 7.01
CA GLY C 399 14.89 19.98 6.48
C GLY C 399 15.68 20.01 5.18
N GLY C 400 16.44 21.08 5.00
CA GLY C 400 17.23 21.25 3.79
C GLY C 400 18.66 20.78 3.94
N ALA C 401 18.90 19.88 4.88
CA ALA C 401 20.24 19.32 5.06
C ALA C 401 20.62 18.53 3.81
N PRO C 402 21.90 18.53 3.44
CA PRO C 402 22.34 17.73 2.28
C PRO C 402 22.00 16.26 2.48
N ASN C 403 21.58 15.62 1.40
CA ASN C 403 21.06 14.25 1.45
C ASN C 403 22.02 13.25 0.82
N TYR C 404 23.27 13.63 0.61
CA TYR C 404 24.28 12.73 0.05
C TYR C 404 25.51 12.73 0.93
N TYR C 405 26.25 11.62 0.89
CA TYR C 405 27.41 11.39 1.74
C TYR C 405 28.46 10.67 0.92
N PRO C 406 29.72 11.12 0.95
CA PRO C 406 30.19 12.28 1.72
C PRO C 406 29.92 13.61 1.03
N ASN C 407 29.87 14.68 1.81
CA ASN C 407 29.66 16.02 1.28
C ASN C 407 30.66 16.97 1.94
N SER C 408 30.49 18.26 1.68
CA SER C 408 31.36 19.31 2.21
C SER C 408 30.54 20.42 2.84
N PHE C 409 29.49 20.05 3.56
CA PHE C 409 28.58 21.07 4.11
C PHE C 409 28.16 20.77 5.54
N GLY C 410 28.88 19.91 6.25
CA GLY C 410 28.61 19.71 7.67
C GLY C 410 27.38 18.87 7.96
N ALA C 411 27.03 17.94 7.09
CA ALA C 411 25.95 17.01 7.34
C ALA C 411 26.44 15.92 8.31
N PRO C 412 25.54 15.11 8.86
CA PRO C 412 25.96 14.08 9.82
C PRO C 412 27.11 13.22 9.30
N GLU C 413 28.09 13.00 10.18
CA GLU C 413 29.28 12.24 9.86
C GLU C 413 29.32 10.96 10.66
N GLN C 414 29.95 9.93 10.10
CA GLN C 414 30.03 8.64 10.78
C GLN C 414 30.91 8.73 12.01
N GLN C 415 30.52 7.98 13.05
CA GLN C 415 31.26 7.97 14.31
C GLN C 415 32.20 6.77 14.29
N PRO C 416 33.50 6.95 14.10
CA PRO C 416 34.40 5.80 13.93
C PRO C 416 34.55 4.94 15.18
N SER C 417 34.04 5.39 16.33
CA SER C 417 34.10 4.58 17.55
C SER C 417 32.98 3.55 17.63
N ALA C 418 32.01 3.59 16.70
CA ALA C 418 30.91 2.64 16.68
C ALA C 418 31.15 1.51 15.68
N LEU C 419 32.40 1.28 15.30
CA LEU C 419 32.72 0.22 14.34
C LEU C 419 32.42 -1.16 14.96
N GLU C 420 32.08 -2.10 14.09
CA GLU C 420 31.77 -3.45 14.54
C GLU C 420 33.04 -4.21 14.90
N HIS C 421 32.86 -5.30 15.63
CA HIS C 421 33.98 -6.15 16.03
C HIS C 421 34.31 -7.13 14.91
N SER C 422 35.59 -7.30 14.63
CA SER C 422 36.05 -8.13 13.51
C SER C 422 36.42 -9.53 14.00
N ILE C 423 36.00 -10.53 13.24
CA ILE C 423 36.34 -11.93 13.50
C ILE C 423 36.63 -12.61 12.17
N GLN C 424 37.65 -13.44 12.15
CA GLN C 424 38.03 -14.19 10.95
C GLN C 424 37.32 -15.54 10.95
N TYR C 425 36.63 -15.82 9.85
CA TYR C 425 35.91 -17.09 9.68
C TYR C 425 36.52 -17.85 8.51
N SER C 426 36.84 -19.11 8.74
CA SER C 426 37.43 -19.97 7.71
C SER C 426 36.39 -20.99 7.22
N GLY C 427 36.82 -21.78 6.24
CA GLY C 427 35.93 -22.73 5.59
C GLY C 427 35.29 -22.15 4.35
N GLU C 428 34.84 -23.05 3.49
CA GLU C 428 34.25 -22.63 2.22
C GLU C 428 32.88 -21.99 2.46
N VAL C 429 32.41 -21.29 1.43
CA VAL C 429 31.15 -20.55 1.49
C VAL C 429 30.12 -21.39 0.73
N ARG C 430 29.30 -22.12 1.48
CA ARG C 430 28.25 -22.95 0.89
C ARG C 430 27.20 -23.21 1.96
N ARG C 431 26.23 -24.06 1.63
CA ARG C 431 25.18 -24.44 2.57
C ARG C 431 25.64 -25.68 3.34
N PHE C 432 25.76 -25.55 4.65
CA PHE C 432 26.21 -26.63 5.52
C PHE C 432 25.02 -27.27 6.21
N ASN C 433 24.93 -28.59 6.12
CA ASN C 433 23.81 -29.31 6.71
C ASN C 433 23.96 -29.36 8.22
N THR C 434 22.90 -28.96 8.93
CA THR C 434 22.87 -29.03 10.38
C THR C 434 21.68 -29.83 10.90
N ALA C 435 20.93 -30.49 10.02
CA ALA C 435 19.81 -31.32 10.46
C ALA C 435 20.28 -32.58 11.15
N ASN C 436 21.47 -33.07 10.82
CA ASN C 436 22.01 -34.31 11.38
C ASN C 436 22.80 -34.08 12.66
N ASP C 437 22.78 -32.87 13.21
CA ASP C 437 23.49 -32.61 14.46
C ASP C 437 22.78 -33.29 15.63
N ASP C 438 23.35 -33.11 16.81
CA ASP C 438 22.78 -33.74 18.01
C ASP C 438 21.41 -33.15 18.31
N ASN C 439 20.46 -34.04 18.60
CA ASN C 439 19.07 -33.62 18.80
C ASN C 439 18.43 -34.21 20.05
N VAL C 440 19.13 -35.03 20.82
CA VAL C 440 18.50 -35.79 21.90
C VAL C 440 19.20 -35.64 23.24
N THR C 441 20.42 -35.13 23.32
CA THR C 441 21.16 -35.15 24.59
C THR C 441 20.54 -34.18 25.61
N GLN C 442 20.44 -32.91 25.23
CA GLN C 442 19.85 -31.93 26.15
C GLN C 442 18.38 -32.23 26.39
N VAL C 443 17.69 -32.79 25.41
CA VAL C 443 16.31 -33.23 25.61
C VAL C 443 16.24 -34.30 26.69
N ARG C 444 17.13 -35.29 26.61
CA ARG C 444 17.17 -36.35 27.61
C ARG C 444 17.52 -35.78 28.99
N ALA C 445 18.44 -34.81 29.03
CA ALA C 445 18.79 -34.19 30.31
C ALA C 445 17.58 -33.49 30.92
N PHE C 446 16.86 -32.72 30.11
CA PHE C 446 15.65 -32.04 30.61
C PHE C 446 14.59 -33.06 31.04
N TYR C 447 14.53 -34.20 30.36
CA TYR C 447 13.50 -35.19 30.65
C TYR C 447 13.78 -35.91 31.97
N VAL C 448 15.02 -36.35 32.16
CA VAL C 448 15.36 -37.23 33.28
C VAL C 448 16.03 -36.49 34.43
N ASN C 449 16.24 -35.19 34.32
CA ASN C 449 16.90 -34.42 35.38
C ASN C 449 16.04 -33.30 35.92
N VAL C 450 15.34 -32.57 35.05
CA VAL C 450 14.56 -31.42 35.52
C VAL C 450 13.15 -31.85 35.91
N LEU C 451 12.49 -32.63 35.06
CA LEU C 451 11.12 -33.06 35.35
C LEU C 451 11.12 -34.21 36.35
N ASN C 452 10.08 -34.25 37.17
CA ASN C 452 9.82 -35.41 38.01
C ASN C 452 8.92 -36.37 37.24
N GLU C 453 8.46 -37.42 37.90
CA GLU C 453 7.74 -38.48 37.18
C GLU C 453 6.33 -38.04 36.81
N GLU C 454 5.65 -37.33 37.70
CA GLU C 454 4.30 -36.87 37.38
C GLU C 454 4.33 -35.80 36.28
N GLN C 455 5.36 -34.95 36.29
CA GLN C 455 5.53 -34.00 35.19
C GLN C 455 5.81 -34.72 33.89
N ARG C 456 6.57 -35.81 33.94
CA ARG C 456 6.83 -36.61 32.74
C ARG C 456 5.54 -37.21 32.21
N LYS C 457 4.70 -37.73 33.11
CA LYS C 457 3.42 -38.31 32.69
C LYS C 457 2.52 -37.25 32.07
N ARG C 458 2.48 -36.06 32.68
CA ARG C 458 1.66 -34.98 32.11
C ARG C 458 2.18 -34.55 30.75
N LEU C 459 3.50 -34.45 30.60
CA LEU C 459 4.11 -34.13 29.31
C LEU C 459 3.72 -35.15 28.25
N CYS C 460 3.87 -36.44 28.56
CA CYS C 460 3.55 -37.48 27.59
C CYS C 460 2.06 -37.47 27.26
N GLU C 461 1.22 -37.21 28.25
CA GLU C 461 -0.22 -37.21 28.02
C GLU C 461 -0.63 -36.04 27.13
N ASN C 462 -0.03 -34.87 27.34
CA ASN C 462 -0.30 -33.73 26.46
C ASN C 462 0.16 -34.02 25.03
N ILE C 463 1.36 -34.55 24.90
CA ILE C 463 1.89 -34.86 23.57
C ILE C 463 0.98 -35.85 22.85
N ALA C 464 0.53 -36.88 23.56
CA ALA C 464 -0.33 -37.88 22.94
C ALA C 464 -1.70 -37.30 22.60
N GLY C 465 -2.26 -36.50 23.50
CA GLY C 465 -3.55 -35.89 23.24
C GLY C 465 -3.52 -35.00 22.00
N HIS C 466 -2.40 -34.33 21.76
CA HIS C 466 -2.31 -33.53 20.55
C HIS C 466 -1.99 -34.38 19.32
N LEU C 467 -1.15 -35.40 19.47
CA LEU C 467 -0.66 -36.17 18.32
C LEU C 467 -1.67 -37.20 17.83
N LYS C 468 -2.64 -37.60 18.66
CA LYS C 468 -3.56 -38.67 18.29
C LYS C 468 -4.33 -38.38 17.01
N ASP C 469 -4.38 -37.13 16.56
CA ASP C 469 -5.17 -36.78 15.38
C ASP C 469 -4.41 -36.97 14.08
N ALA C 470 -3.08 -37.08 14.13
CA ALA C 470 -2.29 -37.27 12.92
C ALA C 470 -2.45 -38.70 12.41
N GLN C 471 -1.95 -38.92 11.20
CA GLN C 471 -2.00 -40.25 10.60
C GLN C 471 -1.10 -41.21 11.36
N ILE C 472 -1.23 -42.50 11.04
CA ILE C 472 -0.53 -43.53 11.80
C ILE C 472 0.97 -43.46 11.57
N PHE C 473 1.39 -43.24 10.32
CA PHE C 473 2.82 -43.21 10.04
C PHE C 473 3.48 -41.97 10.63
N ILE C 474 2.76 -40.86 10.67
CA ILE C 474 3.30 -39.65 11.33
C ILE C 474 3.46 -39.91 12.82
N GLN C 475 2.47 -40.57 13.43
CA GLN C 475 2.60 -40.95 14.84
C GLN C 475 3.80 -41.87 15.04
N LYS C 476 4.02 -42.80 14.12
CA LYS C 476 5.16 -43.71 14.25
C LYS C 476 6.47 -42.96 14.16
N LYS C 477 6.59 -42.02 13.24
CA LYS C 477 7.83 -41.23 13.12
C LYS C 477 8.05 -40.38 14.38
N ALA C 478 6.99 -39.74 14.87
CA ALA C 478 7.12 -38.92 16.09
C ALA C 478 7.56 -39.77 17.27
N VAL C 479 6.90 -40.91 17.47
CA VAL C 479 7.24 -41.79 18.59
C VAL C 479 8.63 -42.39 18.41
N LYS C 480 9.06 -42.58 17.17
CA LYS C 480 10.44 -43.05 16.94
C LYS C 480 11.44 -42.00 17.38
N ASN C 481 11.20 -40.74 17.05
CA ASN C 481 12.07 -39.68 17.54
C ASN C 481 12.06 -39.60 19.07
N PHE C 482 10.87 -39.72 19.66
CA PHE C 482 10.78 -39.66 21.12
C PHE C 482 11.50 -40.83 21.77
N THR C 483 11.46 -42.00 21.15
CA THR C 483 12.16 -43.17 21.67
C THR C 483 13.67 -42.98 21.54
N GLU C 484 14.11 -42.41 20.42
CA GLU C 484 15.54 -42.11 20.27
C GLU C 484 15.99 -41.09 21.29
N VAL C 485 15.09 -40.23 21.75
CA VAL C 485 15.41 -39.35 22.88
C VAL C 485 15.66 -40.19 24.13
N HIS C 486 14.66 -40.95 24.56
CA HIS C 486 14.76 -41.81 25.74
C HIS C 486 13.64 -42.84 25.69
N PRO C 487 13.92 -44.11 26.03
CA PRO C 487 12.90 -45.15 25.83
C PRO C 487 11.62 -44.93 26.62
N ASP C 488 11.70 -44.39 27.83
CA ASP C 488 10.49 -44.16 28.62
C ASP C 488 9.58 -43.14 27.95
N TYR C 489 10.17 -42.09 27.38
CA TYR C 489 9.43 -41.02 26.73
C TYR C 489 8.56 -41.59 25.60
N GLY C 490 9.21 -42.18 24.60
CA GLY C 490 8.46 -42.75 23.48
C GLY C 490 7.57 -43.91 23.90
N SER C 491 7.99 -44.67 24.90
CA SER C 491 7.17 -45.79 25.37
C SER C 491 5.84 -45.31 25.94
N HIS C 492 5.89 -44.32 26.83
CA HIS C 492 4.66 -43.77 27.40
C HIS C 492 3.81 -43.11 26.32
N ILE C 493 4.44 -42.38 25.41
CA ILE C 493 3.67 -41.71 24.35
C ILE C 493 2.98 -42.74 23.47
N GLN C 494 3.68 -43.82 23.14
CA GLN C 494 3.09 -44.86 22.29
C GLN C 494 1.97 -45.60 23.01
N ALA C 495 2.15 -45.86 24.31
CA ALA C 495 1.07 -46.50 25.08
C ALA C 495 -0.17 -45.63 25.11
N LEU C 496 0.01 -44.32 25.33
CA LEU C 496 -1.14 -43.42 25.36
C LEU C 496 -1.79 -43.32 23.98
N LEU C 497 -1.00 -43.32 22.92
CA LEU C 497 -1.56 -43.29 21.57
C LEU C 497 -2.36 -44.55 21.27
N ASP C 498 -1.84 -45.71 21.69
CA ASP C 498 -2.57 -46.96 21.53
C ASP C 498 -3.89 -46.92 22.30
N LYS C 499 -3.86 -46.37 23.51
CA LYS C 499 -5.09 -46.23 24.28
C LYS C 499 -6.08 -45.31 23.56
N TYR C 500 -5.57 -44.25 22.93
CA TYR C 500 -6.45 -43.30 22.23
C TYR C 500 -7.13 -43.95 21.04
N ASN C 501 -6.38 -44.65 20.21
CA ASN C 501 -6.94 -45.30 19.02
C ASN C 501 -7.91 -46.41 19.40
N ARG D 5 25.76 33.80 -7.01
CA ARG D 5 24.64 33.05 -7.59
C ARG D 5 23.32 33.43 -6.93
N ASP D 6 22.23 33.07 -7.58
CA ASP D 6 20.90 33.33 -7.03
C ASP D 6 20.70 32.51 -5.75
N PRO D 7 19.80 32.96 -4.87
CA PRO D 7 19.62 32.25 -3.59
C PRO D 7 19.21 30.79 -3.75
N ALA D 8 18.60 30.42 -4.88
CA ALA D 8 18.24 29.01 -5.08
C ALA D 8 19.48 28.14 -5.22
N SER D 9 20.53 28.66 -5.85
CA SER D 9 21.74 27.87 -6.09
C SER D 9 22.55 27.71 -4.81
N ASP D 10 22.44 28.65 -3.88
CA ASP D 10 23.26 28.67 -2.66
C ASP D 10 22.55 28.01 -1.49
N GLN D 11 21.70 27.01 -1.75
CA GLN D 11 20.97 26.36 -0.66
C GLN D 11 21.91 25.67 0.31
N MET D 12 22.82 24.85 -0.21
CA MET D 12 23.71 24.09 0.67
C MET D 12 24.72 25.00 1.36
N GLN D 13 25.25 25.99 0.64
CA GLN D 13 26.17 26.94 1.25
C GLN D 13 25.50 27.69 2.39
N HIS D 14 24.25 28.12 2.17
CA HIS D 14 23.53 28.80 3.25
C HIS D 14 23.27 27.87 4.42
N TRP D 15 22.88 26.62 4.14
CA TRP D 15 22.64 25.67 5.24
C TRP D 15 23.92 25.47 6.05
N LYS D 16 25.06 25.42 5.38
CA LYS D 16 26.34 25.29 6.08
C LYS D 16 26.65 26.55 6.88
N GLU D 17 26.34 27.72 6.33
CA GLU D 17 26.67 28.98 7.00
C GLU D 17 25.83 29.16 8.27
N GLN D 18 24.51 29.06 8.16
CA GLN D 18 23.69 29.21 9.37
C GLN D 18 23.87 28.07 10.35
N ARG D 19 24.72 27.08 10.04
CA ARG D 19 25.09 26.04 11.00
C ARG D 19 26.56 26.15 11.41
N ALA D 20 27.14 27.35 11.28
CA ALA D 20 28.54 27.53 11.60
C ALA D 20 28.78 27.35 13.10
N ALA D 21 30.03 27.04 13.43
CA ALA D 21 30.54 26.82 14.79
C ALA D 21 29.92 25.61 15.46
N GLN D 22 29.21 24.77 14.73
CA GLN D 22 28.59 23.56 15.28
C GLN D 22 29.23 22.34 14.64
N LYS D 23 29.53 21.35 15.47
CA LYS D 23 30.07 20.09 14.96
C LYS D 23 28.97 19.29 14.27
N ALA D 24 29.37 18.50 13.28
CA ALA D 24 28.41 17.68 12.53
C ALA D 24 27.77 16.67 13.45
N ASP D 25 26.46 16.48 13.27
CA ASP D 25 25.72 15.52 14.08
C ASP D 25 26.24 14.10 13.86
N VAL D 26 25.82 13.20 14.72
CA VAL D 26 26.23 11.79 14.63
C VAL D 26 25.37 11.11 13.58
N LEU D 27 26.02 10.38 12.68
CA LEU D 27 25.30 9.62 11.65
C LEU D 27 24.66 8.40 12.28
N THR D 28 23.33 8.30 12.19
CA THR D 28 22.58 7.25 12.86
C THR D 28 21.75 6.48 11.85
N THR D 29 21.35 5.28 12.25
CA THR D 29 20.36 4.53 11.50
C THR D 29 18.97 5.09 11.75
N GLY D 30 17.97 4.50 11.11
CA GLY D 30 16.60 4.95 11.33
C GLY D 30 16.14 4.81 12.76
N ALA D 31 16.72 3.87 13.50
CA ALA D 31 16.36 3.62 14.89
C ALA D 31 17.26 4.36 15.87
N GLY D 32 18.12 5.26 15.40
CA GLY D 32 18.93 6.09 16.26
C GLY D 32 20.25 5.47 16.70
N ASN D 33 20.63 4.33 16.16
CA ASN D 33 21.91 3.73 16.53
C ASN D 33 23.03 4.42 15.77
N PRO D 34 24.13 4.79 16.44
CA PRO D 34 25.23 5.44 15.74
C PRO D 34 25.86 4.51 14.71
N VAL D 35 26.19 5.07 13.56
CA VAL D 35 26.78 4.31 12.45
C VAL D 35 28.30 4.43 12.55
N GLY D 36 28.97 3.29 12.68
CA GLY D 36 30.42 3.31 12.77
C GLY D 36 31.08 3.77 11.48
N ASP D 37 30.59 3.27 10.35
CA ASP D 37 31.14 3.63 9.04
C ASP D 37 30.07 3.39 7.99
N LYS D 38 29.80 4.40 7.17
CA LYS D 38 28.80 4.31 6.12
C LYS D 38 29.43 4.51 4.74
N LEU D 39 30.73 4.22 4.62
CA LEU D 39 31.42 4.29 3.35
C LEU D 39 31.92 2.95 2.84
N ASN D 40 31.86 1.90 3.66
CA ASN D 40 32.25 0.56 3.23
C ASN D 40 31.24 -0.45 3.79
N VAL D 41 31.18 -1.60 3.14
CA VAL D 41 30.26 -2.67 3.53
C VAL D 41 31.06 -3.81 4.15
N ILE D 42 30.35 -4.64 4.90
CA ILE D 42 30.96 -5.79 5.56
C ILE D 42 31.10 -6.91 4.53
N THR D 43 32.33 -7.31 4.27
CA THR D 43 32.63 -8.36 3.29
C THR D 43 33.48 -9.44 3.95
N VAL D 44 33.61 -10.57 3.24
CA VAL D 44 34.44 -11.68 3.72
C VAL D 44 35.84 -11.41 3.16
N GLY D 45 36.59 -10.57 3.87
CA GLY D 45 37.89 -10.15 3.40
C GLY D 45 37.78 -8.98 2.43
N PRO D 46 38.92 -8.54 1.90
CA PRO D 46 38.89 -7.38 1.00
C PRO D 46 38.15 -7.63 -0.30
N ARG D 47 38.09 -8.88 -0.76
CA ARG D 47 37.43 -9.24 -2.01
C ARG D 47 36.40 -10.34 -1.77
N GLY D 48 35.60 -10.19 -0.73
CA GLY D 48 34.63 -11.19 -0.37
C GLY D 48 33.19 -10.71 -0.55
N PRO D 49 32.26 -11.66 -0.50
CA PRO D 49 30.85 -11.31 -0.65
C PRO D 49 30.30 -10.54 0.55
N LEU D 50 29.24 -9.79 0.30
CA LEU D 50 28.62 -8.96 1.34
C LEU D 50 27.80 -9.83 2.30
N LEU D 51 27.71 -9.38 3.54
CA LEU D 51 27.04 -10.11 4.60
C LEU D 51 25.66 -9.54 4.89
N VAL D 52 24.77 -10.41 5.38
CA VAL D 52 23.43 -9.97 5.79
C VAL D 52 23.51 -9.11 7.05
N GLN D 53 24.48 -9.39 7.92
CA GLN D 53 24.57 -8.69 9.20
C GLN D 53 24.95 -7.22 9.05
N ASP D 54 25.16 -6.74 7.83
CA ASP D 54 25.38 -5.31 7.58
C ASP D 54 24.02 -4.62 7.61
N VAL D 55 23.59 -4.27 8.82
CA VAL D 55 22.25 -3.72 9.00
C VAL D 55 22.16 -2.29 8.49
N VAL D 56 23.25 -1.54 8.57
CA VAL D 56 23.25 -0.14 8.12
C VAL D 56 22.97 -0.07 6.63
N PHE D 57 23.70 -0.87 5.85
CA PHE D 57 23.52 -0.84 4.40
C PHE D 57 22.11 -1.22 4.00
N THR D 58 21.60 -2.34 4.52
CA THR D 58 20.26 -2.79 4.14
C THR D 58 19.20 -1.81 4.62
N ASP D 59 19.41 -1.18 5.77
CA ASP D 59 18.45 -0.18 6.26
C ASP D 59 18.37 0.99 5.30
N GLU D 60 19.51 1.63 5.01
CA GLU D 60 19.47 2.80 4.13
C GLU D 60 19.05 2.41 2.73
N MET D 61 19.37 1.19 2.30
CA MET D 61 19.03 0.77 0.94
C MET D 61 17.54 0.51 0.81
N ALA D 62 16.92 -0.07 1.84
CA ALA D 62 15.47 -0.28 1.80
C ALA D 62 14.75 1.05 1.88
N HIS D 63 15.23 1.98 2.71
CA HIS D 63 14.60 3.30 2.76
C HIS D 63 14.77 4.04 1.43
N PHE D 64 15.88 3.80 0.75
CA PHE D 64 16.06 4.35 -0.60
C PHE D 64 15.11 3.69 -1.59
N ASP D 65 14.89 2.39 -1.44
CA ASP D 65 13.99 1.65 -2.32
C ASP D 65 12.53 2.04 -2.12
N ARG D 66 12.19 2.62 -0.97
CA ARG D 66 10.84 3.07 -0.71
C ARG D 66 10.76 4.60 -0.68
N GLU D 67 11.45 5.25 -1.60
CA GLU D 67 11.47 6.71 -1.63
C GLU D 67 10.35 7.30 -2.46
N ARG D 68 9.96 6.64 -3.54
CA ARG D 68 8.95 7.19 -4.45
C ARG D 68 7.55 6.83 -3.98
N ILE D 69 6.71 7.85 -3.88
CA ILE D 69 5.28 7.65 -3.67
C ILE D 69 4.61 7.97 -5.00
N PRO D 70 3.36 7.53 -5.25
CA PRO D 70 2.74 7.84 -6.53
C PRO D 70 2.61 9.34 -6.74
N GLU D 71 2.89 9.78 -7.96
CA GLU D 71 2.68 11.18 -8.30
C GLU D 71 1.19 11.46 -8.42
N ARG D 72 0.84 12.74 -8.34
CA ARG D 72 -0.56 13.13 -8.49
C ARG D 72 -1.06 12.71 -9.87
N VAL D 73 -2.31 12.24 -9.92
CA VAL D 73 -2.89 11.80 -11.18
C VAL D 73 -2.92 12.95 -12.17
N VAL D 74 -3.21 14.15 -11.70
CA VAL D 74 -3.06 15.39 -12.48
C VAL D 74 -2.36 16.40 -11.60
N HIS D 75 -1.73 17.39 -12.24
CA HIS D 75 -1.02 18.46 -11.54
C HIS D 75 0.17 17.91 -10.76
N ALA D 76 0.93 17.01 -11.40
CA ALA D 76 2.07 16.40 -10.73
C ALA D 76 3.20 17.40 -10.52
N LYS D 77 3.70 17.99 -11.61
CA LYS D 77 4.79 18.95 -11.51
C LYS D 77 4.28 20.25 -10.91
N GLY D 78 4.86 20.63 -9.76
CA GLY D 78 4.37 21.81 -9.06
C GLY D 78 5.42 22.41 -8.15
N ALA D 79 5.10 23.62 -7.68
CA ALA D 79 5.91 24.37 -6.73
C ALA D 79 5.05 24.78 -5.55
N GLY D 80 5.70 25.07 -4.43
CA GLY D 80 4.99 25.39 -3.20
C GLY D 80 5.55 26.60 -2.50
N ALA D 81 4.68 27.25 -1.74
CA ALA D 81 5.06 28.41 -0.93
C ALA D 81 4.10 28.51 0.24
N PHE D 82 4.43 29.39 1.18
CA PHE D 82 3.60 29.59 2.36
C PHE D 82 3.49 31.08 2.67
N GLY D 83 2.39 31.45 3.31
CA GLY D 83 2.19 32.85 3.68
C GLY D 83 0.95 33.05 4.51
N TYR D 84 0.31 34.21 4.34
CA TYR D 84 -0.89 34.52 5.11
C TYR D 84 -1.92 35.19 4.23
N PHE D 85 -3.18 34.94 4.55
CA PHE D 85 -4.31 35.66 3.98
C PHE D 85 -4.77 36.69 4.99
N GLU D 86 -4.80 37.95 4.59
CA GLU D 86 -5.18 39.06 5.46
C GLU D 86 -6.50 39.65 4.97
N VAL D 87 -7.49 39.69 5.85
CA VAL D 87 -8.79 40.27 5.51
C VAL D 87 -8.66 41.78 5.50
N THR D 88 -9.12 42.41 4.42
CA THR D 88 -9.10 43.86 4.28
C THR D 88 -10.48 44.48 4.11
N HIS D 89 -11.53 43.68 3.96
CA HIS D 89 -12.88 44.20 3.78
C HIS D 89 -13.86 43.30 4.52
N ASP D 90 -15.01 43.86 4.86
CA ASP D 90 -16.00 43.18 5.68
C ASP D 90 -17.07 42.56 4.78
N ILE D 91 -17.06 41.23 4.69
CA ILE D 91 -18.07 40.48 3.96
C ILE D 91 -18.89 39.59 4.91
N THR D 92 -18.93 39.96 6.19
CA THR D 92 -19.67 39.16 7.17
C THR D 92 -21.15 39.08 6.82
N LYS D 93 -21.67 40.06 6.09
CA LYS D 93 -23.06 39.99 5.63
C LYS D 93 -23.29 38.85 4.65
N TYR D 94 -22.22 38.31 4.07
CA TYR D 94 -22.33 37.23 3.09
C TYR D 94 -21.99 35.86 3.69
N SER D 95 -20.96 35.78 4.52
CA SER D 95 -20.48 34.50 5.04
C SER D 95 -20.07 34.64 6.50
N LYS D 96 -20.48 33.67 7.31
CA LYS D 96 -20.08 33.60 8.72
C LYS D 96 -18.77 32.85 8.91
N ALA D 97 -17.99 32.69 7.84
CA ALA D 97 -16.75 31.92 7.93
C ALA D 97 -15.74 32.62 8.82
N LYS D 98 -15.16 31.86 9.76
CA LYS D 98 -14.20 32.42 10.69
C LYS D 98 -12.99 33.03 9.98
N VAL D 99 -12.69 32.57 8.77
CA VAL D 99 -11.60 33.15 7.98
C VAL D 99 -11.92 34.60 7.62
N PHE D 100 -13.20 34.98 7.63
CA PHE D 100 -13.63 36.34 7.27
C PHE D 100 -14.30 37.05 8.44
N GLU D 101 -13.85 36.83 9.67
CA GLU D 101 -14.52 37.43 10.82
C GLU D 101 -14.36 38.94 10.83
N HIS D 102 -13.14 39.44 10.93
CA HIS D 102 -12.91 40.86 11.14
C HIS D 102 -11.73 41.33 10.32
N ILE D 103 -11.61 42.65 10.20
CA ILE D 103 -10.54 43.26 9.41
C ILE D 103 -9.21 43.01 10.10
N GLY D 104 -8.18 42.75 9.30
CA GLY D 104 -6.85 42.52 9.82
C GLY D 104 -6.55 41.11 10.27
N LYS D 105 -7.52 40.21 10.19
CA LYS D 105 -7.30 38.83 10.60
C LYS D 105 -6.38 38.13 9.61
N LYS D 106 -5.27 37.60 10.11
CA LYS D 106 -4.29 36.89 9.29
C LYS D 106 -4.43 35.40 9.53
N THR D 107 -4.65 34.65 8.46
CA THR D 107 -4.75 33.20 8.53
C THR D 107 -3.61 32.56 7.75
N PRO D 108 -2.85 31.64 8.34
CA PRO D 108 -1.78 30.98 7.59
C PRO D 108 -2.33 30.22 6.39
N ILE D 109 -1.57 30.26 5.30
CA ILE D 109 -1.98 29.61 4.05
C ILE D 109 -0.78 28.91 3.44
N ALA D 110 -1.07 27.78 2.79
CA ALA D 110 -0.09 27.04 2.01
C ALA D 110 -0.56 26.99 0.56
N VAL D 111 0.30 27.34 -0.38
CA VAL D 111 -0.08 27.50 -1.77
C VAL D 111 0.77 26.57 -2.63
N ARG D 112 0.13 25.93 -3.60
CA ARG D 112 0.81 25.09 -4.57
C ARG D 112 0.40 25.47 -5.99
N PHE D 113 1.38 25.76 -6.82
CA PHE D 113 1.18 25.96 -8.25
C PHE D 113 1.50 24.66 -8.97
N SER D 114 0.83 24.43 -10.09
CA SER D 114 1.05 23.18 -10.80
C SER D 114 0.64 23.31 -12.26
N THR D 115 1.05 22.33 -13.06
CA THR D 115 0.66 22.19 -14.45
C THR D 115 -0.18 20.92 -14.59
N VAL D 116 -1.31 21.01 -15.29
CA VAL D 116 -2.35 19.98 -15.18
C VAL D 116 -1.88 18.66 -15.81
N ALA D 117 -1.26 18.72 -16.98
CA ALA D 117 -0.96 17.50 -17.73
C ALA D 117 0.50 17.08 -17.63
N GLY D 118 1.39 17.95 -17.18
CA GLY D 118 2.79 17.58 -17.08
C GLY D 118 3.05 16.62 -15.94
N GLU D 119 3.89 15.63 -16.21
CA GLU D 119 4.29 14.68 -15.17
C GLU D 119 5.40 15.28 -14.31
N SER D 120 5.75 14.57 -13.26
CA SER D 120 6.83 15.00 -12.38
C SER D 120 8.15 14.99 -13.13
N GLY D 121 8.74 16.16 -13.32
CA GLY D 121 9.98 16.29 -14.06
C GLY D 121 9.85 16.76 -15.49
N SER D 122 8.69 17.28 -15.88
CA SER D 122 8.49 17.78 -17.23
C SER D 122 8.79 19.29 -17.28
N ALA D 123 8.68 19.86 -18.47
CA ALA D 123 8.96 21.28 -18.64
C ALA D 123 7.91 22.12 -17.94
N ASP D 124 8.34 23.27 -17.44
CA ASP D 124 7.42 24.14 -16.69
C ASP D 124 6.76 25.16 -17.61
N THR D 125 7.50 25.66 -18.61
CA THR D 125 6.98 26.66 -19.54
C THR D 125 6.35 25.95 -20.72
N VAL D 126 5.13 25.45 -20.50
CA VAL D 126 4.36 24.79 -21.54
C VAL D 126 2.95 25.37 -21.54
N ARG D 127 2.28 25.27 -22.68
CA ARG D 127 0.90 25.73 -22.79
C ARG D 127 0.00 24.70 -22.11
N ASP D 128 -0.53 25.07 -20.96
CA ASP D 128 -1.34 24.16 -20.14
C ASP D 128 -1.98 24.97 -19.03
N PRO D 129 -3.21 24.65 -18.61
CA PRO D 129 -3.80 25.36 -17.48
C PRO D 129 -2.96 25.18 -16.22
N ARG D 130 -2.74 26.29 -15.51
CA ARG D 130 -1.96 26.30 -14.29
C ARG D 130 -2.91 26.26 -13.10
N GLY D 131 -2.67 25.31 -12.20
CA GLY D 131 -3.50 25.19 -11.01
C GLY D 131 -2.90 25.93 -9.82
N PHE D 132 -3.78 26.58 -9.08
CA PHE D 132 -3.44 27.43 -7.93
C PHE D 132 -4.23 26.86 -6.76
N ALA D 133 -3.58 26.20 -5.82
CA ALA D 133 -4.26 25.60 -4.67
C ALA D 133 -3.85 26.35 -3.41
N VAL D 134 -4.83 26.75 -2.61
CA VAL D 134 -4.61 27.46 -1.36
C VAL D 134 -5.24 26.66 -0.24
N LYS D 135 -4.51 26.50 0.86
CA LYS D 135 -5.00 25.84 2.06
C LYS D 135 -4.94 26.88 3.18
N PHE D 136 -6.10 27.32 3.63
CA PHE D 136 -6.21 28.23 4.77
C PHE D 136 -6.35 27.42 6.04
N TYR D 137 -5.57 27.77 7.06
CA TYR D 137 -5.64 27.08 8.35
C TYR D 137 -6.55 27.88 9.29
N THR D 138 -7.85 27.83 9.00
CA THR D 138 -8.84 28.53 9.79
C THR D 138 -9.02 27.82 11.13
N GLU D 139 -9.39 28.60 12.16
CA GLU D 139 -9.74 28.00 13.45
C GLU D 139 -10.83 26.93 13.29
N ASP D 140 -11.68 27.06 12.29
CA ASP D 140 -12.65 26.01 11.95
C ASP D 140 -12.10 25.07 10.88
N GLY D 141 -10.89 24.56 11.12
CA GLY D 141 -10.31 23.58 10.22
C GLY D 141 -9.64 24.19 9.01
N ASN D 142 -9.34 23.33 8.05
CA ASN D 142 -8.68 23.77 6.83
C ASN D 142 -9.71 24.05 5.74
N TRP D 143 -9.47 25.10 4.97
CA TRP D 143 -10.28 25.46 3.82
C TRP D 143 -9.41 25.36 2.57
N ASP D 144 -9.79 24.48 1.66
CA ASP D 144 -8.99 24.23 0.45
C ASP D 144 -9.68 24.89 -0.73
N LEU D 145 -9.15 26.05 -1.14
CA LEU D 145 -9.59 26.72 -2.35
C LEU D 145 -8.67 26.27 -3.48
N VAL D 146 -9.13 25.31 -4.27
CA VAL D 146 -8.29 24.66 -5.27
C VAL D 146 -8.79 25.12 -6.63
N GLY D 147 -8.21 26.20 -7.16
CA GLY D 147 -8.64 26.78 -8.40
C GLY D 147 -7.61 26.67 -9.49
N ASN D 148 -7.88 27.38 -10.59
CA ASN D 148 -7.00 27.38 -11.75
C ASN D 148 -6.58 28.81 -12.05
N ASN D 149 -5.74 28.96 -13.06
CA ASN D 149 -5.39 30.27 -13.60
C ASN D 149 -6.41 30.73 -14.65
N THR D 150 -7.49 29.99 -14.81
CA THR D 150 -8.58 30.31 -15.74
C THR D 150 -9.90 30.22 -14.98
N PRO D 151 -10.84 31.13 -15.28
CA PRO D 151 -12.10 31.15 -14.53
C PRO D 151 -13.06 30.03 -14.90
N ILE D 152 -12.70 29.20 -15.87
CA ILE D 152 -13.56 28.13 -16.37
C ILE D 152 -12.75 26.86 -16.50
N PHE D 153 -13.38 25.83 -17.03
CA PHE D 153 -12.71 24.57 -17.34
C PHE D 153 -13.16 24.10 -18.72
N PHE D 154 -12.59 22.99 -19.17
CA PHE D 154 -12.88 22.49 -20.51
C PHE D 154 -14.28 21.88 -20.59
N ILE D 155 -14.66 21.10 -19.58
CA ILE D 155 -15.93 20.37 -19.59
C ILE D 155 -16.82 20.91 -18.47
N ARG D 156 -18.04 20.40 -18.43
CA ARG D 156 -19.00 20.79 -17.41
C ARG D 156 -19.63 19.59 -16.69
N ASP D 157 -19.11 18.39 -16.90
CA ASP D 157 -19.67 17.18 -16.30
C ASP D 157 -18.54 16.33 -15.75
N PRO D 158 -18.55 16.00 -14.45
CA PRO D 158 -17.42 15.26 -13.86
C PRO D 158 -17.22 13.88 -14.46
N ILE D 159 -18.27 13.24 -14.96
CA ILE D 159 -18.15 11.93 -15.59
C ILE D 159 -17.27 11.96 -16.83
N LEU D 160 -16.97 13.14 -17.36
CA LEU D 160 -16.06 13.28 -18.50
C LEU D 160 -14.63 13.61 -18.09
N PHE D 161 -14.35 13.78 -16.80
CA PHE D 161 -13.04 14.28 -16.40
C PHE D 161 -11.92 13.26 -16.63
N PRO D 162 -12.05 11.98 -16.24
CA PRO D 162 -10.98 11.03 -16.56
C PRO D 162 -10.68 10.96 -18.06
N SER D 163 -11.71 10.76 -18.87
CA SER D 163 -11.53 10.68 -20.33
C SER D 163 -10.74 11.88 -20.85
N PHE D 164 -11.20 13.09 -20.52
CA PHE D 164 -10.46 14.30 -20.89
C PHE D 164 -8.99 14.19 -20.52
N ILE D 165 -8.72 13.85 -19.27
CA ILE D 165 -7.33 13.72 -18.82
C ILE D 165 -6.61 12.66 -19.66
N HIS D 166 -7.28 11.54 -19.92
CA HIS D 166 -6.66 10.49 -20.73
C HIS D 166 -6.30 11.02 -22.11
N SER D 167 -7.11 11.94 -22.64
CA SER D 167 -6.79 12.51 -23.95
C SER D 167 -5.63 13.50 -23.86
N GLN D 168 -5.47 14.16 -22.72
CA GLN D 168 -4.40 15.15 -22.58
C GLN D 168 -3.06 14.52 -22.27
N LYS D 169 -3.04 13.29 -21.78
CA LYS D 169 -1.81 12.59 -21.44
C LYS D 169 -1.39 11.67 -22.58
N ARG D 170 -0.41 10.82 -22.32
CA ARG D 170 0.26 10.06 -23.36
C ARG D 170 -0.64 8.95 -23.92
N ASN D 171 -0.31 8.53 -25.13
CA ASN D 171 -1.02 7.43 -25.77
C ASN D 171 -0.85 6.16 -24.94
N PRO D 172 -1.89 5.33 -24.82
CA PRO D 172 -1.77 4.13 -24.00
C PRO D 172 -0.79 3.10 -24.55
N GLN D 173 -0.56 3.09 -25.86
CA GLN D 173 0.33 2.09 -26.46
C GLN D 173 1.72 2.65 -26.73
N THR D 174 1.80 3.85 -27.31
CA THR D 174 3.10 4.42 -27.68
C THR D 174 3.71 5.26 -26.57
N HIS D 175 2.92 5.66 -25.57
CA HIS D 175 3.39 6.49 -24.46
C HIS D 175 3.92 7.83 -24.95
N LEU D 176 3.35 8.32 -26.06
CA LEU D 176 3.74 9.60 -26.63
C LEU D 176 2.59 10.58 -26.53
N LYS D 177 2.92 11.86 -26.52
CA LYS D 177 1.89 12.89 -26.61
C LYS D 177 1.20 12.82 -27.96
N ASP D 178 -0.13 12.80 -27.93
CA ASP D 178 -0.93 12.58 -29.15
C ASP D 178 -1.87 13.74 -29.37
N PRO D 179 -1.57 14.64 -30.32
CA PRO D 179 -2.55 15.69 -30.67
C PRO D 179 -3.83 15.11 -31.24
N ASP D 180 -3.76 13.90 -31.79
CA ASP D 180 -4.97 13.24 -32.29
C ASP D 180 -5.99 13.05 -31.17
N MET D 181 -5.56 12.47 -30.05
CA MET D 181 -6.45 12.29 -28.91
C MET D 181 -7.00 13.62 -28.42
N VAL D 182 -6.11 14.59 -28.22
CA VAL D 182 -6.49 15.90 -27.71
C VAL D 182 -7.59 16.51 -28.56
N TRP D 183 -7.35 16.62 -29.86
CA TRP D 183 -8.28 17.35 -30.71
C TRP D 183 -9.51 16.52 -31.06
N ASP D 184 -9.40 15.19 -31.06
CA ASP D 184 -10.59 14.37 -31.19
C ASP D 184 -11.54 14.60 -30.03
N PHE D 185 -11.02 14.56 -28.80
CA PHE D 185 -11.87 14.81 -27.63
C PHE D 185 -12.42 16.23 -27.66
N TRP D 186 -11.58 17.20 -28.03
CA TRP D 186 -12.03 18.60 -28.00
C TRP D 186 -13.08 18.86 -29.06
N SER D 187 -12.97 18.23 -30.22
CA SER D 187 -13.95 18.44 -31.29
C SER D 187 -15.23 17.66 -31.03
N LEU D 188 -15.15 16.53 -30.32
CA LEU D 188 -16.36 15.81 -29.97
C LEU D 188 -17.09 16.43 -28.78
N ARG D 189 -16.46 17.36 -28.07
CA ARG D 189 -17.07 18.06 -26.93
C ARG D 189 -16.93 19.54 -27.18
N PRO D 190 -17.91 20.18 -27.83
CA PRO D 190 -17.79 21.61 -28.15
C PRO D 190 -17.77 22.52 -26.92
N GLU D 191 -18.21 22.02 -25.76
CA GLU D 191 -18.19 22.84 -24.55
C GLU D 191 -16.78 23.24 -24.13
N SER D 192 -15.75 22.74 -24.81
CA SER D 192 -14.38 23.15 -24.53
C SER D 192 -14.00 24.44 -25.26
N LEU D 193 -14.77 24.84 -26.27
CA LEU D 193 -14.37 25.96 -27.14
C LEU D 193 -13.98 27.19 -26.35
N HIS D 194 -14.59 27.40 -25.18
CA HIS D 194 -14.24 28.55 -24.35
C HIS D 194 -12.84 28.39 -23.75
N GLN D 195 -12.62 27.30 -23.03
CA GLN D 195 -11.36 27.13 -22.31
C GLN D 195 -10.19 27.00 -23.27
N VAL D 196 -10.40 26.30 -24.39
CA VAL D 196 -9.37 26.25 -25.43
C VAL D 196 -9.00 27.66 -25.88
N SER D 197 -10.00 28.53 -26.02
CA SER D 197 -9.73 29.92 -26.37
C SER D 197 -8.87 30.60 -25.31
N PHE D 198 -9.09 30.24 -24.05
CA PHE D 198 -8.23 30.76 -22.99
C PHE D 198 -6.86 30.08 -23.00
N LEU D 199 -6.82 28.83 -23.46
CA LEU D 199 -5.58 28.06 -23.35
C LEU D 199 -4.56 28.50 -24.41
N PHE D 200 -5.02 28.76 -25.63
CA PHE D 200 -4.13 29.13 -26.72
C PHE D 200 -3.98 30.64 -26.87
N SER D 201 -4.52 31.42 -25.93
CA SER D 201 -4.33 32.86 -25.93
C SER D 201 -2.94 33.16 -25.34
N ASP D 202 -2.69 34.43 -25.05
CA ASP D 202 -1.38 34.80 -24.50
C ASP D 202 -1.19 34.25 -23.09
N ARG D 203 -2.26 34.19 -22.30
CA ARG D 203 -2.17 33.71 -20.92
C ARG D 203 -2.12 32.19 -20.82
N GLY D 204 -1.93 31.49 -21.94
CA GLY D 204 -1.76 30.05 -21.87
C GLY D 204 -0.40 29.63 -21.35
N ILE D 205 0.60 30.48 -21.52
CA ILE D 205 1.94 30.24 -20.97
C ILE D 205 2.32 31.43 -20.10
N PRO D 206 1.87 31.47 -18.85
CA PRO D 206 2.23 32.61 -17.98
C PRO D 206 3.72 32.62 -17.69
N ASP D 207 4.22 33.81 -17.36
CA ASP D 207 5.63 34.00 -17.02
C ASP D 207 5.79 33.75 -15.53
N GLY D 208 6.13 32.52 -15.18
CA GLY D 208 6.23 32.15 -13.79
C GLY D 208 4.85 32.05 -13.14
N HIS D 209 4.87 31.79 -11.84
CA HIS D 209 3.64 31.63 -11.08
C HIS D 209 3.19 32.91 -10.39
N ARG D 210 3.99 33.97 -10.43
CA ARG D 210 3.63 35.23 -9.79
C ARG D 210 2.94 36.20 -10.73
N HIS D 211 2.91 35.90 -12.03
CA HIS D 211 2.31 36.76 -13.04
C HIS D 211 1.10 36.10 -13.67
N MET D 212 0.28 35.45 -12.86
CA MET D 212 -0.94 34.81 -13.33
C MET D 212 -2.05 35.02 -12.31
N ASN D 213 -3.27 35.05 -12.80
CA ASN D 213 -4.42 35.23 -11.92
C ASN D 213 -4.90 33.87 -11.40
N GLY D 214 -5.66 33.92 -10.33
CA GLY D 214 -6.22 32.72 -9.75
C GLY D 214 -7.73 32.75 -9.67
N TYR D 215 -8.36 31.62 -9.91
CA TYR D 215 -9.81 31.53 -9.98
C TYR D 215 -10.28 30.24 -9.35
N GLY D 216 -11.04 30.35 -8.27
CA GLY D 216 -11.73 29.16 -7.75
C GLY D 216 -12.58 28.49 -8.81
N SER D 217 -13.13 29.29 -9.73
CA SER D 217 -13.76 28.83 -10.97
C SER D 217 -15.10 28.17 -10.73
N HIS D 218 -15.45 27.92 -9.47
CA HIS D 218 -16.72 27.29 -9.14
C HIS D 218 -17.65 28.29 -8.47
N THR D 219 -18.93 28.04 -8.59
CA THR D 219 -19.91 28.71 -7.75
C THR D 219 -19.90 28.05 -6.38
N PHE D 220 -19.81 28.85 -5.34
CA PHE D 220 -19.88 28.37 -3.96
C PHE D 220 -21.09 28.99 -3.28
N LYS D 221 -21.38 28.53 -2.07
CA LYS D 221 -22.53 29.02 -1.33
C LYS D 221 -22.03 29.70 -0.06
N LEU D 222 -22.23 30.99 0.05
CA LEU D 222 -21.90 31.75 1.24
C LEU D 222 -23.13 31.85 2.12
N VAL D 223 -22.97 31.51 3.41
CA VAL D 223 -24.06 31.52 4.37
C VAL D 223 -23.68 32.45 5.52
N ASN D 224 -24.56 33.37 5.85
CA ASN D 224 -24.33 34.29 6.94
C ASN D 224 -24.86 33.72 8.25
N ALA D 225 -24.65 34.46 9.34
CA ALA D 225 -25.10 33.99 10.65
C ALA D 225 -26.62 33.89 10.71
N ASN D 226 -27.33 34.75 9.97
CA ASN D 226 -28.78 34.74 10.01
C ASN D 226 -29.40 33.64 9.17
N GLY D 227 -28.59 32.92 8.38
CA GLY D 227 -29.07 31.76 7.64
C GLY D 227 -29.35 31.99 6.17
N GLU D 228 -29.23 33.23 5.69
CA GLU D 228 -29.44 33.47 4.26
C GLU D 228 -28.21 33.06 3.46
N ALA D 229 -28.45 32.52 2.28
CA ALA D 229 -27.39 31.99 1.42
C ALA D 229 -27.35 32.73 0.09
N VAL D 230 -26.14 32.98 -0.39
CA VAL D 230 -25.91 33.57 -1.70
C VAL D 230 -24.90 32.69 -2.45
N TYR D 231 -24.81 32.91 -3.75
CA TYR D 231 -23.84 32.22 -4.59
C TYR D 231 -22.62 33.12 -4.79
N CYS D 232 -21.47 32.49 -4.94
CA CYS D 232 -20.20 33.22 -4.93
C CYS D 232 -19.26 32.64 -5.98
N LYS D 233 -18.30 33.48 -6.37
CA LYS D 233 -17.19 33.08 -7.22
C LYS D 233 -15.93 33.76 -6.70
N PHE D 234 -14.95 32.97 -6.30
CA PHE D 234 -13.72 33.49 -5.71
C PHE D 234 -12.70 33.80 -6.81
N HIS D 235 -12.26 35.04 -6.84
CA HIS D 235 -11.15 35.47 -7.70
C HIS D 235 -10.01 35.93 -6.81
N TYR D 236 -8.80 35.88 -7.33
CA TYR D 236 -7.64 36.47 -6.66
C TYR D 236 -6.61 36.78 -7.74
N LYS D 237 -6.48 38.07 -8.03
CA LYS D 237 -5.71 38.55 -9.16
C LYS D 237 -4.32 39.00 -8.69
N THR D 238 -3.34 38.79 -9.54
CA THR D 238 -1.95 39.05 -9.15
C THR D 238 -1.68 40.54 -9.04
N ASP D 239 -1.00 40.92 -7.96
CA ASP D 239 -0.55 42.30 -7.76
C ASP D 239 0.75 42.60 -8.48
N GLN D 240 1.41 41.59 -9.02
CA GLN D 240 2.63 41.78 -9.81
C GLN D 240 2.32 41.99 -11.28
N GLY D 241 1.06 42.02 -11.67
CA GLY D 241 0.68 42.22 -13.05
C GLY D 241 0.73 40.95 -13.87
N ILE D 242 -0.18 40.85 -14.83
CA ILE D 242 -0.20 39.70 -15.73
C ILE D 242 0.96 39.82 -16.71
N LYS D 243 1.74 38.76 -16.83
CA LYS D 243 2.88 38.72 -17.74
C LYS D 243 3.01 37.31 -18.30
N ASN D 244 3.18 37.22 -19.61
CA ASN D 244 3.20 35.94 -20.30
C ASN D 244 4.47 35.81 -21.13
N LEU D 245 4.85 34.56 -21.39
CA LEU D 245 6.04 34.27 -22.19
C LEU D 245 5.63 33.99 -23.63
N SER D 246 6.45 34.46 -24.56
CA SER D 246 6.22 34.16 -25.96
C SER D 246 6.45 32.67 -26.21
N VAL D 247 5.90 32.18 -27.32
CA VAL D 247 6.03 30.76 -27.67
C VAL D 247 7.49 30.39 -27.86
N GLU D 248 8.27 31.27 -28.50
CA GLU D 248 9.67 30.97 -28.76
C GLU D 248 10.48 31.00 -27.46
N ASP D 249 10.25 32.00 -26.61
CA ASP D 249 10.97 32.05 -25.34
C ASP D 249 10.55 30.91 -24.43
N ALA D 250 9.29 30.51 -24.48
CA ALA D 250 8.85 29.35 -23.69
C ALA D 250 9.52 28.08 -24.19
N ALA D 251 9.59 27.89 -25.51
CA ALA D 251 10.26 26.72 -26.07
C ALA D 251 11.74 26.72 -25.69
N ARG D 252 12.37 27.89 -25.68
CA ARG D 252 13.76 27.98 -25.25
C ARG D 252 13.92 27.60 -23.79
N LEU D 253 13.09 28.18 -22.91
CA LEU D 253 13.19 27.90 -21.48
C LEU D 253 12.89 26.45 -21.18
N SER D 254 12.10 25.78 -22.02
CA SER D 254 11.79 24.37 -21.78
C SER D 254 13.06 23.52 -21.76
N GLN D 255 14.04 23.87 -22.58
CA GLN D 255 15.32 23.14 -22.56
C GLN D 255 16.37 23.84 -21.71
N GLU D 256 16.25 25.16 -21.54
CA GLU D 256 17.19 25.88 -20.68
C GLU D 256 16.96 25.54 -19.22
N ASP D 257 15.78 25.85 -18.71
CA ASP D 257 15.42 25.60 -17.31
C ASP D 257 14.04 24.98 -17.26
N PRO D 258 13.95 23.64 -17.25
CA PRO D 258 12.64 22.98 -17.15
C PRO D 258 11.95 23.22 -15.80
N ASP D 259 12.63 23.85 -14.85
CA ASP D 259 12.06 24.17 -13.55
C ASP D 259 11.98 25.68 -13.37
N TYR D 260 11.51 26.37 -14.42
CA TYR D 260 11.52 27.83 -14.43
C TYR D 260 10.65 28.41 -13.31
N GLY D 261 9.42 27.93 -13.18
CA GLY D 261 8.51 28.49 -12.19
C GLY D 261 8.98 28.26 -10.76
N ILE D 262 9.49 27.06 -10.48
CA ILE D 262 9.98 26.75 -9.14
C ILE D 262 11.11 27.70 -8.76
N ARG D 263 12.08 27.86 -9.65
CA ARG D 263 13.21 28.74 -9.38
C ARG D 263 12.75 30.19 -9.25
N ASP D 264 11.85 30.63 -10.12
CA ASP D 264 11.35 32.01 -10.05
C ASP D 264 10.69 32.29 -8.71
N LEU D 265 9.80 31.40 -8.28
CA LEU D 265 9.12 31.60 -6.99
C LEU D 265 10.12 31.54 -5.84
N PHE D 266 11.03 30.58 -5.85
CA PHE D 266 12.00 30.45 -4.77
C PHE D 266 12.86 31.70 -4.65
N ASN D 267 13.33 32.22 -5.79
CA ASN D 267 14.18 33.41 -5.75
C ASN D 267 13.38 34.64 -5.32
N ALA D 268 12.15 34.77 -5.81
CA ALA D 268 11.33 35.92 -5.42
C ALA D 268 11.03 35.91 -3.93
N ILE D 269 10.88 34.74 -3.34
CA ILE D 269 10.62 34.68 -1.90
C ILE D 269 11.92 34.83 -1.11
N ALA D 270 13.04 34.41 -1.69
CA ALA D 270 14.31 34.45 -0.96
C ALA D 270 14.98 35.81 -1.03
N THR D 271 14.60 36.66 -1.99
CA THR D 271 15.14 38.01 -2.10
C THR D 271 14.24 39.07 -1.49
N GLY D 272 13.15 38.66 -0.84
CA GLY D 272 12.30 39.57 -0.09
C GLY D 272 11.08 40.09 -0.85
N LYS D 273 11.09 40.01 -2.18
CA LYS D 273 9.96 40.51 -2.98
C LYS D 273 8.82 39.50 -2.88
N TYR D 274 8.10 39.56 -1.77
CA TYR D 274 6.99 38.65 -1.51
C TYR D 274 5.87 38.90 -2.51
N PRO D 275 5.50 37.90 -3.32
CA PRO D 275 4.36 38.10 -4.23
C PRO D 275 3.05 38.17 -3.48
N SER D 276 2.08 38.84 -4.08
CA SER D 276 0.78 39.02 -3.44
C SER D 276 -0.32 38.92 -4.48
N TRP D 277 -1.46 38.40 -4.05
CA TRP D 277 -2.67 38.33 -4.85
C TRP D 277 -3.81 38.95 -4.07
N THR D 278 -4.57 39.81 -4.73
CA THR D 278 -5.72 40.47 -4.11
C THR D 278 -6.99 39.65 -4.33
N PHE D 279 -7.75 39.46 -3.26
CA PHE D 279 -8.88 38.53 -3.22
C PHE D 279 -10.18 39.28 -3.49
N TYR D 280 -10.97 38.77 -4.44
CA TYR D 280 -12.27 39.31 -4.77
C TYR D 280 -13.30 38.19 -4.72
N ILE D 281 -14.56 38.59 -4.57
CA ILE D 281 -15.70 37.67 -4.68
C ILE D 281 -16.76 38.30 -5.56
N GLN D 282 -17.29 37.50 -6.49
CA GLN D 282 -18.51 37.84 -7.20
C GLN D 282 -19.68 37.23 -6.44
N VAL D 283 -20.72 38.02 -6.20
CA VAL D 283 -21.87 37.61 -5.39
C VAL D 283 -23.10 37.63 -6.28
N MET D 284 -23.97 36.63 -6.08
CA MET D 284 -25.21 36.48 -6.83
C MET D 284 -26.29 36.01 -5.87
N THR D 285 -27.52 36.49 -6.06
CA THR D 285 -28.63 36.04 -5.23
C THR D 285 -29.32 34.83 -5.88
N PHE D 286 -30.28 34.27 -5.15
CA PHE D 286 -30.93 33.06 -5.63
C PHE D 286 -31.87 33.35 -6.81
N ASN D 287 -32.64 34.43 -6.71
CA ASN D 287 -33.49 34.81 -7.84
C ASN D 287 -32.65 35.26 -9.03
N GLN D 288 -31.50 35.87 -8.77
CA GLN D 288 -30.57 36.18 -9.86
C GLN D 288 -30.07 34.91 -10.53
N ALA D 289 -29.82 33.87 -9.74
CA ALA D 289 -29.39 32.59 -10.32
C ALA D 289 -30.52 31.95 -11.12
N GLU D 290 -31.76 32.14 -10.68
CA GLU D 290 -32.88 31.56 -11.42
C GLU D 290 -33.23 32.38 -12.65
N THR D 291 -32.71 33.62 -12.76
CA THR D 291 -32.95 34.46 -13.92
C THR D 291 -31.69 34.67 -14.75
N PHE D 292 -30.62 33.95 -14.44
CA PHE D 292 -29.40 34.05 -15.22
C PHE D 292 -29.65 33.51 -16.63
N PRO D 293 -29.10 34.16 -17.68
CA PRO D 293 -29.33 33.67 -19.04
C PRO D 293 -28.77 32.27 -19.26
N PHE D 294 -27.61 31.97 -18.69
CA PHE D 294 -27.01 30.64 -18.76
C PHE D 294 -27.23 29.92 -17.43
N ASN D 295 -26.63 28.74 -17.33
CA ASN D 295 -26.59 28.04 -16.05
C ASN D 295 -25.54 28.70 -15.16
N PRO D 296 -25.93 29.31 -14.04
CA PRO D 296 -24.92 29.94 -13.17
C PRO D 296 -23.98 28.94 -12.54
N PHE D 297 -24.32 27.66 -12.54
CA PHE D 297 -23.45 26.61 -12.04
C PHE D 297 -22.67 25.91 -13.14
N ASP D 298 -22.77 26.41 -14.37
CA ASP D 298 -21.98 25.85 -15.47
C ASP D 298 -20.52 26.27 -15.30
N LEU D 299 -19.62 25.27 -15.31
CA LEU D 299 -18.20 25.57 -15.10
C LEU D 299 -17.58 26.22 -16.32
N THR D 300 -18.17 26.08 -17.49
CA THR D 300 -17.65 26.70 -18.71
C THR D 300 -18.15 28.12 -18.92
N LYS D 301 -18.94 28.65 -17.99
CA LYS D 301 -19.48 30.00 -18.09
C LYS D 301 -18.90 30.88 -17.00
N VAL D 302 -18.81 32.18 -17.30
CA VAL D 302 -18.34 33.16 -16.34
C VAL D 302 -19.50 34.08 -15.98
N TRP D 303 -19.29 34.86 -14.92
CA TRP D 303 -20.23 35.90 -14.54
C TRP D 303 -19.69 37.23 -15.04
N PRO D 304 -20.40 37.92 -15.94
CA PRO D 304 -19.87 39.18 -16.49
C PRO D 304 -19.64 40.22 -15.40
N HIS D 305 -18.57 40.98 -15.56
CA HIS D 305 -18.17 41.96 -14.53
C HIS D 305 -19.18 43.10 -14.45
N LYS D 306 -19.83 43.44 -15.56
CA LYS D 306 -20.79 44.54 -15.55
C LYS D 306 -22.01 44.20 -14.71
N ASP D 307 -22.45 42.95 -14.75
CA ASP D 307 -23.62 42.53 -13.99
C ASP D 307 -23.26 42.09 -12.58
N TYR D 308 -22.04 41.62 -12.37
CA TYR D 308 -21.57 41.15 -11.07
C TYR D 308 -20.16 41.66 -10.86
N PRO D 309 -20.00 42.86 -10.29
CA PRO D 309 -18.67 43.40 -10.08
C PRO D 309 -17.93 42.66 -8.97
N LEU D 310 -16.60 42.76 -9.01
CA LEU D 310 -15.77 42.13 -8.00
C LEU D 310 -15.86 42.91 -6.70
N ILE D 311 -15.99 42.18 -5.59
CA ILE D 311 -16.05 42.77 -4.25
C ILE D 311 -14.78 42.37 -3.52
N PRO D 312 -13.92 43.31 -3.13
CA PRO D 312 -12.67 42.95 -2.47
C PRO D 312 -12.93 42.35 -1.08
N VAL D 313 -12.07 41.41 -0.70
CA VAL D 313 -12.14 40.75 0.60
C VAL D 313 -10.81 40.92 1.32
N GLY D 314 -9.75 40.43 0.71
CA GLY D 314 -8.44 40.50 1.32
C GLY D 314 -7.34 40.32 0.30
N LYS D 315 -6.17 39.92 0.78
CA LYS D 315 -5.01 39.70 -0.08
C LYS D 315 -4.25 38.46 0.38
N LEU D 316 -3.62 37.79 -0.58
CA LEU D 316 -2.83 36.59 -0.35
C LEU D 316 -1.36 36.92 -0.55
N VAL D 317 -0.57 36.78 0.50
CA VAL D 317 0.86 37.07 0.46
C VAL D 317 1.63 35.80 0.78
N LEU D 318 2.62 35.49 -0.04
CA LEU D 318 3.47 34.30 0.14
C LEU D 318 4.86 34.76 0.53
N ASN D 319 5.27 34.44 1.76
CA ASN D 319 6.51 34.96 2.31
C ASN D 319 7.53 33.89 2.69
N ARG D 320 7.16 32.61 2.75
CA ARG D 320 8.05 31.57 3.22
C ARG D 320 8.23 30.50 2.15
N ASN D 321 9.47 30.12 1.92
CA ASN D 321 9.77 28.99 1.06
C ASN D 321 9.72 27.70 1.85
N PRO D 322 9.39 26.58 1.18
CA PRO D 322 9.36 25.30 1.90
C PRO D 322 10.75 24.90 2.37
N VAL D 323 10.81 24.38 3.61
CA VAL D 323 12.07 23.89 4.15
C VAL D 323 12.49 22.62 3.42
N ASN D 324 11.59 21.66 3.33
CA ASN D 324 11.79 20.44 2.54
C ASN D 324 10.66 20.35 1.53
N TYR D 325 11.02 20.14 0.26
CA TYR D 325 10.02 20.17 -0.80
C TYR D 325 9.04 19.00 -0.66
N PHE D 326 9.55 17.79 -0.47
CA PHE D 326 8.68 16.62 -0.42
C PHE D 326 7.73 16.69 0.76
N ALA D 327 8.21 17.11 1.92
CA ALA D 327 7.39 17.09 3.12
C ALA D 327 6.33 18.19 3.11
N GLU D 328 6.48 19.20 2.27
CA GLU D 328 5.59 20.36 2.32
C GLU D 328 4.93 20.70 0.99
N VAL D 329 5.46 20.26 -0.13
CA VAL D 329 4.89 20.54 -1.45
C VAL D 329 4.39 19.27 -2.12
N GLU D 330 5.13 18.18 -1.98
CA GLU D 330 4.75 16.94 -2.67
C GLU D 330 3.72 16.16 -1.87
N GLN D 331 3.70 16.36 -0.55
CA GLN D 331 2.80 15.62 0.33
C GLN D 331 1.60 16.44 0.77
N ILE D 332 1.50 17.71 0.35
CA ILE D 332 0.35 18.51 0.73
C ILE D 332 -0.87 18.05 -0.04
N ALA D 333 -2.00 17.96 0.65
CA ALA D 333 -3.25 17.46 0.07
C ALA D 333 -4.30 18.54 0.14
N PHE D 334 -4.94 18.83 -0.99
CA PHE D 334 -5.97 19.84 -1.10
C PHE D 334 -7.31 19.16 -1.36
N ASP D 335 -8.24 19.28 -0.43
CA ASP D 335 -9.56 18.65 -0.56
C ASP D 335 -10.62 19.73 -0.68
N PRO D 336 -11.24 19.92 -1.85
CA PRO D 336 -12.33 20.90 -1.97
C PRO D 336 -13.48 20.63 -1.02
N SER D 337 -13.61 19.42 -0.49
CA SER D 337 -14.62 19.14 0.53
C SER D 337 -14.30 19.76 1.88
N ASN D 338 -13.10 20.31 2.04
CA ASN D 338 -12.71 20.98 3.27
C ASN D 338 -13.21 22.42 3.20
N MET D 339 -14.42 22.64 3.71
CA MET D 339 -15.01 23.97 3.74
C MET D 339 -15.49 24.25 5.16
N PRO D 340 -15.08 25.37 5.77
CA PRO D 340 -15.52 25.68 7.12
C PRO D 340 -16.97 26.13 7.13
N PRO D 341 -17.58 26.25 8.31
CA PRO D 341 -18.95 26.78 8.36
C PRO D 341 -19.04 28.17 7.75
N GLY D 342 -20.01 28.36 6.88
CA GLY D 342 -20.17 29.57 6.11
C GLY D 342 -19.93 29.40 4.63
N ILE D 343 -19.13 28.41 4.23
CA ILE D 343 -18.88 28.10 2.83
C ILE D 343 -19.41 26.70 2.56
N GLU D 344 -20.14 26.54 1.48
CA GLU D 344 -20.78 25.27 1.14
C GLU D 344 -20.70 25.04 -0.36
N ALA D 345 -21.01 23.81 -0.76
CA ALA D 345 -20.97 23.43 -2.16
C ALA D 345 -22.21 23.89 -2.90
N SER D 346 -22.10 23.97 -4.20
CA SER D 346 -23.15 24.40 -5.12
C SER D 346 -23.63 23.23 -5.97
N PRO D 347 -24.81 23.34 -6.60
CA PRO D 347 -25.26 22.29 -7.51
C PRO D 347 -24.39 22.10 -8.74
N ASP D 348 -23.28 22.82 -8.82
CA ASP D 348 -22.31 22.61 -9.90
C ASP D 348 -21.84 21.17 -9.89
N LYS D 349 -22.13 20.45 -10.99
CA LYS D 349 -21.82 19.02 -11.07
C LYS D 349 -20.33 18.76 -10.89
N MET D 350 -19.50 19.64 -11.44
CA MET D 350 -18.05 19.44 -11.33
C MET D 350 -17.58 19.56 -9.88
N LEU D 351 -18.14 20.52 -9.14
CA LEU D 351 -17.82 20.62 -7.72
C LEU D 351 -18.29 19.38 -6.97
N GLN D 352 -19.44 18.83 -7.37
CA GLN D 352 -19.94 17.60 -6.75
C GLN D 352 -18.97 16.45 -6.98
N GLY D 353 -18.44 16.32 -8.19
CA GLY D 353 -17.46 15.28 -8.46
C GLY D 353 -16.17 15.48 -7.69
N ARG D 354 -15.71 16.73 -7.60
CA ARG D 354 -14.50 17.04 -6.85
C ARG D 354 -14.67 16.79 -5.35
N LEU D 355 -15.89 16.91 -4.84
CA LEU D 355 -16.12 16.63 -3.41
C LEU D 355 -15.73 15.20 -3.06
N PHE D 356 -15.86 14.28 -4.01
CA PHE D 356 -15.51 12.89 -3.75
C PHE D 356 -14.11 12.53 -4.25
N ALA D 357 -13.72 13.07 -5.40
CA ALA D 357 -12.53 12.55 -6.09
C ALA D 357 -11.26 12.78 -5.28
N TYR D 358 -11.17 13.90 -4.58
CA TYR D 358 -9.89 14.31 -3.99
C TYR D 358 -9.51 13.50 -2.75
N PRO D 359 -10.40 13.29 -1.77
CA PRO D 359 -10.00 12.46 -0.63
C PRO D 359 -9.66 11.03 -1.02
N ASP D 360 -10.32 10.50 -2.05
CA ASP D 360 -10.01 9.15 -2.52
C ASP D 360 -8.58 9.06 -3.04
N THR D 361 -8.21 9.95 -3.95
CA THR D 361 -6.86 9.94 -4.48
C THR D 361 -5.84 10.33 -3.42
N HIS D 362 -6.25 11.04 -2.38
CA HIS D 362 -5.33 11.37 -1.30
C HIS D 362 -5.07 10.14 -0.43
N ARG D 363 -6.10 9.34 -0.19
CA ARG D 363 -5.91 8.11 0.56
C ARG D 363 -5.11 7.09 -0.25
N HIS D 364 -5.20 7.16 -1.58
CA HIS D 364 -4.37 6.27 -2.39
C HIS D 364 -2.92 6.73 -2.45
N ARG D 365 -2.71 8.02 -2.71
CA ARG D 365 -1.36 8.52 -2.98
C ARG D 365 -0.55 8.68 -1.70
N LEU D 366 -1.14 9.29 -0.68
CA LEU D 366 -0.44 9.54 0.57
C LEU D 366 -0.70 8.49 1.63
N GLY D 367 -1.92 7.98 1.71
CA GLY D 367 -2.27 7.00 2.72
C GLY D 367 -3.55 7.37 3.45
N PRO D 368 -4.16 6.39 4.12
CA PRO D 368 -5.42 6.63 4.83
C PRO D 368 -5.34 7.75 5.86
N ASN D 369 -4.18 7.95 6.49
CA ASN D 369 -4.01 8.96 7.53
C ASN D 369 -3.24 10.17 7.03
N TYR D 370 -3.47 10.58 5.78
CA TYR D 370 -2.73 11.69 5.20
C TYR D 370 -2.98 13.00 5.93
N LEU D 371 -4.09 13.10 6.67
CA LEU D 371 -4.36 14.31 7.44
C LEU D 371 -3.53 14.40 8.71
N HIS D 372 -2.64 13.43 8.95
CA HIS D 372 -1.66 13.51 10.04
C HIS D 372 -0.33 14.07 9.58
N ILE D 373 -0.12 14.18 8.28
CA ILE D 373 1.10 14.83 7.75
C ILE D 373 1.08 16.29 8.20
N PRO D 374 2.20 16.81 8.75
CA PRO D 374 2.17 18.17 9.32
C PRO D 374 1.65 19.26 8.39
N VAL D 375 1.92 19.15 7.09
CA VAL D 375 1.43 20.18 6.17
C VAL D 375 -0.07 20.06 5.96
N ASN D 376 -0.62 18.86 6.16
CA ASN D 376 -2.06 18.62 5.96
C ASN D 376 -2.85 18.73 7.26
N CYS D 377 -2.20 18.81 8.40
CA CYS D 377 -2.92 18.89 9.66
C CYS D 377 -3.59 20.25 9.81
N PRO D 378 -4.81 20.30 10.36
CA PRO D 378 -5.37 21.59 10.77
C PRO D 378 -4.81 22.01 12.12
N TYR D 379 -3.52 22.34 12.12
CA TYR D 379 -2.80 22.61 13.36
C TYR D 379 -3.36 23.81 14.11
N ARG D 380 -4.04 24.72 13.42
CA ARG D 380 -4.70 25.84 14.07
C ARG D 380 -6.14 25.50 14.48
N ALA D 381 -6.45 24.23 14.63
CA ALA D 381 -7.78 23.76 15.01
C ALA D 381 -7.63 22.56 15.94
N ARG D 382 -8.77 22.10 16.45
CA ARG D 382 -8.81 20.95 17.36
C ARG D 382 -9.57 19.81 16.70
N VAL D 383 -8.87 18.71 16.42
CA VAL D 383 -9.48 17.53 15.82
C VAL D 383 -9.99 16.63 16.93
N ALA D 384 -11.27 16.31 16.89
CA ALA D 384 -11.87 15.43 17.90
C ALA D 384 -13.10 14.77 17.27
N ASN D 385 -13.03 13.47 17.09
CA ASN D 385 -14.12 12.72 16.44
C ASN D 385 -14.01 11.27 16.88
N TYR D 386 -14.74 10.40 16.17
CA TYR D 386 -14.72 8.97 16.45
C TYR D 386 -14.02 8.19 15.35
N GLN D 387 -13.29 8.88 14.47
CA GLN D 387 -12.45 8.22 13.49
C GLN D 387 -11.19 7.69 14.17
N ARG D 388 -10.91 6.42 13.97
CA ARG D 388 -9.93 5.70 14.79
C ARG D 388 -8.88 5.06 13.88
N ASP D 389 -8.14 4.12 14.46
CA ASP D 389 -6.94 3.49 13.91
C ASP D 389 -6.94 3.25 12.41
N GLY D 390 -5.86 3.63 11.75
CA GLY D 390 -5.61 3.29 10.37
C GLY D 390 -4.14 3.05 10.14
N PRO D 391 -3.76 2.71 8.91
CA PRO D 391 -2.35 2.54 8.59
C PRO D 391 -1.58 3.84 8.82
N MET D 392 -0.45 3.72 9.51
CA MET D 392 0.40 4.87 9.82
C MET D 392 -0.38 5.94 10.60
N CYS D 393 -0.70 5.57 11.83
CA CYS D 393 -1.33 6.49 12.78
C CYS D 393 -0.26 7.04 13.72
N MET D 394 0.10 8.32 13.54
CA MET D 394 1.19 8.95 14.28
C MET D 394 0.67 9.92 15.33
N GLN D 395 -0.48 9.63 15.92
CA GLN D 395 -0.99 10.47 16.99
C GLN D 395 -1.23 9.63 18.23
N ASP D 396 -1.85 10.21 19.25
CA ASP D 396 -2.30 9.42 20.39
C ASP D 396 -3.46 8.49 20.02
N ASN D 397 -3.95 8.56 18.79
CA ASN D 397 -5.18 7.89 18.37
C ASN D 397 -6.35 8.33 19.24
N GLN D 398 -6.32 9.59 19.66
CA GLN D 398 -7.34 10.18 20.54
C GLN D 398 -7.45 9.44 21.87
N GLY D 399 -6.38 8.76 22.27
CA GLY D 399 -6.32 8.16 23.59
C GLY D 399 -7.42 7.13 23.81
N GLY D 400 -7.89 7.05 25.05
CA GLY D 400 -8.91 6.09 25.42
C GLY D 400 -10.31 6.68 25.40
N ALA D 401 -10.49 7.73 24.62
CA ALA D 401 -11.82 8.32 24.48
C ALA D 401 -12.76 7.32 23.81
N PRO D 402 -14.05 7.31 24.17
CA PRO D 402 -14.99 6.41 23.51
C PRO D 402 -15.03 6.66 22.01
N ASN D 403 -15.13 5.58 21.25
CA ASN D 403 -15.02 5.64 19.79
C ASN D 403 -16.35 5.39 19.10
N TYR D 404 -17.46 5.49 19.82
CA TYR D 404 -18.78 5.32 19.24
C TYR D 404 -19.66 6.51 19.63
N TYR D 405 -20.65 6.78 18.77
CA TYR D 405 -21.53 7.94 18.92
C TYR D 405 -22.93 7.52 18.51
N PRO D 406 -23.95 7.84 19.31
CA PRO D 406 -23.84 8.58 20.57
C PRO D 406 -23.43 7.71 21.74
N ASN D 407 -22.87 8.33 22.78
CA ASN D 407 -22.47 7.62 23.99
C ASN D 407 -22.93 8.42 25.20
N SER D 408 -22.50 7.99 26.38
CA SER D 408 -22.86 8.63 27.65
C SER D 408 -21.63 8.89 28.48
N PHE D 409 -20.54 9.33 27.84
CA PHE D 409 -19.28 9.51 28.56
C PHE D 409 -18.55 10.79 28.19
N GLY D 410 -19.24 11.76 27.59
CA GLY D 410 -18.64 13.06 27.35
C GLY D 410 -17.65 13.09 26.20
N ALA D 411 -17.84 12.26 25.18
CA ALA D 411 -17.04 12.32 23.98
C ALA D 411 -17.50 13.48 23.11
N PRO D 412 -16.73 13.85 22.08
CA PRO D 412 -17.11 14.99 21.24
C PRO D 412 -18.55 14.89 20.74
N GLU D 413 -19.25 16.02 20.83
CA GLU D 413 -20.66 16.11 20.45
C GLU D 413 -20.80 17.04 19.25
N GLN D 414 -21.82 16.78 18.44
CA GLN D 414 -22.05 17.58 17.24
C GLN D 414 -22.47 18.99 17.61
N GLN D 415 -22.02 19.96 16.81
CA GLN D 415 -22.34 21.36 17.03
C GLN D 415 -23.53 21.73 16.16
N PRO D 416 -24.73 21.88 16.71
CA PRO D 416 -25.91 22.09 15.86
C PRO D 416 -25.92 23.41 15.11
N SER D 417 -25.00 24.33 15.42
CA SER D 417 -24.92 25.59 14.69
C SER D 417 -24.15 25.47 13.38
N ALA D 418 -23.52 24.32 13.12
CA ALA D 418 -22.78 24.09 11.89
C ALA D 418 -23.59 23.32 10.86
N LEU D 419 -24.91 23.32 10.99
CA LEU D 419 -25.77 22.61 10.05
C LEU D 419 -25.70 23.26 8.66
N GLU D 420 -25.89 22.44 7.64
CA GLU D 420 -25.84 22.92 6.27
C GLU D 420 -27.11 23.70 5.91
N HIS D 421 -27.03 24.46 4.84
CA HIS D 421 -28.18 25.23 4.36
C HIS D 421 -29.07 24.35 3.50
N SER D 422 -30.37 24.45 3.70
CA SER D 422 -31.34 23.60 3.01
C SER D 422 -31.92 24.31 1.80
N ILE D 423 -32.03 23.58 0.70
CA ILE D 423 -32.65 24.07 -0.53
C ILE D 423 -33.48 22.94 -1.13
N GLN D 424 -34.66 23.30 -1.63
CA GLN D 424 -35.55 22.32 -2.26
C GLN D 424 -35.27 22.27 -3.76
N TYR D 425 -35.03 21.06 -4.26
CA TYR D 425 -34.77 20.84 -5.68
C TYR D 425 -35.88 19.96 -6.25
N SER D 426 -36.45 20.40 -7.36
CA SER D 426 -37.52 19.67 -8.04
C SER D 426 -36.99 19.02 -9.32
N GLY D 427 -37.88 18.29 -9.97
CA GLY D 427 -37.52 17.52 -11.15
C GLY D 427 -37.13 16.10 -10.82
N GLU D 428 -37.21 15.25 -11.83
CA GLU D 428 -36.93 13.83 -11.63
C GLU D 428 -35.43 13.61 -11.41
N VAL D 429 -35.10 12.43 -10.90
CA VAL D 429 -33.73 12.06 -10.56
C VAL D 429 -33.24 11.15 -11.67
N ARG D 430 -32.47 11.72 -12.60
CA ARG D 430 -31.91 10.95 -13.71
C ARG D 430 -30.70 11.72 -14.24
N ARG D 431 -30.14 11.23 -15.34
CA ARG D 431 -29.01 11.88 -15.99
C ARG D 431 -29.54 12.87 -17.02
N PHE D 432 -29.22 14.15 -16.83
CA PHE D 432 -29.69 15.22 -17.72
C PHE D 432 -28.57 15.61 -18.66
N ASN D 433 -28.87 15.64 -19.96
CA ASN D 433 -27.87 15.98 -20.96
C ASN D 433 -27.58 17.47 -20.93
N THR D 434 -26.30 17.81 -20.84
CA THR D 434 -25.86 19.21 -20.88
C THR D 434 -24.83 19.46 -21.98
N ALA D 435 -24.59 18.48 -22.85
CA ALA D 435 -23.65 18.69 -23.96
C ALA D 435 -24.23 19.61 -25.02
N ASN D 436 -25.55 19.66 -25.14
CA ASN D 436 -26.22 20.47 -26.16
C ASN D 436 -26.51 21.90 -25.69
N ASP D 437 -26.00 22.29 -24.52
CA ASP D 437 -26.22 23.65 -24.04
C ASP D 437 -25.42 24.65 -24.86
N ASP D 438 -25.54 25.92 -24.50
CA ASP D 438 -24.84 26.97 -25.24
C ASP D 438 -23.33 26.82 -25.07
N ASN D 439 -22.62 26.93 -26.19
CA ASN D 439 -21.18 26.71 -26.19
C ASN D 439 -20.38 27.79 -26.92
N VAL D 440 -21.04 28.79 -27.47
CA VAL D 440 -20.34 29.74 -28.36
C VAL D 440 -20.55 31.20 -27.99
N THR D 441 -21.51 31.56 -27.14
CA THR D 441 -21.82 32.97 -26.92
C THR D 441 -20.70 33.68 -26.15
N GLN D 442 -20.37 33.16 -24.98
CA GLN D 442 -19.29 33.77 -24.19
C GLN D 442 -17.95 33.63 -24.89
N VAL D 443 -17.76 32.56 -25.66
CA VAL D 443 -16.55 32.43 -26.47
C VAL D 443 -16.47 33.55 -27.49
N ARG D 444 -17.58 33.82 -28.18
CA ARG D 444 -17.61 34.90 -29.16
C ARG D 444 -17.38 36.25 -28.48
N ALA D 445 -17.94 36.44 -27.29
CA ALA D 445 -17.72 37.70 -26.57
C ALA D 445 -16.25 37.88 -26.23
N PHE D 446 -15.61 36.82 -25.72
CA PHE D 446 -14.17 36.90 -25.42
C PHE D 446 -13.36 37.13 -26.69
N TYR D 447 -13.81 36.58 -27.81
CA TYR D 447 -13.04 36.69 -29.05
C TYR D 447 -13.12 38.10 -29.63
N VAL D 448 -14.31 38.67 -29.69
CA VAL D 448 -14.54 39.92 -30.41
C VAL D 448 -14.62 41.12 -29.48
N ASN D 449 -14.49 40.94 -28.17
CA ASN D 449 -14.58 42.05 -27.23
C ASN D 449 -13.33 42.22 -26.38
N VAL D 450 -12.74 41.12 -25.92
CA VAL D 450 -11.57 41.23 -25.03
C VAL D 450 -10.28 41.27 -25.85
N LEU D 451 -10.14 40.37 -26.80
CA LEU D 451 -8.92 40.31 -27.60
C LEU D 451 -8.94 41.38 -28.69
N ASN D 452 -7.77 41.90 -29.01
CA ASN D 452 -7.59 42.75 -30.18
C ASN D 452 -7.24 41.87 -31.37
N GLU D 453 -6.92 42.48 -32.50
CA GLU D 453 -6.76 41.70 -33.73
C GLU D 453 -5.45 40.92 -33.73
N GLU D 454 -4.37 41.52 -33.23
CA GLU D 454 -3.11 40.79 -33.19
C GLU D 454 -3.16 39.64 -32.18
N GLN D 455 -3.87 39.83 -31.07
CA GLN D 455 -4.08 38.73 -30.13
C GLN D 455 -4.92 37.64 -30.77
N ARG D 456 -5.91 38.01 -31.59
CA ARG D 456 -6.70 37.01 -32.31
C ARG D 456 -5.84 36.22 -33.27
N LYS D 457 -4.95 36.91 -33.99
CA LYS D 457 -4.06 36.23 -34.93
C LYS D 457 -3.13 35.27 -34.19
N ARG D 458 -2.58 35.71 -33.05
CA ARG D 458 -1.70 34.83 -32.27
C ARG D 458 -2.46 33.63 -31.73
N LEU D 459 -3.69 33.84 -31.26
CA LEU D 459 -4.53 32.74 -30.80
C LEU D 459 -4.76 31.72 -31.91
N CYS D 460 -5.17 32.20 -33.09
CA CYS D 460 -5.43 31.29 -34.21
C CYS D 460 -4.16 30.56 -34.64
N GLU D 461 -3.03 31.26 -34.62
CA GLU D 461 -1.78 30.64 -35.04
C GLU D 461 -1.34 29.56 -34.05
N ASN D 462 -1.51 29.80 -32.76
CA ASN D 462 -1.21 28.77 -31.77
C ASN D 462 -2.12 27.56 -31.94
N ILE D 463 -3.42 27.81 -32.10
CA ILE D 463 -4.37 26.71 -32.27
C ILE D 463 -4.01 25.88 -33.50
N ALA D 464 -3.67 26.55 -34.60
CA ALA D 464 -3.34 25.83 -35.82
C ALA D 464 -2.02 25.07 -35.67
N GLY D 465 -1.03 25.69 -35.05
CA GLY D 465 0.24 25.01 -34.85
C GLY D 465 0.09 23.75 -34.02
N HIS D 466 -0.82 23.76 -33.05
CA HIS D 466 -1.04 22.54 -32.28
C HIS D 466 -1.91 21.55 -33.03
N LEU D 467 -2.92 22.02 -33.76
CA LEU D 467 -3.92 21.14 -34.38
C LEU D 467 -3.41 20.50 -35.67
N LYS D 468 -2.39 21.08 -36.32
CA LYS D 468 -1.94 20.58 -37.62
C LYS D 468 -1.53 19.11 -37.60
N ASP D 469 -1.28 18.54 -36.42
CA ASP D 469 -0.80 17.17 -36.34
C ASP D 469 -1.93 16.14 -36.34
N ALA D 470 -3.16 16.57 -36.05
CA ALA D 470 -4.29 15.64 -36.03
C ALA D 470 -4.68 15.26 -37.45
N GLN D 471 -5.56 14.26 -37.54
CA GLN D 471 -6.04 13.81 -38.85
C GLN D 471 -6.91 14.89 -39.49
N ILE D 472 -7.24 14.68 -40.76
CA ILE D 472 -7.94 15.71 -41.53
C ILE D 472 -9.36 15.89 -41.03
N PHE D 473 -10.05 14.79 -40.73
CA PHE D 473 -11.44 14.90 -40.29
C PHE D 473 -11.53 15.52 -38.90
N ILE D 474 -10.55 15.25 -38.04
CA ILE D 474 -10.53 15.89 -36.72
C ILE D 474 -10.31 17.39 -36.88
N GLN D 475 -9.41 17.78 -37.79
CA GLN D 475 -9.22 19.20 -38.08
C GLN D 475 -10.52 19.82 -38.60
N LYS D 476 -11.24 19.09 -39.46
CA LYS D 476 -12.49 19.62 -40.00
C LYS D 476 -13.52 19.82 -38.90
N LYS D 477 -13.64 18.87 -37.98
CA LYS D 477 -14.59 19.01 -36.87
C LYS D 477 -14.20 20.18 -35.97
N ALA D 478 -12.91 20.30 -35.64
CA ALA D 478 -12.45 21.41 -34.80
C ALA D 478 -12.74 22.75 -35.46
N VAL D 479 -12.39 22.88 -36.74
CA VAL D 479 -12.61 24.14 -37.45
C VAL D 479 -14.10 24.40 -37.62
N LYS D 480 -14.91 23.36 -37.71
CA LYS D 480 -16.37 23.56 -37.77
C LYS D 480 -16.88 24.15 -36.46
N ASN D 481 -16.41 23.63 -35.33
CA ASN D 481 -16.78 24.22 -34.05
C ASN D 481 -16.30 25.67 -33.95
N PHE D 482 -15.07 25.94 -34.39
CA PHE D 482 -14.54 27.30 -34.33
C PHE D 482 -15.34 28.24 -35.22
N THR D 483 -15.79 27.75 -36.37
CA THR D 483 -16.60 28.57 -37.27
C THR D 483 -17.98 28.83 -36.66
N GLU D 484 -18.55 27.83 -36.00
CA GLU D 484 -19.83 28.04 -35.31
C GLU D 484 -19.66 29.03 -34.18
N VAL D 485 -18.46 29.13 -33.60
CA VAL D 485 -18.20 30.21 -32.65
C VAL D 485 -18.29 31.56 -33.35
N HIS D 486 -17.45 31.78 -34.36
CA HIS D 486 -17.43 33.02 -35.13
C HIS D 486 -16.71 32.78 -36.44
N PRO D 487 -17.20 33.31 -37.56
CA PRO D 487 -16.61 32.95 -38.86
C PRO D 487 -15.15 33.34 -39.01
N ASP D 488 -14.72 34.46 -38.43
CA ASP D 488 -13.32 34.86 -38.55
C ASP D 488 -12.41 33.87 -37.85
N TYR D 489 -12.83 33.38 -36.69
CA TYR D 489 -12.04 32.43 -35.90
C TYR D 489 -11.73 31.18 -36.72
N GLY D 490 -12.77 30.46 -37.12
CA GLY D 490 -12.57 29.25 -37.91
C GLY D 490 -11.95 29.52 -39.26
N SER D 491 -12.25 30.68 -39.85
CA SER D 491 -11.67 31.02 -41.15
C SER D 491 -10.15 31.15 -41.06
N HIS D 492 -9.67 31.92 -40.08
CA HIS D 492 -8.22 32.07 -39.91
C HIS D 492 -7.58 30.74 -39.55
N ILE D 493 -8.22 29.96 -38.68
CA ILE D 493 -7.64 28.67 -38.29
C ILE D 493 -7.55 27.74 -39.49
N GLN D 494 -8.57 27.73 -40.33
CA GLN D 494 -8.57 26.86 -41.51
C GLN D 494 -7.53 27.33 -42.54
N ALA D 495 -7.39 28.64 -42.70
CA ALA D 495 -6.35 29.16 -43.61
C ALA D 495 -4.97 28.75 -43.13
N LEU D 496 -4.71 28.88 -41.83
CA LEU D 496 -3.40 28.50 -41.30
C LEU D 496 -3.17 26.99 -41.42
N LEU D 497 -4.22 26.20 -41.22
CA LEU D 497 -4.08 24.75 -41.39
C LEU D 497 -3.78 24.38 -42.83
N ASP D 498 -4.46 25.04 -43.78
CA ASP D 498 -4.17 24.82 -45.19
C ASP D 498 -2.73 25.19 -45.51
N LYS D 499 -2.25 26.30 -44.96
CA LYS D 499 -0.85 26.68 -45.16
C LYS D 499 0.09 25.63 -44.59
N TYR D 500 -0.27 25.05 -43.44
CA TYR D 500 0.59 24.05 -42.81
C TYR D 500 0.69 22.79 -43.65
N ASN D 501 -0.43 22.28 -44.11
CA ASN D 501 -0.44 21.06 -44.93
C ASN D 501 0.25 21.27 -46.26
CHA HEM E . 17.07 0.19 -11.72
CHB HEM E . 19.44 -0.10 -7.48
CHC HEM E . 23.62 -0.18 -9.90
CHD HEM E . 21.25 -0.54 -14.08
C1A HEM E . 17.34 0.16 -10.37
C2A HEM E . 16.37 0.34 -9.30
C3A HEM E . 17.03 0.25 -8.13
C4A HEM E . 18.43 0.04 -8.41
CMA HEM E . 16.40 0.38 -6.73
CAA HEM E . 14.85 0.56 -9.44
CBA HEM E . 14.21 -0.64 -10.13
CGA HEM E . 12.71 -0.57 -9.98
O1A HEM E . 12.01 -1.33 -10.70
O2A HEM E . 12.23 0.25 -9.16
C1B HEM E . 20.78 -0.19 -7.76
C2B HEM E . 21.85 -0.39 -6.80
C3B HEM E . 23.02 -0.42 -7.48
C4B HEM E . 22.70 -0.22 -8.88
CMB HEM E . 21.60 -0.56 -5.29
CAB HEM E . 24.46 -0.61 -6.98
CBB HEM E . 24.82 -0.78 -5.70
C1C HEM E . 23.34 -0.43 -11.21
C2C HEM E . 24.26 -0.98 -12.18
C3C HEM E . 23.60 -1.08 -13.36
C4C HEM E . 22.25 -0.60 -13.13
CMC HEM E . 25.71 -1.36 -11.85
CAC HEM E . 24.08 -1.61 -14.73
CBC HEM E . 25.27 -2.17 -14.95
C1D HEM E . 19.92 -0.36 -13.81
C2D HEM E . 18.85 -0.35 -14.79
C3D HEM E . 17.70 -0.17 -14.15
C4D HEM E . 17.99 -0.03 -12.73
CMD HEM E . 19.00 -0.55 -16.31
CAD HEM E . 16.32 -0.08 -14.82
CBD HEM E . 15.45 -1.28 -14.44
CGD HEM E . 14.20 -1.21 -15.27
O1D HEM E . 14.16 -0.40 -16.23
O2D HEM E . 13.24 -1.97 -14.98
NA HEM E . 18.58 -0.02 -9.79
NB HEM E . 21.35 -0.09 -9.02
NC HEM E . 22.13 -0.22 -11.82
ND HEM E . 19.35 -0.16 -12.57
FE HEM E . 20.35 -0.14 -10.80
PA NDP F . 40.32 -1.10 -27.22
O1A NDP F . 40.75 -0.12 -28.25
O2A NDP F . 40.61 -2.55 -27.44
O5B NDP F . 38.75 -0.91 -26.97
C5B NDP F . 38.32 0.44 -26.67
C4B NDP F . 36.84 0.45 -26.39
O4B NDP F . 36.44 1.81 -26.09
C3B NDP F . 35.93 -0.03 -27.52
O3B NDP F . 34.95 -0.91 -26.97
C2B NDP F . 35.26 1.25 -28.00
O2B NDP F . 33.97 1.09 -28.60
C1B NDP F . 35.16 2.00 -26.67
N9A NDP F . 34.92 3.43 -26.83
C8A NDP F . 35.33 4.21 -27.88
N7A NDP F . 34.97 5.47 -27.77
C5A NDP F . 34.27 5.51 -26.57
C6A NDP F . 33.63 6.56 -25.89
N6A NDP F . 33.59 7.82 -26.34
N1A NDP F . 33.02 6.27 -24.71
C2A NDP F . 33.06 5.00 -24.27
N3A NDP F . 33.64 3.94 -24.82
C4A NDP F . 34.23 4.26 -25.99
O3 NDP F . 40.88 -0.66 -25.80
PN NDP F . 41.11 -1.47 -24.43
O1N NDP F . 40.27 -2.69 -24.44
O2N NDP F . 42.57 -1.60 -24.17
O5D NDP F . 40.47 -0.42 -23.41
C5D NDP F . 41.10 0.87 -23.32
C4D NDP F . 40.26 1.75 -22.44
O4D NDP F . 38.98 2.02 -23.06
C3D NDP F . 39.92 1.16 -21.06
O3D NDP F . 40.91 1.41 -20.08
C2D NDP F . 38.60 1.86 -20.72
O2D NDP F . 38.80 3.12 -20.11
C1D NDP F . 37.95 1.99 -22.11
N1N NDP F . 36.97 0.90 -22.50
C2N NDP F . 37.25 -0.42 -22.32
C3N NDP F . 36.39 -1.41 -22.66
C7N NDP F . 36.79 -2.78 -22.41
O7N NDP F . 37.98 -3.06 -22.27
N7N NDP F . 35.83 -3.69 -22.36
C4N NDP F . 35.08 -1.04 -23.26
C5N NDP F . 34.86 0.38 -23.42
C6N NDP F . 35.77 1.28 -23.05
P2B NDP F . 33.71 0.26 -29.95
O1X NDP F . 34.67 0.80 -30.99
O2X NDP F . 32.26 0.53 -30.33
O3X NDP F . 33.93 -1.22 -29.66
CHA HEM G . -19.02 -6.58 4.89
CHB HEM G . -20.03 -1.85 5.39
CHC HEM G . -24.59 -3.00 6.48
CHD HEM G . -23.73 -7.62 5.36
C1A HEM G . -18.88 -5.21 4.98
C2A HEM G . -17.63 -4.46 4.89
C3A HEM G . -17.92 -3.16 5.03
C4A HEM G . -19.34 -3.03 5.21
CMA HEM G . -16.90 -2.01 4.99
CAA HEM G . -16.22 -5.04 4.65
CBA HEM G . -16.15 -5.74 3.30
CGA HEM G . -14.72 -6.02 2.94
O1A HEM G . -14.49 -6.81 2.00
O2A HEM G . -13.81 -5.46 3.60
C1B HEM G . -21.37 -1.74 5.70
C2B HEM G . -22.12 -0.51 5.83
C3B HEM G . -23.39 -0.83 6.13
C4B HEM G . -23.46 -2.28 6.20
CMB HEM G . -21.50 0.89 5.64
CAB HEM G . -24.63 0.05 6.39
CBB HEM G . -24.63 1.39 6.35
C1C HEM G . -24.78 -4.32 6.13
C2C HEM G . -26.06 -4.94 5.85
C3C HEM G . -25.82 -6.22 5.54
C4C HEM G . -24.39 -6.43 5.61
CMC HEM G . -27.40 -4.18 5.93
CAC HEM G . -26.81 -7.36 5.15
CBC HEM G . -28.12 -7.18 4.96
C1D HEM G . -22.38 -7.74 5.14
C2D HEM G . -21.68 -8.97 4.83
C3D HEM G . -20.39 -8.68 4.69
C4D HEM G . -20.21 -7.27 4.92
CMD HEM G . -22.32 -10.36 4.65
CAD HEM G . -19.30 -9.72 4.34
CBD HEM G . -18.72 -9.47 2.96
CGD HEM G . -17.80 -10.60 2.64
O1D HEM G . -17.82 -11.62 3.39
O2D HEM G . -17.04 -10.50 1.65
NA HEM G . -19.90 -4.29 5.18
NB HEM G . -22.22 -2.79 5.94
NC HEM G . -23.79 -5.25 5.98
ND HEM G . -21.45 -6.73 5.21
FE HEM G . -21.85 -4.77 5.55
PA NDP H . -45.21 -14.94 10.08
O1A NDP H . -45.63 -15.91 11.13
O2A NDP H . -45.92 -14.91 8.79
O5B NDP H . -43.64 -15.14 9.82
C5B NDP H . -42.79 -15.11 11.00
C4B NDP H . -41.34 -15.24 10.58
O4B NDP H . -40.51 -15.21 11.77
C3B NDP H . -40.97 -16.53 9.83
O3B NDP H . -40.15 -16.17 8.72
C2B NDP H . -40.14 -17.30 10.85
O2B NDP H . -39.18 -18.20 10.30
C1B NDP H . -39.47 -16.14 11.56
N9A NDP H . -38.90 -16.50 12.86
C8A NDP H . -39.37 -17.48 13.71
N7A NDP H . -38.66 -17.60 14.81
C5A NDP H . -37.66 -16.65 14.67
C6A NDP H . -36.59 -16.28 15.50
N6A NDP H . -36.34 -16.85 16.68
N1A NDP H . -35.77 -15.29 15.07
C2A NDP H . -36.02 -14.72 13.88
N3A NDP H . -37.00 -14.98 13.02
C4A NDP H . -37.79 -15.97 13.47
O3 NDP H . -45.18 -13.46 10.69
PN NDP H . -45.21 -12.01 10.03
O1N NDP H . -44.78 -12.12 8.61
O2N NDP H . -46.51 -11.34 10.33
O5D NDP H . -44.05 -11.32 10.87
C5D NDP H . -44.25 -11.19 12.29
C4D NDP H . -42.97 -10.66 12.90
O4D NDP H . -41.92 -11.65 12.77
C3D NDP H . -42.42 -9.39 12.28
O3D NDP H . -42.98 -8.20 12.82
C2D NDP H . -40.92 -9.49 12.57
O2D NDP H . -40.59 -8.98 13.84
C1D NDP H . -40.70 -11.02 12.46
N1N NDP H . -40.21 -11.53 11.14
C2N NDP H . -40.77 -11.15 9.96
C3N NDP H . -40.35 -11.60 8.76
C7N NDP H . -41.02 -11.12 7.56
O7N NDP H . -42.14 -10.63 7.64
N7N NDP H . -40.37 -11.23 6.41
C4N NDP H . -39.22 -12.58 8.72
C5N NDP H . -38.68 -12.93 10.00
C6N NDP H . -39.16 -12.44 11.12
P2B NDP H . -39.56 -19.49 9.40
O1X NDP H . -40.60 -20.28 10.18
O2X NDP H . -38.27 -20.27 9.24
O3X NDP H . -40.08 -18.99 8.06
CHA HEM I . 7.64 -11.60 15.37
CHB HEM I . 10.33 -13.64 11.87
CHC HEM I . 12.41 -16.46 15.20
CHD HEM I . 10.21 -13.99 18.72
C1A HEM I . 8.14 -11.93 14.12
C2A HEM I . 7.67 -11.44 12.85
C3A HEM I . 8.42 -12.00 11.89
C4A HEM I . 9.38 -12.88 12.52
CMA HEM I . 8.27 -11.77 10.37
CAA HEM I . 6.53 -10.44 12.59
CBA HEM I . 6.86 -9.09 13.23
CGA HEM I . 5.91 -8.04 12.72
O1A HEM I . 5.88 -6.94 13.33
O2A HEM I . 5.21 -8.30 11.73
C1B HEM I . 11.16 -14.57 12.47
C2B HEM I . 12.20 -15.33 11.82
C3B HEM I . 12.78 -16.11 12.75
C4B HEM I . 12.10 -15.86 14.01
CMB HEM I . 12.53 -15.21 10.32
CAB HEM I . 13.94 -17.14 12.64
CBB HEM I . 14.59 -17.42 11.52
C1C HEM I . 12.10 -15.93 16.43
C2C HEM I . 12.85 -16.15 17.65
C3C HEM I . 12.24 -15.46 18.64
C4C HEM I . 11.10 -14.80 18.05
CMC HEM I . 14.11 -17.04 17.72
CAC HEM I . 12.61 -15.34 20.14
CBC HEM I . 13.71 -15.84 20.70
C1D HEM I . 9.31 -13.13 18.12
C2D HEM I . 8.41 -12.24 18.81
C3D HEM I . 7.71 -11.57 17.89
C4D HEM I . 8.13 -12.03 16.58
CMD HEM I . 8.28 -12.06 20.33
CAD HEM I . 6.63 -10.51 18.21
CBD HEM I . 7.08 -9.13 17.76
CGD HEM I . 6.06 -8.14 18.25
O1D HEM I . 5.21 -8.55 19.08
O2D HEM I . 6.10 -6.97 17.82
NA HEM I . 9.18 -12.81 13.88
NB HEM I . 11.13 -14.92 13.80
NC HEM I . 11.04 -15.10 16.71
ND HEM I . 9.11 -12.99 16.77
FE HEM I . 10.13 -13.94 15.29
PA NDP J . 19.30 -26.43 36.02
O1A NDP J . 18.58 -27.29 37.00
O2A NDP J . 20.50 -25.69 36.44
O5B NDP J . 18.24 -25.42 35.37
C5B NDP J . 17.04 -26.02 34.83
C4B NDP J . 16.18 -24.95 34.20
O4B NDP J . 14.99 -25.57 33.67
C3B NDP J . 15.70 -23.82 35.13
O3B NDP J . 15.90 -22.58 34.46
C2B NDP J . 14.22 -24.10 35.28
O2B NDP J . 13.41 -22.97 35.57
C1B NDP J . 13.91 -24.66 33.91
N9A NDP J . 12.66 -25.41 33.84
C8A NDP J . 12.07 -26.11 34.86
N7A NDP J . 10.94 -26.68 34.53
C5A NDP J . 10.77 -26.32 33.20
C6A NDP J . 9.74 -26.60 32.27
N6A NDP J . 8.68 -27.34 32.56
N1A NDP J . 9.86 -26.08 31.03
C2A NDP J . 10.95 -25.34 30.75
N3A NDP J . 11.96 -25.01 31.54
C4A NDP J . 11.82 -25.53 32.77
O3 NDP J . 19.67 -27.30 34.72
PN NDP J . 20.73 -27.10 33.54
O1N NDP J . 21.12 -25.66 33.49
O2N NDP J . 21.80 -28.13 33.65
O5D NDP J . 19.81 -27.42 32.29
C5D NDP J . 19.23 -28.75 32.21
C4D NDP J . 18.28 -28.79 31.05
O4D NDP J . 17.13 -27.93 31.34
C3D NDP J . 18.83 -28.31 29.72
O3D NDP J . 19.50 -29.31 28.97
C2D NDP J . 17.56 -27.81 29.00
O2D NDP J . 16.91 -28.85 28.32
C1D NDP J . 16.74 -27.25 30.18
N1N NDP J . 16.85 -25.77 30.43
C2N NDP J . 18.06 -25.14 30.47
C3N NDP J . 18.18 -23.80 30.70
C7N NDP J . 19.52 -23.23 30.71
O7N NDP J . 20.50 -23.95 30.89
N7N NDP J . 19.62 -21.92 30.52
C4N NDP J . 16.94 -23.00 30.93
C5N NDP J . 15.72 -23.74 30.86
C6N NDP J . 15.69 -25.04 30.63
P2B NDP J . 13.53 -22.07 36.92
O1X NDP J . 13.47 -23.04 38.08
O2X NDP J . 12.34 -21.14 36.90
O3X NDP J . 14.85 -21.32 36.84
CHA HEM K . -5.69 17.99 -8.53
CHB HEM K . -9.74 15.60 -9.78
CHC HEM K . -11.44 19.64 -11.80
CHD HEM K . -7.72 22.15 -9.99
C1A HEM K . -6.61 16.98 -8.73
C2A HEM K . -6.41 15.58 -8.43
C3A HEM K . -7.53 14.91 -8.78
C4A HEM K . -8.46 15.88 -9.31
CMA HEM K . -7.77 13.40 -8.62
CAA HEM K . -5.16 14.92 -7.80
CBA HEM K . -4.92 15.48 -6.41
CGA HEM K . -3.91 14.62 -5.69
O1A HEM K . -3.40 15.08 -4.63
O2A HEM K . -3.62 13.51 -6.17
C1B HEM K . -10.57 16.49 -10.41
C2B HEM K . -11.93 16.24 -10.85
C3B HEM K . -12.40 17.37 -11.41
C4B HEM K . -11.34 18.36 -11.34
CMB HEM K . -12.64 14.88 -10.67
CAB HEM K . -13.77 17.68 -12.05
CBB HEM K . -14.78 16.82 -12.16
C1C HEM K . -10.66 20.69 -11.36
C2C HEM K . -11.05 22.08 -11.32
C3C HEM K . -10.01 22.77 -10.82
C4C HEM K . -8.95 21.84 -10.53
CMC HEM K . -12.43 22.58 -11.80
CAC HEM K . -9.88 24.30 -10.56
CBC HEM K . -10.86 25.19 -10.70
C1D HEM K . -6.84 21.24 -9.45
C2D HEM K . -5.57 21.57 -8.84
C3D HEM K . -5.01 20.43 -8.43
C4D HEM K . -5.90 19.33 -8.77
CMD HEM K . -4.96 22.96 -8.67
CAD HEM K . -3.64 20.32 -7.72
CBD HEM K . -3.81 19.87 -6.28
CGD HEM K . -2.47 19.96 -5.62
O1D HEM K . -1.55 20.57 -6.24
O2D HEM K . -2.30 19.44 -4.50
NA HEM K . -7.87 17.12 -9.27
NB HEM K . -10.26 17.80 -10.72
NC HEM K . -9.38 20.58 -10.86
ND HEM K . -7.01 19.88 -9.40
FE HEM K . -8.64 18.85 -10.05
PA NDP L . -14.42 42.48 -18.87
O1A NDP L . -13.70 43.32 -19.87
O2A NDP L . -15.19 43.14 -17.80
O5B NDP L . -13.36 41.46 -18.23
C5B NDP L . -12.58 40.68 -19.16
C4B NDP L . -11.68 39.74 -18.40
O4B NDP L . -10.91 38.97 -19.35
C3B NDP L . -10.66 40.37 -17.44
O3B NDP L . -10.70 39.66 -16.21
C2B NDP L . -9.33 40.15 -18.14
O2B NDP L . -8.20 40.08 -17.28
C1B NDP L . -9.61 38.81 -18.79
N9A NDP L . -8.68 38.48 -19.87
C8A NDP L . -8.04 39.37 -20.69
N7A NDP L . -7.25 38.80 -21.58
C5A NDP L . -7.38 37.45 -21.31
C6A NDP L . -6.78 36.31 -21.89
N6A NDP L . -5.93 36.37 -22.90
N1A NDP L . -7.12 35.10 -21.39
C2A NDP L . -7.99 35.05 -20.37
N3A NDP L . -8.60 36.04 -19.74
C4A NDP L . -8.25 37.24 -20.26
O3 NDP L . -15.37 41.43 -19.62
PN NDP L . -16.63 40.57 -19.15
O1N NDP L . -16.61 40.48 -17.66
O2N NDP L . -17.86 41.07 -19.82
O5D NDP L . -16.23 39.15 -19.75
C5D NDP L . -16.10 39.07 -21.19
C4D NDP L . -15.56 37.70 -21.53
O4D NDP L . -14.20 37.57 -21.04
C3D NDP L . -16.33 36.52 -20.94
O3D NDP L . -17.43 36.10 -21.72
C2D NDP L . -15.24 35.44 -20.85
O2D NDP L . -15.12 34.72 -22.05
C1D NDP L . -13.99 36.28 -20.52
N1N NDP L . -13.62 36.40 -19.07
C2N NDP L . -14.54 36.70 -18.11
C3N NDP L . -14.22 36.81 -16.80
C7N NDP L . -15.29 37.13 -15.86
O7N NDP L . -16.33 37.64 -16.26
N7N NDP L . -15.08 36.83 -14.58
C4N NDP L . -12.80 36.61 -16.39
C5N NDP L . -11.90 36.29 -17.45
C6N NDP L . -12.29 36.20 -18.71
P2B NDP L . -7.68 41.32 -16.36
O1X NDP L . -7.54 42.51 -17.28
O2X NDP L . -6.34 40.88 -15.81
O3X NDP L . -8.70 41.52 -15.25
#